data_1V6E
#
_entry.id   1V6E
#
_entity_poly.entity_id   1
_entity_poly.type   'polypeptide(L)'
_entity_poly.pdbx_seq_one_letter_code
;GSSGSSGVMVFISSSLNSFRSEKRYSRSLTIAEFKCKLELVVGSPASCMELELYGADDKFYSKLDQEDALLGSYPVDDGC
RIHVIDHSGSGPSSG
;
_entity_poly.pdbx_strand_id   A
#
# COMPACT_ATOMS: atom_id res chain seq x y z
N GLY A 1 10.87 3.09 23.53
CA GLY A 1 10.79 4.37 22.84
C GLY A 1 12.09 4.68 22.10
N SER A 2 11.98 5.57 21.13
CA SER A 2 13.13 5.95 20.34
C SER A 2 12.78 7.14 19.44
N SER A 3 13.79 7.95 19.15
CA SER A 3 13.59 9.10 18.30
C SER A 3 12.98 8.68 16.96
N GLY A 4 11.82 9.26 16.66
CA GLY A 4 11.14 8.95 15.42
C GLY A 4 9.73 8.42 15.70
N SER A 5 8.74 9.23 15.37
CA SER A 5 7.35 8.85 15.58
C SER A 5 6.43 9.78 14.78
N SER A 6 6.22 9.42 13.53
CA SER A 6 5.36 10.22 12.66
C SER A 6 5.21 9.52 11.30
N GLY A 7 4.08 9.77 10.67
CA GLY A 7 3.80 9.19 9.37
C GLY A 7 2.55 9.81 8.74
N VAL A 8 1.88 9.01 7.92
CA VAL A 8 0.68 9.46 7.25
C VAL A 8 -0.38 8.36 7.30
N MET A 9 -1.59 8.76 7.66
CA MET A 9 -2.69 7.81 7.75
C MET A 9 -3.30 7.55 6.37
N VAL A 10 -3.22 6.30 5.95
CA VAL A 10 -3.77 5.91 4.66
C VAL A 10 -4.71 4.71 4.84
N PHE A 11 -5.69 4.64 3.96
CA PHE A 11 -6.66 3.56 4.02
C PHE A 11 -6.23 2.38 3.13
N ILE A 12 -5.72 1.35 3.78
CA ILE A 12 -5.26 0.17 3.06
C ILE A 12 -6.45 -0.76 2.81
N SER A 13 -6.47 -1.32 1.61
CA SER A 13 -7.55 -2.22 1.23
C SER A 13 -6.97 -3.47 0.55
N SER A 14 -7.86 -4.37 0.18
CA SER A 14 -7.46 -5.60 -0.47
C SER A 14 -8.69 -6.38 -0.94
N SER A 15 -8.62 -6.85 -2.18
CA SER A 15 -9.72 -7.60 -2.75
C SER A 15 -10.14 -8.73 -1.80
N LEU A 16 -9.20 -9.13 -0.96
CA LEU A 16 -9.45 -10.18 0.00
C LEU A 16 -10.39 -9.67 1.09
N ASN A 17 -10.05 -8.51 1.62
CA ASN A 17 -10.85 -7.90 2.67
C ASN A 17 -12.04 -7.18 2.04
N SER A 18 -13.17 -7.25 2.74
CA SER A 18 -14.38 -6.61 2.27
C SER A 18 -14.24 -5.09 2.30
N PHE A 19 -13.98 -4.58 3.50
CA PHE A 19 -13.82 -3.15 3.68
C PHE A 19 -12.34 -2.78 3.80
N ARG A 20 -12.09 -1.48 3.83
CA ARG A 20 -10.73 -0.99 3.94
C ARG A 20 -10.28 -0.99 5.40
N SER A 21 -8.96 -1.01 5.57
CA SER A 21 -8.39 -1.01 6.91
C SER A 21 -7.81 0.37 7.24
N GLU A 22 -7.42 0.53 8.50
CA GLU A 22 -6.86 1.79 8.95
C GLU A 22 -5.47 1.56 9.54
N LYS A 23 -4.46 1.85 8.73
CA LYS A 23 -3.08 1.68 9.16
C LYS A 23 -2.33 2.99 8.96
N ARG A 24 -1.07 2.98 9.37
CA ARG A 24 -0.23 4.16 9.24
C ARG A 24 1.18 3.76 8.79
N TYR A 25 1.79 4.66 8.02
CA TYR A 25 3.12 4.42 7.50
C TYR A 25 3.86 5.74 7.23
N SER A 26 5.15 5.73 7.53
CA SER A 26 5.97 6.91 7.32
C SER A 26 6.11 7.19 5.83
N ARG A 27 6.22 8.48 5.51
CA ARG A 27 6.36 8.89 4.12
C ARG A 27 7.75 8.55 3.61
N SER A 28 8.57 8.03 4.51
CA SER A 28 9.94 7.65 4.16
C SER A 28 10.00 6.16 3.83
N LEU A 29 8.87 5.49 4.04
CA LEU A 29 8.79 4.06 3.78
C LEU A 29 8.78 3.83 2.26
N THR A 30 9.90 3.34 1.76
CA THR A 30 10.03 3.07 0.34
C THR A 30 8.93 2.12 -0.12
N ILE A 31 8.36 2.45 -1.28
CA ILE A 31 7.29 1.64 -1.84
C ILE A 31 7.58 0.16 -1.57
N ALA A 32 8.82 -0.24 -1.88
CA ALA A 32 9.22 -1.61 -1.67
C ALA A 32 9.00 -2.00 -0.21
N GLU A 33 9.53 -1.16 0.68
CA GLU A 33 9.40 -1.41 2.10
C GLU A 33 7.93 -1.36 2.51
N PHE A 34 7.26 -0.31 2.06
CA PHE A 34 5.85 -0.13 2.38
C PHE A 34 5.08 -1.45 2.22
N LYS A 35 5.34 -2.12 1.10
CA LYS A 35 4.69 -3.37 0.81
C LYS A 35 5.05 -4.39 1.89
N CYS A 36 6.34 -4.46 2.19
CA CYS A 36 6.83 -5.38 3.20
C CYS A 36 5.87 -5.35 4.39
N LYS A 37 5.24 -4.19 4.57
CA LYS A 37 4.29 -4.03 5.66
C LYS A 37 2.96 -4.69 5.28
N LEU A 38 2.42 -4.24 4.16
CA LEU A 38 1.15 -4.79 3.67
C LEU A 38 1.21 -6.32 3.73
N GLU A 39 2.42 -6.84 3.63
CA GLU A 39 2.62 -8.28 3.66
C GLU A 39 1.91 -8.89 4.88
N LEU A 40 1.83 -8.09 5.93
CA LEU A 40 1.19 -8.52 7.16
C LEU A 40 -0.28 -8.10 7.14
N VAL A 41 -0.55 -7.08 6.33
CA VAL A 41 -1.91 -6.57 6.22
C VAL A 41 -2.75 -7.54 5.39
N VAL A 42 -2.28 -7.77 4.17
CA VAL A 42 -2.98 -8.67 3.26
C VAL A 42 -2.53 -10.10 3.53
N GLY A 43 -1.42 -10.22 4.24
CA GLY A 43 -0.87 -11.52 4.57
C GLY A 43 -0.26 -12.19 3.34
N SER A 44 -0.22 -11.43 2.25
CA SER A 44 0.34 -11.94 1.01
C SER A 44 1.72 -11.34 0.78
N PRO A 45 2.40 -11.85 -0.29
CA PRO A 45 3.73 -11.38 -0.63
C PRO A 45 3.68 -9.99 -1.27
N ALA A 46 4.54 -9.12 -0.77
CA ALA A 46 4.60 -7.76 -1.29
C ALA A 46 5.24 -7.77 -2.68
N SER A 47 5.95 -8.86 -2.96
CA SER A 47 6.61 -9.01 -4.24
C SER A 47 5.62 -9.50 -5.29
N CYS A 48 4.36 -9.58 -4.88
CA CYS A 48 3.32 -10.03 -5.78
C CYS A 48 2.19 -8.99 -5.78
N MET A 49 1.65 -8.76 -4.59
CA MET A 49 0.57 -7.79 -4.45
C MET A 49 0.97 -6.44 -5.04
N GLU A 50 -0.04 -5.70 -5.47
CA GLU A 50 0.18 -4.39 -6.06
C GLU A 50 -0.50 -3.31 -5.22
N LEU A 51 0.01 -2.09 -5.35
CA LEU A 51 -0.53 -0.96 -4.62
C LEU A 51 -1.19 0.01 -5.60
N GLU A 52 -2.15 0.76 -5.08
CA GLU A 52 -2.88 1.73 -5.89
C GLU A 52 -3.22 2.96 -5.06
N LEU A 53 -3.08 4.12 -5.68
CA LEU A 53 -3.38 5.37 -5.01
C LEU A 53 -4.67 5.95 -5.58
N TYR A 54 -5.75 5.73 -4.84
CA TYR A 54 -7.06 6.22 -5.26
C TYR A 54 -7.36 7.56 -4.61
N GLY A 55 -7.99 8.43 -5.38
CA GLY A 55 -8.35 9.75 -4.90
C GLY A 55 -9.34 9.66 -3.72
N ALA A 56 -10.27 10.59 -3.70
CA ALA A 56 -11.27 10.62 -2.65
C ALA A 56 -12.37 9.61 -2.96
N ASP A 57 -13.20 9.97 -3.93
CA ASP A 57 -14.29 9.10 -4.35
C ASP A 57 -13.73 7.93 -5.15
N ASP A 58 -12.84 7.19 -4.52
CA ASP A 58 -12.22 6.04 -5.17
C ASP A 58 -11.93 6.38 -6.63
N LYS A 59 -10.88 7.17 -6.83
CA LYS A 59 -10.48 7.57 -8.16
C LYS A 59 -8.99 7.31 -8.35
N PHE A 60 -8.69 6.16 -8.95
CA PHE A 60 -7.31 5.78 -9.19
C PHE A 60 -6.53 6.93 -9.82
N TYR A 61 -5.31 7.12 -9.34
CA TYR A 61 -4.46 8.17 -9.85
C TYR A 61 -3.23 7.59 -10.55
N SER A 62 -2.30 7.11 -9.73
CA SER A 62 -1.08 6.52 -10.26
C SER A 62 -0.80 5.19 -9.56
N LYS A 63 0.24 4.51 -10.04
CA LYS A 63 0.62 3.23 -9.47
C LYS A 63 1.94 3.39 -8.71
N LEU A 64 2.04 2.67 -7.60
CA LEU A 64 3.23 2.73 -6.79
C LEU A 64 4.22 1.63 -7.24
N ASP A 65 4.66 1.78 -8.48
CA ASP A 65 5.59 0.82 -9.06
C ASP A 65 7.01 1.16 -8.59
N GLN A 66 7.31 2.45 -8.61
CA GLN A 66 8.63 2.92 -8.20
C GLN A 66 8.97 2.38 -6.81
N GLU A 67 9.98 1.53 -6.77
CA GLU A 67 10.42 0.94 -5.51
C GLU A 67 11.49 1.81 -4.85
N ASP A 68 12.20 2.55 -5.70
CA ASP A 68 13.25 3.44 -5.22
C ASP A 68 12.65 4.79 -4.85
N ALA A 69 11.32 4.83 -4.82
CA ALA A 69 10.62 6.06 -4.49
C ALA A 69 10.20 6.01 -3.01
N LEU A 70 9.96 7.20 -2.46
CA LEU A 70 9.55 7.32 -1.07
C LEU A 70 8.06 7.66 -1.01
N LEU A 71 7.36 6.95 -0.14
CA LEU A 71 5.94 7.18 0.02
C LEU A 71 5.69 8.65 0.37
N GLY A 72 5.28 9.40 -0.64
CA GLY A 72 5.01 10.82 -0.46
C GLY A 72 5.19 11.58 -1.77
N SER A 73 6.27 11.27 -2.46
CA SER A 73 6.57 11.92 -3.72
C SER A 73 5.36 11.85 -4.64
N TYR A 74 4.50 10.88 -4.36
CA TYR A 74 3.30 10.69 -5.16
C TYR A 74 2.17 11.60 -4.67
N PRO A 75 1.11 11.69 -5.51
CA PRO A 75 -0.04 12.51 -5.17
C PRO A 75 -0.90 11.86 -4.09
N VAL A 76 -0.26 11.54 -2.98
CA VAL A 76 -0.94 10.91 -1.87
C VAL A 76 -0.89 11.83 -0.64
N ASP A 77 -1.62 11.43 0.39
CA ASP A 77 -1.67 12.21 1.61
C ASP A 77 -2.46 11.44 2.67
N ASP A 78 -2.25 11.84 3.92
CA ASP A 78 -2.94 11.19 5.03
C ASP A 78 -4.45 11.31 4.84
N GLY A 79 -5.03 10.26 4.28
CA GLY A 79 -6.46 10.23 4.02
C GLY A 79 -6.78 9.52 2.71
N CYS A 80 -5.74 9.35 1.90
CA CYS A 80 -5.90 8.69 0.61
C CYS A 80 -6.29 7.23 0.87
N ARG A 81 -6.32 6.46 -0.20
CA ARG A 81 -6.68 5.06 -0.10
C ARG A 81 -5.67 4.20 -0.86
N ILE A 82 -5.20 3.17 -0.18
CA ILE A 82 -4.23 2.26 -0.76
C ILE A 82 -4.87 0.90 -0.99
N HIS A 83 -5.25 0.65 -2.24
CA HIS A 83 -5.88 -0.60 -2.60
C HIS A 83 -4.81 -1.64 -2.97
N VAL A 84 -4.67 -2.63 -2.10
CA VAL A 84 -3.69 -3.67 -2.31
C VAL A 84 -4.29 -4.76 -3.23
N ILE A 85 -3.67 -4.92 -4.38
CA ILE A 85 -4.13 -5.91 -5.35
C ILE A 85 -3.49 -7.25 -5.04
N ASP A 86 -4.27 -8.13 -4.42
CA ASP A 86 -3.79 -9.45 -4.06
C ASP A 86 -3.45 -10.23 -5.34
N HIS A 87 -2.16 -10.28 -5.64
CA HIS A 87 -1.69 -10.99 -6.82
C HIS A 87 -1.48 -12.46 -6.49
N SER A 88 -1.24 -12.72 -5.21
CA SER A 88 -1.01 -14.08 -4.75
C SER A 88 -2.21 -14.96 -5.11
N GLY A 89 -3.38 -14.55 -4.63
CA GLY A 89 -4.60 -15.29 -4.88
C GLY A 89 -5.03 -16.09 -3.66
N SER A 90 -4.34 -17.20 -3.44
CA SER A 90 -4.65 -18.06 -2.31
C SER A 90 -6.09 -18.57 -2.40
N GLY A 91 -6.33 -19.68 -1.72
CA GLY A 91 -7.65 -20.28 -1.73
C GLY A 91 -7.61 -21.70 -1.17
N PRO A 92 -7.30 -22.66 -2.08
CA PRO A 92 -7.22 -24.06 -1.70
C PRO A 92 -5.94 -24.35 -0.91
N SER A 93 -4.82 -23.94 -1.50
CA SER A 93 -3.53 -24.14 -0.87
C SER A 93 -3.34 -23.14 0.28
N SER A 94 -2.49 -23.52 1.22
CA SER A 94 -2.22 -22.68 2.37
C SER A 94 -3.40 -22.69 3.33
N GLY A 95 -4.55 -22.26 2.82
CA GLY A 95 -5.77 -22.23 3.62
C GLY A 95 -6.66 -23.43 3.31
N GLY A 1 10.42 -1.53 16.91
CA GLY A 1 11.76 -1.14 16.48
C GLY A 1 11.89 0.38 16.39
N SER A 2 12.73 0.82 15.46
CA SER A 2 12.96 2.24 15.26
C SER A 2 11.84 2.83 14.40
N SER A 3 10.88 3.45 15.08
CA SER A 3 9.75 4.07 14.39
C SER A 3 9.20 5.22 15.23
N GLY A 4 9.26 6.41 14.65
CA GLY A 4 8.76 7.60 15.33
C GLY A 4 9.42 8.86 14.78
N SER A 5 8.78 9.45 13.79
CA SER A 5 9.29 10.66 13.16
C SER A 5 8.20 11.29 12.28
N SER A 6 7.56 10.44 11.49
CA SER A 6 6.51 10.90 10.61
C SER A 6 5.62 9.73 10.19
N GLY A 7 4.35 10.03 10.00
CA GLY A 7 3.39 9.01 9.60
C GLY A 7 2.18 9.64 8.89
N VAL A 8 1.62 8.88 7.96
CA VAL A 8 0.47 9.35 7.21
C VAL A 8 -0.64 8.29 7.28
N MET A 9 -1.81 8.74 7.71
CA MET A 9 -2.96 7.86 7.82
C MET A 9 -3.56 7.55 6.44
N VAL A 10 -3.30 6.34 5.99
CA VAL A 10 -3.81 5.90 4.69
C VAL A 10 -4.75 4.72 4.89
N PHE A 11 -5.73 4.63 3.99
CA PHE A 11 -6.69 3.55 4.05
C PHE A 11 -6.26 2.36 3.20
N ILE A 12 -5.76 1.34 3.88
CA ILE A 12 -5.30 0.14 3.21
C ILE A 12 -6.49 -0.78 2.95
N SER A 13 -6.55 -1.30 1.73
CA SER A 13 -7.63 -2.20 1.35
C SER A 13 -7.06 -3.43 0.65
N SER A 14 -7.93 -4.40 0.43
CA SER A 14 -7.54 -5.63 -0.22
C SER A 14 -8.75 -6.32 -0.84
N SER A 15 -8.51 -6.99 -1.95
CA SER A 15 -9.57 -7.69 -2.66
C SER A 15 -9.94 -8.97 -1.90
N LEU A 16 -9.17 -9.24 -0.85
CA LEU A 16 -9.41 -10.43 -0.04
C LEU A 16 -10.62 -10.19 0.86
N ASN A 17 -10.61 -9.06 1.55
CA ASN A 17 -11.69 -8.71 2.45
C ASN A 17 -12.44 -7.50 1.88
N SER A 18 -13.76 -7.59 1.92
CA SER A 18 -14.61 -6.53 1.42
C SER A 18 -14.69 -5.40 2.45
N PHE A 19 -13.57 -4.73 2.64
CA PHE A 19 -13.51 -3.62 3.59
C PHE A 19 -12.11 -3.01 3.62
N ARG A 20 -12.05 -1.77 4.12
CA ARG A 20 -10.79 -1.07 4.20
C ARG A 20 -10.29 -1.06 5.66
N SER A 21 -8.98 -1.00 5.79
CA SER A 21 -8.35 -0.99 7.11
C SER A 21 -7.77 0.40 7.40
N GLU A 22 -7.43 0.61 8.66
CA GLU A 22 -6.87 1.88 9.08
C GLU A 22 -5.50 1.66 9.73
N LYS A 23 -4.46 1.90 8.93
CA LYS A 23 -3.10 1.74 9.42
C LYS A 23 -2.32 3.04 9.19
N ARG A 24 -1.08 3.04 9.64
CA ARG A 24 -0.22 4.19 9.50
C ARG A 24 1.18 3.78 9.05
N TYR A 25 1.78 4.60 8.22
CA TYR A 25 3.12 4.34 7.71
C TYR A 25 3.87 5.63 7.43
N SER A 26 5.16 5.60 7.74
CA SER A 26 6.01 6.76 7.53
C SER A 26 6.26 6.97 6.04
N ARG A 27 5.95 8.18 5.58
CA ARG A 27 6.13 8.52 4.18
C ARG A 27 7.51 8.05 3.69
N SER A 28 8.42 7.90 4.65
CA SER A 28 9.76 7.47 4.33
C SER A 28 9.74 6.03 3.80
N LEU A 29 8.86 5.24 4.39
CA LEU A 29 8.73 3.85 3.98
C LEU A 29 8.77 3.75 2.46
N THR A 30 9.86 3.17 1.96
CA THR A 30 10.03 3.01 0.53
C THR A 30 8.95 2.09 -0.04
N ILE A 31 8.42 2.48 -1.18
CA ILE A 31 7.39 1.70 -1.84
C ILE A 31 7.65 0.21 -1.60
N ALA A 32 8.93 -0.16 -1.69
CA ALA A 32 9.32 -1.53 -1.49
C ALA A 32 9.01 -1.95 -0.05
N GLU A 33 9.60 -1.22 0.87
CA GLU A 33 9.39 -1.49 2.29
C GLU A 33 7.89 -1.45 2.63
N PHE A 34 7.23 -0.44 2.07
CA PHE A 34 5.81 -0.26 2.29
C PHE A 34 5.05 -1.58 2.08
N LYS A 35 5.35 -2.22 0.96
CA LYS A 35 4.71 -3.48 0.62
C LYS A 35 5.06 -4.53 1.68
N CYS A 36 6.34 -4.60 2.00
CA CYS A 36 6.81 -5.55 3.00
C CYS A 36 5.92 -5.43 4.23
N LYS A 37 5.41 -4.23 4.44
CA LYS A 37 4.54 -3.97 5.57
C LYS A 37 3.15 -4.55 5.29
N LEU A 38 2.64 -4.23 4.11
CA LEU A 38 1.32 -4.71 3.71
C LEU A 38 1.32 -6.24 3.71
N GLU A 39 2.47 -6.80 3.38
CA GLU A 39 2.62 -8.25 3.34
C GLU A 39 1.87 -8.88 4.52
N LEU A 40 1.90 -8.19 5.64
CA LEU A 40 1.23 -8.68 6.84
C LEU A 40 -0.23 -8.21 6.82
N VAL A 41 -0.41 -6.92 6.59
CA VAL A 41 -1.75 -6.34 6.54
C VAL A 41 -2.68 -7.29 5.80
N VAL A 42 -2.14 -7.92 4.77
CA VAL A 42 -2.92 -8.85 3.97
C VAL A 42 -2.40 -10.27 4.21
N GLY A 43 -1.17 -10.35 4.72
CA GLY A 43 -0.55 -11.63 4.99
C GLY A 43 -0.13 -12.32 3.69
N SER A 44 0.03 -11.51 2.66
CA SER A 44 0.44 -12.03 1.36
C SER A 44 1.80 -11.45 0.97
N PRO A 45 2.33 -11.96 -0.17
CA PRO A 45 3.62 -11.50 -0.67
C PRO A 45 3.50 -10.11 -1.29
N ALA A 46 4.46 -9.26 -0.96
CA ALA A 46 4.47 -7.91 -1.48
C ALA A 46 4.99 -7.92 -2.92
N SER A 47 5.69 -9.00 -3.25
CA SER A 47 6.26 -9.15 -4.58
C SER A 47 5.16 -9.59 -5.56
N CYS A 48 3.96 -9.72 -5.03
CA CYS A 48 2.82 -10.14 -5.84
C CYS A 48 1.79 -9.01 -5.81
N MET A 49 1.23 -8.79 -4.63
CA MET A 49 0.23 -7.75 -4.47
C MET A 49 0.65 -6.46 -5.17
N GLU A 50 -0.35 -5.67 -5.54
CA GLU A 50 -0.09 -4.41 -6.23
C GLU A 50 -0.57 -3.24 -5.37
N LEU A 51 -0.07 -2.06 -5.70
CA LEU A 51 -0.43 -0.85 -4.98
C LEU A 51 -1.19 0.08 -5.91
N GLU A 52 -2.18 0.76 -5.32
CA GLU A 52 -3.00 1.68 -6.09
C GLU A 52 -3.33 2.92 -5.23
N LEU A 53 -3.12 4.08 -5.83
CA LEU A 53 -3.40 5.34 -5.16
C LEU A 53 -4.69 5.94 -5.70
N TYR A 54 -5.73 5.87 -4.88
CA TYR A 54 -7.03 6.40 -5.26
C TYR A 54 -7.17 7.86 -4.81
N GLY A 55 -7.90 8.62 -5.61
CA GLY A 55 -8.13 10.03 -5.30
C GLY A 55 -9.14 10.18 -4.16
N ALA A 56 -9.95 11.22 -4.27
CA ALA A 56 -10.95 11.50 -3.25
C ALA A 56 -12.16 10.58 -3.47
N ASP A 57 -12.84 10.81 -4.58
CA ASP A 57 -14.02 10.02 -4.92
C ASP A 57 -13.57 8.67 -5.47
N ASP A 58 -12.75 7.98 -4.67
CA ASP A 58 -12.25 6.68 -5.07
C ASP A 58 -11.94 6.68 -6.56
N LYS A 59 -10.80 7.27 -6.90
CA LYS A 59 -10.38 7.36 -8.29
C LYS A 59 -8.88 7.06 -8.38
N PHE A 60 -8.57 5.88 -8.90
CA PHE A 60 -7.18 5.48 -9.05
C PHE A 60 -6.38 6.53 -9.80
N TYR A 61 -5.15 6.74 -9.33
CA TYR A 61 -4.27 7.72 -9.95
C TYR A 61 -3.08 7.05 -10.63
N SER A 62 -2.10 6.69 -9.82
CA SER A 62 -0.91 6.03 -10.32
C SER A 62 -0.66 4.73 -9.56
N LYS A 63 0.38 4.02 -9.96
CA LYS A 63 0.73 2.77 -9.33
C LYS A 63 2.00 2.96 -8.49
N LEU A 64 1.93 2.47 -7.25
CA LEU A 64 3.06 2.58 -6.35
C LEU A 64 3.98 1.38 -6.54
N ASP A 65 4.60 1.33 -7.70
CA ASP A 65 5.51 0.23 -8.03
C ASP A 65 6.94 0.69 -7.76
N GLN A 66 7.27 1.86 -8.27
CA GLN A 66 8.60 2.42 -8.12
C GLN A 66 9.11 2.16 -6.69
N GLU A 67 10.06 1.24 -6.59
CA GLU A 67 10.63 0.90 -5.30
C GLU A 67 11.56 2.02 -4.81
N ASP A 68 12.34 2.54 -5.75
CA ASP A 68 13.28 3.61 -5.43
C ASP A 68 12.48 4.85 -4.98
N ALA A 69 11.19 4.79 -5.21
CA ALA A 69 10.31 5.90 -4.85
C ALA A 69 9.96 5.79 -3.35
N LEU A 70 9.67 6.94 -2.77
CA LEU A 70 9.32 7.00 -1.36
C LEU A 70 7.86 7.41 -1.22
N LEU A 71 7.16 6.70 -0.35
CA LEU A 71 5.75 6.97 -0.11
C LEU A 71 5.58 8.44 0.26
N GLY A 72 5.14 9.22 -0.72
CA GLY A 72 4.94 10.64 -0.50
C GLY A 72 5.10 11.42 -1.81
N SER A 73 6.20 11.15 -2.50
CA SER A 73 6.48 11.82 -3.75
C SER A 73 5.26 11.73 -4.67
N TYR A 74 4.43 10.74 -4.41
CA TYR A 74 3.23 10.54 -5.20
C TYR A 74 2.09 11.44 -4.71
N PRO A 75 1.01 11.53 -5.55
CA PRO A 75 -0.13 12.36 -5.22
C PRO A 75 -0.99 11.68 -4.14
N VAL A 76 -0.34 11.35 -3.03
CA VAL A 76 -1.03 10.71 -1.93
C VAL A 76 -0.82 11.54 -0.65
N ASP A 77 -1.62 11.22 0.36
CA ASP A 77 -1.53 11.91 1.63
C ASP A 77 -2.41 11.20 2.66
N ASP A 78 -2.20 11.56 3.91
CA ASP A 78 -2.97 10.97 5.00
C ASP A 78 -4.46 11.20 4.76
N GLY A 79 -5.13 10.14 4.31
CA GLY A 79 -6.55 10.23 4.03
C GLY A 79 -6.89 9.51 2.73
N CYS A 80 -5.87 9.31 1.91
CA CYS A 80 -6.05 8.63 0.63
C CYS A 80 -6.40 7.17 0.90
N ARG A 81 -6.45 6.39 -0.17
CA ARG A 81 -6.77 4.98 -0.06
C ARG A 81 -5.80 4.15 -0.90
N ILE A 82 -5.22 3.14 -0.26
CA ILE A 82 -4.28 2.27 -0.94
C ILE A 82 -4.93 0.89 -1.17
N HIS A 83 -5.39 0.69 -2.39
CA HIS A 83 -6.03 -0.56 -2.75
C HIS A 83 -4.96 -1.60 -3.10
N VAL A 84 -4.76 -2.54 -2.18
CA VAL A 84 -3.77 -3.58 -2.38
C VAL A 84 -4.42 -4.73 -3.15
N ILE A 85 -4.08 -4.79 -4.44
CA ILE A 85 -4.61 -5.83 -5.30
C ILE A 85 -3.93 -7.15 -4.98
N ASP A 86 -4.65 -8.01 -4.27
CA ASP A 86 -4.11 -9.31 -3.89
C ASP A 86 -3.75 -10.09 -5.16
N HIS A 87 -2.45 -10.18 -5.40
CA HIS A 87 -1.96 -10.89 -6.57
C HIS A 87 -1.51 -12.30 -6.17
N SER A 88 -1.94 -12.69 -4.97
CA SER A 88 -1.58 -14.01 -4.45
C SER A 88 -2.85 -14.79 -4.10
N GLY A 89 -3.36 -15.50 -5.09
CA GLY A 89 -4.57 -16.29 -4.90
C GLY A 89 -4.49 -17.59 -5.70
N SER A 90 -3.98 -18.63 -5.05
CA SER A 90 -3.86 -19.93 -5.68
C SER A 90 -5.24 -20.44 -6.10
N GLY A 91 -5.24 -21.24 -7.16
CA GLY A 91 -6.48 -21.80 -7.67
C GLY A 91 -6.48 -23.33 -7.55
N PRO A 92 -7.62 -23.94 -7.97
CA PRO A 92 -7.76 -25.38 -7.92
C PRO A 92 -6.95 -26.05 -9.03
N SER A 93 -5.65 -25.93 -8.93
CA SER A 93 -4.75 -26.53 -9.92
C SER A 93 -3.33 -26.60 -9.37
N SER A 94 -2.55 -27.50 -9.95
CA SER A 94 -1.17 -27.69 -9.53
C SER A 94 -0.27 -27.84 -10.74
N GLY A 95 0.49 -26.78 -11.01
CA GLY A 95 1.41 -26.79 -12.14
C GLY A 95 2.70 -27.52 -11.80
N GLY A 1 13.14 17.23 15.76
CA GLY A 1 12.63 18.51 15.28
C GLY A 1 11.24 18.36 14.69
N SER A 2 10.51 19.47 14.69
CA SER A 2 9.17 19.47 14.15
C SER A 2 8.26 18.57 14.99
N SER A 3 7.50 19.19 15.88
CA SER A 3 6.60 18.45 16.74
C SER A 3 5.15 18.71 16.31
N GLY A 4 4.58 17.72 15.64
CA GLY A 4 3.20 17.83 15.17
C GLY A 4 2.71 16.49 14.61
N SER A 5 2.25 16.54 13.38
CA SER A 5 1.74 15.36 12.71
C SER A 5 2.66 14.17 13.02
N SER A 6 2.04 12.98 13.03
CA SER A 6 2.79 11.77 13.30
C SER A 6 2.61 10.78 12.16
N GLY A 7 3.36 11.03 11.09
CA GLY A 7 3.30 10.17 9.91
C GLY A 7 2.13 10.56 9.01
N VAL A 8 1.58 9.56 8.33
CA VAL A 8 0.47 9.78 7.43
C VAL A 8 -0.51 8.60 7.54
N MET A 9 -1.78 8.94 7.66
CA MET A 9 -2.81 7.92 7.76
C MET A 9 -3.42 7.61 6.40
N VAL A 10 -3.22 6.38 5.96
CA VAL A 10 -3.75 5.95 4.67
C VAL A 10 -4.69 4.76 4.88
N PHE A 11 -5.65 4.65 3.98
CA PHE A 11 -6.63 3.57 4.05
C PHE A 11 -6.19 2.38 3.20
N ILE A 12 -5.68 1.36 3.87
CA ILE A 12 -5.24 0.16 3.19
C ILE A 12 -6.43 -0.77 2.95
N SER A 13 -6.43 -1.40 1.79
CA SER A 13 -7.49 -2.31 1.42
C SER A 13 -6.96 -3.42 0.50
N SER A 14 -7.76 -4.46 0.36
CA SER A 14 -7.38 -5.58 -0.48
C SER A 14 -8.63 -6.26 -1.05
N SER A 15 -8.42 -6.95 -2.16
CA SER A 15 -9.52 -7.65 -2.81
C SER A 15 -9.97 -8.84 -1.95
N LEU A 16 -9.05 -9.31 -1.12
CA LEU A 16 -9.33 -10.43 -0.25
C LEU A 16 -10.49 -10.08 0.69
N ASN A 17 -10.39 -8.90 1.27
CA ASN A 17 -11.43 -8.43 2.18
C ASN A 17 -12.07 -7.17 1.60
N SER A 18 -13.38 -7.27 1.35
CA SER A 18 -14.11 -6.15 0.81
C SER A 18 -14.33 -5.08 1.88
N PHE A 19 -13.28 -4.31 2.13
CA PHE A 19 -13.35 -3.26 3.13
C PHE A 19 -12.04 -2.47 3.19
N ARG A 20 -12.08 -1.37 3.91
CA ARG A 20 -10.90 -0.52 4.05
C ARG A 20 -10.38 -0.58 5.48
N SER A 21 -9.06 -0.73 5.58
CA SER A 21 -8.42 -0.82 6.89
C SER A 21 -7.81 0.54 7.26
N GLU A 22 -7.45 0.67 8.52
CA GLU A 22 -6.86 1.90 9.01
C GLU A 22 -5.48 1.63 9.62
N LYS A 23 -4.46 1.88 8.82
CA LYS A 23 -3.09 1.68 9.27
C LYS A 23 -2.31 2.98 9.14
N ARG A 24 -1.06 2.95 9.60
CA ARG A 24 -0.21 4.11 9.54
C ARG A 24 1.19 3.72 9.05
N TYR A 25 1.78 4.61 8.27
CA TYR A 25 3.11 4.36 7.73
C TYR A 25 3.89 5.69 7.57
N SER A 26 5.20 5.55 7.56
CA SER A 26 6.06 6.72 7.41
C SER A 26 6.20 7.08 5.93
N ARG A 27 6.35 8.37 5.68
CA ARG A 27 6.50 8.86 4.32
C ARG A 27 7.89 8.54 3.79
N SER A 28 8.70 7.93 4.66
CA SER A 28 10.05 7.56 4.28
C SER A 28 10.12 6.07 3.95
N LEU A 29 8.98 5.40 4.12
CA LEU A 29 8.90 3.99 3.85
C LEU A 29 8.90 3.75 2.34
N THR A 30 10.03 3.24 1.86
CA THR A 30 10.19 2.98 0.44
C THR A 30 9.04 2.10 -0.07
N ILE A 31 8.47 2.50 -1.19
CA ILE A 31 7.37 1.77 -1.80
C ILE A 31 7.61 0.26 -1.61
N ALA A 32 8.86 -0.13 -1.82
CA ALA A 32 9.23 -1.53 -1.69
C ALA A 32 8.98 -1.98 -0.26
N GLU A 33 9.53 -1.23 0.68
CA GLU A 33 9.38 -1.54 2.09
C GLU A 33 7.90 -1.53 2.47
N PHE A 34 7.23 -0.45 2.13
CA PHE A 34 5.81 -0.31 2.43
C PHE A 34 5.07 -1.61 2.15
N LYS A 35 5.37 -2.19 0.99
CA LYS A 35 4.73 -3.44 0.59
C LYS A 35 5.00 -4.50 1.65
N CYS A 36 6.22 -4.50 2.15
CA CYS A 36 6.62 -5.47 3.16
C CYS A 36 5.66 -5.34 4.35
N LYS A 37 5.24 -4.11 4.60
CA LYS A 37 4.32 -3.83 5.69
C LYS A 37 2.94 -4.38 5.34
N LEU A 38 2.61 -4.28 4.06
CA LEU A 38 1.32 -4.76 3.58
C LEU A 38 1.31 -6.29 3.62
N GLU A 39 2.47 -6.86 3.31
CA GLU A 39 2.60 -8.31 3.31
C GLU A 39 1.85 -8.93 4.49
N LEU A 40 1.77 -8.16 5.56
CA LEU A 40 1.09 -8.62 6.76
C LEU A 40 -0.37 -8.14 6.72
N VAL A 41 -0.54 -6.90 6.31
CA VAL A 41 -1.87 -6.31 6.22
C VAL A 41 -2.77 -7.24 5.40
N VAL A 42 -2.18 -7.86 4.40
CA VAL A 42 -2.91 -8.77 3.53
C VAL A 42 -2.48 -10.20 3.83
N GLY A 43 -1.23 -10.34 4.23
CA GLY A 43 -0.68 -11.66 4.55
C GLY A 43 -0.08 -12.32 3.31
N SER A 44 -0.13 -11.58 2.21
CA SER A 44 0.41 -12.08 0.95
C SER A 44 1.79 -11.48 0.70
N PRO A 45 2.45 -11.98 -0.39
CA PRO A 45 3.77 -11.50 -0.75
C PRO A 45 3.69 -10.11 -1.39
N ALA A 46 4.61 -9.26 -1.00
CA ALA A 46 4.65 -7.90 -1.53
C ALA A 46 5.22 -7.94 -2.95
N SER A 47 5.91 -9.03 -3.26
CA SER A 47 6.50 -9.19 -4.57
C SER A 47 5.43 -9.64 -5.57
N CYS A 48 4.21 -9.77 -5.07
CA CYS A 48 3.10 -10.19 -5.90
C CYS A 48 2.03 -9.09 -5.87
N MET A 49 1.47 -8.90 -4.69
CA MET A 49 0.44 -7.89 -4.51
C MET A 49 0.85 -6.56 -5.16
N GLU A 50 -0.15 -5.82 -5.59
CA GLU A 50 0.10 -4.53 -6.23
C GLU A 50 -0.42 -3.39 -5.35
N LEU A 51 0.09 -2.20 -5.62
CA LEU A 51 -0.30 -1.03 -4.85
C LEU A 51 -1.03 -0.05 -5.78
N GLU A 52 -2.02 0.62 -5.21
CA GLU A 52 -2.80 1.58 -5.97
C GLU A 52 -3.08 2.82 -5.12
N LEU A 53 -3.10 3.97 -5.79
CA LEU A 53 -3.34 5.23 -5.11
C LEU A 53 -4.68 5.81 -5.60
N TYR A 54 -5.70 5.65 -4.78
CA TYR A 54 -7.01 6.17 -5.11
C TYR A 54 -7.23 7.57 -4.54
N GLY A 55 -7.99 8.36 -5.28
CA GLY A 55 -8.29 9.71 -4.85
C GLY A 55 -9.01 9.73 -3.51
N ALA A 56 -10.08 10.52 -3.47
CA ALA A 56 -10.87 10.63 -2.25
C ALA A 56 -12.01 9.60 -2.29
N ASP A 57 -12.99 9.88 -3.14
CA ASP A 57 -14.13 9.00 -3.29
C ASP A 57 -13.64 7.58 -3.57
N ASP A 58 -12.78 7.46 -4.56
CA ASP A 58 -12.24 6.17 -4.95
C ASP A 58 -11.85 6.20 -6.43
N LYS A 59 -10.94 7.10 -6.75
CA LYS A 59 -10.47 7.23 -8.12
C LYS A 59 -8.98 6.90 -8.19
N PHE A 60 -8.69 5.77 -8.81
CA PHE A 60 -7.31 5.34 -8.94
C PHE A 60 -6.49 6.35 -9.75
N TYR A 61 -5.26 6.54 -9.30
CA TYR A 61 -4.37 7.48 -9.97
C TYR A 61 -3.18 6.75 -10.59
N SER A 62 -2.24 6.37 -9.73
CA SER A 62 -1.06 5.66 -10.17
C SER A 62 -0.79 4.45 -9.28
N LYS A 63 0.17 3.65 -9.69
CA LYS A 63 0.53 2.46 -8.94
C LYS A 63 1.82 2.71 -8.17
N LEU A 64 1.83 2.29 -6.91
CA LEU A 64 2.99 2.45 -6.06
C LEU A 64 3.95 1.28 -6.27
N ASP A 65 4.54 1.23 -7.46
CA ASP A 65 5.48 0.17 -7.80
C ASP A 65 6.91 0.68 -7.61
N GLN A 66 7.15 1.88 -8.14
CA GLN A 66 8.46 2.49 -8.04
C GLN A 66 9.05 2.25 -6.65
N GLU A 67 9.99 1.32 -6.59
CA GLU A 67 10.64 0.99 -5.33
C GLU A 67 11.56 2.13 -4.90
N ASP A 68 12.30 2.66 -5.88
CA ASP A 68 13.22 3.74 -5.62
C ASP A 68 12.44 4.96 -5.12
N ALA A 69 11.13 4.90 -5.29
CA ALA A 69 10.27 5.98 -4.85
C ALA A 69 9.96 5.82 -3.37
N LEU A 70 9.58 6.93 -2.74
CA LEU A 70 9.26 6.92 -1.32
C LEU A 70 7.80 7.35 -1.13
N LEU A 71 7.17 6.81 -0.11
CA LEU A 71 5.80 7.13 0.19
C LEU A 71 5.69 8.62 0.56
N GLY A 72 5.20 9.39 -0.39
CA GLY A 72 5.05 10.82 -0.18
C GLY A 72 5.27 11.60 -1.48
N SER A 73 6.26 11.15 -2.24
CA SER A 73 6.57 11.79 -3.50
C SER A 73 5.40 11.64 -4.48
N TYR A 74 4.55 10.67 -4.18
CA TYR A 74 3.39 10.41 -5.01
C TYR A 74 2.21 11.29 -4.61
N PRO A 75 1.16 11.29 -5.48
CA PRO A 75 -0.03 12.09 -5.21
C PRO A 75 -0.88 11.45 -4.12
N VAL A 76 -0.26 11.22 -2.97
CA VAL A 76 -0.94 10.61 -1.85
C VAL A 76 -0.83 11.54 -0.64
N ASP A 77 -1.63 11.23 0.38
CA ASP A 77 -1.62 12.02 1.60
C ASP A 77 -2.53 11.34 2.64
N ASP A 78 -2.38 11.79 3.88
CA ASP A 78 -3.19 11.24 4.97
C ASP A 78 -4.66 11.44 4.66
N GLY A 79 -5.29 10.37 4.19
CA GLY A 79 -6.70 10.41 3.85
C GLY A 79 -6.99 9.61 2.59
N CYS A 80 -5.94 9.41 1.79
CA CYS A 80 -6.07 8.66 0.56
C CYS A 80 -6.34 7.19 0.91
N ARG A 81 -6.35 6.37 -0.12
CA ARG A 81 -6.60 4.95 0.06
C ARG A 81 -5.61 4.12 -0.76
N ILE A 82 -5.18 3.01 -0.18
CA ILE A 82 -4.24 2.13 -0.86
C ILE A 82 -4.92 0.79 -1.14
N HIS A 83 -5.35 0.63 -2.38
CA HIS A 83 -6.02 -0.60 -2.79
C HIS A 83 -4.98 -1.64 -3.19
N VAL A 84 -4.66 -2.51 -2.26
CA VAL A 84 -3.68 -3.56 -2.51
C VAL A 84 -4.33 -4.66 -3.34
N ILE A 85 -3.89 -4.74 -4.59
CA ILE A 85 -4.42 -5.74 -5.51
C ILE A 85 -3.80 -7.10 -5.17
N ASP A 86 -4.59 -7.93 -4.50
CA ASP A 86 -4.14 -9.25 -4.11
C ASP A 86 -3.72 -10.03 -5.36
N HIS A 87 -2.43 -10.36 -5.40
CA HIS A 87 -1.88 -11.09 -6.53
C HIS A 87 -1.59 -12.53 -6.11
N SER A 88 -1.89 -12.81 -4.85
CA SER A 88 -1.65 -14.14 -4.31
C SER A 88 -2.85 -15.05 -4.62
N GLY A 89 -4.03 -14.55 -4.30
CA GLY A 89 -5.25 -15.31 -4.54
C GLY A 89 -5.22 -15.99 -5.91
N SER A 90 -5.54 -15.21 -6.93
CA SER A 90 -5.56 -15.72 -8.28
C SER A 90 -4.71 -14.81 -9.19
N GLY A 91 -4.28 -15.39 -10.31
CA GLY A 91 -3.47 -14.65 -11.26
C GLY A 91 -2.83 -15.59 -12.28
N PRO A 92 -3.21 -15.38 -13.57
CA PRO A 92 -2.68 -16.20 -14.65
C PRO A 92 -1.23 -15.82 -14.97
N SER A 93 -0.61 -16.64 -15.81
CA SER A 93 0.77 -16.40 -16.20
C SER A 93 1.69 -16.54 -14.98
N SER A 94 2.00 -17.77 -14.65
CA SER A 94 2.86 -18.05 -13.51
C SER A 94 4.13 -18.76 -13.98
N GLY A 95 5.25 -18.07 -13.85
CA GLY A 95 6.53 -18.62 -14.26
C GLY A 95 6.95 -19.77 -13.34
N GLY A 1 8.34 9.12 24.81
CA GLY A 1 8.37 10.30 23.96
C GLY A 1 8.86 9.95 22.55
N SER A 2 9.11 10.99 21.77
CA SER A 2 9.58 10.80 20.40
C SER A 2 10.03 12.14 19.83
N SER A 3 11.32 12.21 19.51
CA SER A 3 11.88 13.43 18.94
C SER A 3 11.91 13.33 17.41
N GLY A 4 11.15 14.23 16.79
CA GLY A 4 11.07 14.25 15.34
C GLY A 4 10.53 12.93 14.79
N SER A 5 9.24 12.93 14.48
CA SER A 5 8.59 11.75 13.95
C SER A 5 7.18 12.10 13.47
N SER A 6 6.87 11.63 12.27
CA SER A 6 5.57 11.88 11.67
C SER A 6 5.31 10.88 10.55
N GLY A 7 4.07 10.43 10.48
CA GLY A 7 3.68 9.48 9.45
C GLY A 7 2.46 9.99 8.67
N VAL A 8 1.86 9.09 7.91
CA VAL A 8 0.70 9.42 7.11
C VAL A 8 -0.34 8.30 7.22
N MET A 9 -1.55 8.69 7.55
CA MET A 9 -2.63 7.72 7.69
C MET A 9 -3.28 7.43 6.33
N VAL A 10 -3.07 6.22 5.86
CA VAL A 10 -3.62 5.80 4.59
C VAL A 10 -4.57 4.62 4.80
N PHE A 11 -5.58 4.55 3.95
CA PHE A 11 -6.56 3.47 4.04
C PHE A 11 -6.16 2.29 3.15
N ILE A 12 -5.63 1.27 3.80
CA ILE A 12 -5.20 0.07 3.09
C ILE A 12 -6.41 -0.85 2.88
N SER A 13 -6.40 -1.55 1.75
CA SER A 13 -7.48 -2.46 1.42
C SER A 13 -6.96 -3.58 0.51
N SER A 14 -7.88 -4.43 0.09
CA SER A 14 -7.53 -5.53 -0.78
C SER A 14 -8.80 -6.23 -1.30
N SER A 15 -8.62 -7.05 -2.31
CA SER A 15 -9.74 -7.77 -2.89
C SER A 15 -10.10 -8.97 -2.01
N LEU A 16 -9.13 -9.40 -1.23
CA LEU A 16 -9.34 -10.54 -0.34
C LEU A 16 -10.53 -10.25 0.58
N ASN A 17 -10.38 -9.20 1.37
CA ASN A 17 -11.44 -8.82 2.30
C ASN A 17 -12.10 -7.53 1.79
N SER A 18 -13.39 -7.63 1.53
CA SER A 18 -14.15 -6.49 1.05
C SER A 18 -14.34 -5.47 2.18
N PHE A 19 -13.24 -4.81 2.52
CA PHE A 19 -13.25 -3.80 3.57
C PHE A 19 -11.94 -3.02 3.60
N ARG A 20 -12.03 -1.83 4.17
CA ARG A 20 -10.86 -0.97 4.28
C ARG A 20 -10.26 -1.06 5.69
N SER A 21 -8.94 -0.94 5.74
CA SER A 21 -8.23 -1.01 7.00
C SER A 21 -7.64 0.37 7.34
N GLU A 22 -7.19 0.49 8.59
CA GLU A 22 -6.60 1.74 9.05
C GLU A 22 -5.18 1.49 9.57
N LYS A 23 -4.21 1.77 8.71
CA LYS A 23 -2.82 1.59 9.08
C LYS A 23 -2.09 2.93 8.96
N ARG A 24 -0.83 2.92 9.39
CA ARG A 24 -0.02 4.12 9.35
C ARG A 24 1.40 3.79 8.88
N TYR A 25 1.97 4.70 8.11
CA TYR A 25 3.31 4.52 7.60
C TYR A 25 4.02 5.86 7.42
N SER A 26 5.34 5.79 7.33
CA SER A 26 6.15 6.98 7.16
C SER A 26 6.24 7.34 5.67
N ARG A 27 6.28 8.64 5.41
CA ARG A 27 6.37 9.13 4.05
C ARG A 27 7.76 8.83 3.47
N SER A 28 8.63 8.34 4.33
CA SER A 28 9.98 8.00 3.93
C SER A 28 10.08 6.51 3.57
N LEU A 29 9.11 5.76 4.08
CA LEU A 29 9.06 4.33 3.83
C LEU A 29 9.01 4.07 2.33
N THR A 30 10.01 3.34 1.85
CA THR A 30 10.09 3.02 0.44
C THR A 30 8.97 2.07 0.03
N ILE A 31 8.36 2.37 -1.11
CA ILE A 31 7.26 1.55 -1.61
C ILE A 31 7.56 0.08 -1.32
N ALA A 32 8.77 -0.33 -1.69
CA ALA A 32 9.19 -1.71 -1.47
C ALA A 32 8.93 -2.09 0.00
N GLU A 33 9.44 -1.25 0.89
CA GLU A 33 9.27 -1.49 2.31
C GLU A 33 7.80 -1.39 2.70
N PHE A 34 7.20 -0.27 2.33
CA PHE A 34 5.80 -0.03 2.64
C PHE A 34 4.96 -1.30 2.41
N LYS A 35 5.21 -1.93 1.27
CA LYS A 35 4.49 -3.15 0.92
C LYS A 35 4.82 -4.24 1.95
N CYS A 36 6.09 -4.29 2.32
CA CYS A 36 6.54 -5.27 3.29
C CYS A 36 5.62 -5.21 4.50
N LYS A 37 5.13 -4.01 4.78
CA LYS A 37 4.24 -3.80 5.90
C LYS A 37 2.85 -4.35 5.56
N LEU A 38 2.47 -4.16 4.30
CA LEU A 38 1.18 -4.63 3.84
C LEU A 38 1.19 -6.16 3.74
N GLU A 39 2.38 -6.69 3.50
CA GLU A 39 2.54 -8.13 3.39
C GLU A 39 1.79 -8.84 4.52
N LEU A 40 1.72 -8.16 5.66
CA LEU A 40 1.04 -8.71 6.81
C LEU A 40 -0.42 -8.23 6.80
N VAL A 41 -0.63 -7.05 6.25
CA VAL A 41 -1.96 -6.47 6.18
C VAL A 41 -2.85 -7.38 5.33
N VAL A 42 -2.27 -7.89 4.25
CA VAL A 42 -3.00 -8.77 3.36
C VAL A 42 -2.54 -10.21 3.57
N GLY A 43 -1.30 -10.34 4.03
CA GLY A 43 -0.72 -11.65 4.28
C GLY A 43 -0.09 -12.22 3.01
N SER A 44 -0.03 -11.38 1.98
CA SER A 44 0.55 -11.78 0.72
C SER A 44 1.93 -11.15 0.54
N PRO A 45 2.66 -11.64 -0.49
CA PRO A 45 4.00 -11.13 -0.77
C PRO A 45 3.92 -9.76 -1.43
N ALA A 46 4.78 -8.86 -0.97
CA ALA A 46 4.83 -7.51 -1.50
C ALA A 46 5.41 -7.55 -2.91
N SER A 47 6.15 -8.62 -3.19
CA SER A 47 6.76 -8.79 -4.49
C SER A 47 5.73 -9.29 -5.50
N CYS A 48 4.50 -9.42 -5.02
CA CYS A 48 3.42 -9.90 -5.87
C CYS A 48 2.32 -8.83 -5.88
N MET A 49 1.72 -8.63 -4.71
CA MET A 49 0.66 -7.65 -4.56
C MET A 49 1.02 -6.34 -5.26
N GLU A 50 0.00 -5.55 -5.56
CA GLU A 50 0.20 -4.28 -6.22
C GLU A 50 -0.39 -3.14 -5.38
N LEU A 51 0.07 -1.94 -5.67
CA LEU A 51 -0.40 -0.76 -4.95
C LEU A 51 -1.26 0.09 -5.88
N GLU A 52 -2.06 0.95 -5.27
CA GLU A 52 -2.94 1.82 -6.04
C GLU A 52 -3.30 3.06 -5.21
N LEU A 53 -3.10 4.21 -5.82
CA LEU A 53 -3.42 5.47 -5.16
C LEU A 53 -4.75 6.00 -5.67
N TYR A 54 -5.75 5.94 -4.79
CA TYR A 54 -7.08 6.40 -5.14
C TYR A 54 -7.28 7.87 -4.73
N GLY A 55 -8.05 8.57 -5.53
CA GLY A 55 -8.33 9.97 -5.26
C GLY A 55 -9.31 10.13 -4.10
N ALA A 56 -10.22 11.09 -4.25
CA ALA A 56 -11.21 11.35 -3.22
C ALA A 56 -12.36 10.34 -3.36
N ASP A 57 -13.16 10.54 -4.38
CA ASP A 57 -14.29 9.66 -4.64
C ASP A 57 -13.78 8.34 -5.22
N ASP A 58 -12.90 7.70 -4.48
CA ASP A 58 -12.33 6.44 -4.91
C ASP A 58 -12.06 6.49 -6.41
N LYS A 59 -11.00 7.21 -6.75
CA LYS A 59 -10.61 7.35 -8.15
C LYS A 59 -9.12 7.04 -8.29
N PHE A 60 -8.84 5.81 -8.72
CA PHE A 60 -7.47 5.37 -8.91
C PHE A 60 -6.69 6.38 -9.76
N TYR A 61 -5.46 6.63 -9.33
CA TYR A 61 -4.60 7.56 -10.03
C TYR A 61 -3.37 6.84 -10.61
N SER A 62 -2.40 6.62 -9.76
CA SER A 62 -1.17 5.95 -10.17
C SER A 62 -0.92 4.73 -9.27
N LYS A 63 -0.03 3.87 -9.75
CA LYS A 63 0.31 2.66 -9.02
C LYS A 63 1.68 2.85 -8.36
N LEU A 64 1.74 2.50 -7.08
CA LEU A 64 2.99 2.62 -6.34
C LEU A 64 3.87 1.41 -6.64
N ASP A 65 4.42 1.39 -7.85
CA ASP A 65 5.28 0.31 -8.28
C ASP A 65 6.74 0.68 -7.98
N GLN A 66 7.05 1.93 -8.24
CA GLN A 66 8.41 2.42 -8.00
C GLN A 66 8.88 2.03 -6.61
N GLU A 67 9.93 1.21 -6.59
CA GLU A 67 10.49 0.75 -5.33
C GLU A 67 11.42 1.81 -4.73
N ASP A 68 12.13 2.49 -5.63
CA ASP A 68 13.05 3.54 -5.22
C ASP A 68 12.26 4.79 -4.83
N ALA A 69 10.96 4.70 -5.00
CA ALA A 69 10.08 5.81 -4.67
C ALA A 69 9.86 5.86 -3.16
N LEU A 70 9.19 6.91 -2.72
CA LEU A 70 8.92 7.08 -1.30
C LEU A 70 7.51 7.65 -1.12
N LEU A 71 6.83 7.14 -0.11
CA LEU A 71 5.47 7.58 0.18
C LEU A 71 5.47 9.11 0.39
N GLY A 72 5.02 9.81 -0.64
CA GLY A 72 4.97 11.26 -0.58
C GLY A 72 5.14 11.87 -1.97
N SER A 73 6.13 11.37 -2.69
CA SER A 73 6.42 11.85 -4.02
C SER A 73 5.18 11.70 -4.91
N TYR A 74 4.27 10.84 -4.46
CA TYR A 74 3.04 10.60 -5.20
C TYR A 74 1.90 11.46 -4.67
N PRO A 75 0.80 11.52 -5.46
CA PRO A 75 -0.36 12.31 -5.08
C PRO A 75 -1.16 11.61 -3.98
N VAL A 76 -0.45 11.29 -2.90
CA VAL A 76 -1.08 10.63 -1.77
C VAL A 76 -0.98 11.52 -0.53
N ASP A 77 -1.88 11.29 0.41
CA ASP A 77 -1.90 12.06 1.64
C ASP A 77 -2.67 11.29 2.71
N ASP A 78 -2.50 11.71 3.95
CA ASP A 78 -3.16 11.08 5.07
C ASP A 78 -4.68 11.19 4.88
N GLY A 79 -5.24 10.17 4.26
CA GLY A 79 -6.68 10.14 4.02
C GLY A 79 -7.00 9.36 2.75
N CYS A 80 -6.05 9.36 1.82
CA CYS A 80 -6.21 8.66 0.57
C CYS A 80 -6.47 7.17 0.87
N ARG A 81 -6.45 6.38 -0.18
CA ARG A 81 -6.69 4.95 -0.05
C ARG A 81 -5.65 4.17 -0.86
N ILE A 82 -5.20 3.07 -0.27
CA ILE A 82 -4.22 2.22 -0.94
C ILE A 82 -4.81 0.84 -1.16
N HIS A 83 -5.25 0.61 -2.39
CA HIS A 83 -5.84 -0.66 -2.75
C HIS A 83 -4.74 -1.67 -3.09
N VAL A 84 -4.72 -2.76 -2.35
CA VAL A 84 -3.73 -3.80 -2.55
C VAL A 84 -4.34 -4.92 -3.41
N ILE A 85 -3.76 -5.09 -4.60
CA ILE A 85 -4.23 -6.11 -5.50
C ILE A 85 -3.52 -7.43 -5.20
N ASP A 86 -4.24 -8.32 -4.55
CA ASP A 86 -3.69 -9.62 -4.19
C ASP A 86 -3.19 -10.31 -5.45
N HIS A 87 -1.88 -10.22 -5.67
CA HIS A 87 -1.26 -10.85 -6.83
C HIS A 87 -0.70 -12.21 -6.45
N SER A 88 -1.17 -12.71 -5.31
CA SER A 88 -0.73 -14.00 -4.82
C SER A 88 -1.86 -15.03 -4.95
N GLY A 89 -2.02 -15.54 -6.16
CA GLY A 89 -3.06 -16.52 -6.43
C GLY A 89 -3.03 -16.96 -7.89
N SER A 90 -2.37 -18.08 -8.12
CA SER A 90 -2.25 -18.63 -9.47
C SER A 90 -1.68 -20.04 -9.41
N GLY A 91 -0.52 -20.15 -8.80
CA GLY A 91 0.14 -21.44 -8.67
C GLY A 91 1.41 -21.49 -9.54
N PRO A 92 2.56 -21.17 -8.88
CA PRO A 92 3.84 -21.17 -9.57
C PRO A 92 4.33 -22.60 -9.81
N SER A 93 4.68 -22.88 -11.06
CA SER A 93 5.17 -24.20 -11.43
C SER A 93 6.39 -24.06 -12.34
N SER A 94 7.33 -24.99 -12.15
CA SER A 94 8.54 -24.99 -12.95
C SER A 94 8.45 -26.06 -14.04
N GLY A 95 9.28 -25.89 -15.06
CA GLY A 95 9.30 -26.83 -16.17
C GLY A 95 9.80 -26.16 -17.45
N GLY A 1 -3.03 11.30 21.69
CA GLY A 1 -1.77 11.68 22.30
C GLY A 1 -0.76 12.13 21.26
N SER A 2 0.51 12.10 21.65
CA SER A 2 1.58 12.50 20.76
C SER A 2 1.88 11.37 19.76
N SER A 3 1.72 11.71 18.48
CA SER A 3 1.96 10.75 17.43
C SER A 3 3.46 10.44 17.32
N GLY A 4 4.24 11.50 17.16
CA GLY A 4 5.68 11.37 17.05
C GLY A 4 6.30 12.61 16.42
N SER A 5 6.17 12.69 15.10
CA SER A 5 6.71 13.82 14.37
C SER A 5 5.88 14.09 13.12
N SER A 6 5.82 13.08 12.25
CA SER A 6 5.06 13.19 11.02
C SER A 6 4.58 11.81 10.58
N GLY A 7 3.28 11.72 10.32
CA GLY A 7 2.68 10.48 9.89
C GLY A 7 1.50 10.72 8.94
N VAL A 8 1.17 9.69 8.18
CA VAL A 8 0.07 9.78 7.24
C VAL A 8 -0.84 8.56 7.39
N MET A 9 -2.13 8.83 7.53
CA MET A 9 -3.10 7.76 7.70
C MET A 9 -3.75 7.42 6.35
N VAL A 10 -3.39 6.26 5.83
CA VAL A 10 -3.93 5.81 4.56
C VAL A 10 -4.83 4.60 4.81
N PHE A 11 -5.81 4.45 3.93
CA PHE A 11 -6.75 3.34 4.03
C PHE A 11 -6.30 2.15 3.18
N ILE A 12 -5.74 1.16 3.86
CA ILE A 12 -5.26 -0.03 3.18
C ILE A 12 -6.43 -1.00 2.99
N SER A 13 -6.59 -1.45 1.75
CA SER A 13 -7.65 -2.37 1.42
C SER A 13 -7.10 -3.52 0.57
N SER A 14 -7.90 -4.58 0.48
CA SER A 14 -7.49 -5.74 -0.30
C SER A 14 -8.74 -6.52 -0.75
N SER A 15 -8.62 -7.13 -1.92
CA SER A 15 -9.72 -7.90 -2.48
C SER A 15 -10.05 -9.08 -1.56
N LEU A 16 -9.11 -9.39 -0.69
CA LEU A 16 -9.29 -10.49 0.25
C LEU A 16 -10.34 -10.09 1.30
N ASN A 17 -10.20 -8.88 1.80
CA ASN A 17 -11.11 -8.37 2.81
C ASN A 17 -12.00 -7.29 2.18
N SER A 18 -13.30 -7.56 2.18
CA SER A 18 -14.26 -6.63 1.61
C SER A 18 -14.44 -5.44 2.56
N PHE A 19 -13.40 -4.62 2.63
CA PHE A 19 -13.44 -3.44 3.50
C PHE A 19 -12.12 -2.68 3.43
N ARG A 20 -12.04 -1.62 4.23
CA ARG A 20 -10.84 -0.80 4.27
C ARG A 20 -10.25 -0.81 5.68
N SER A 21 -8.94 -1.02 5.74
CA SER A 21 -8.24 -1.04 7.01
C SER A 21 -7.69 0.35 7.34
N GLU A 22 -7.35 0.53 8.61
CA GLU A 22 -6.82 1.81 9.05
C GLU A 22 -5.45 1.60 9.70
N LYS A 23 -4.41 1.88 8.91
CA LYS A 23 -3.05 1.72 9.39
C LYS A 23 -2.28 3.03 9.16
N ARG A 24 -1.03 3.03 9.58
CA ARG A 24 -0.19 4.20 9.43
C ARG A 24 1.19 3.79 8.90
N TYR A 25 1.77 4.67 8.09
CA TYR A 25 3.08 4.42 7.52
C TYR A 25 3.82 5.73 7.25
N SER A 26 5.12 5.71 7.51
CA SER A 26 5.96 6.88 7.29
C SER A 26 6.15 7.12 5.80
N ARG A 27 5.88 8.34 5.38
CA ARG A 27 6.02 8.71 3.98
C ARG A 27 7.40 8.30 3.46
N SER A 28 8.31 8.11 4.40
CA SER A 28 9.67 7.73 4.06
C SER A 28 9.68 6.28 3.53
N LEU A 29 8.84 5.46 4.14
CA LEU A 29 8.74 4.07 3.74
C LEU A 29 8.74 3.97 2.21
N THR A 30 9.75 3.29 1.70
CA THR A 30 9.89 3.12 0.27
C THR A 30 8.84 2.12 -0.25
N ILE A 31 8.26 2.46 -1.39
CA ILE A 31 7.24 1.62 -1.99
C ILE A 31 7.58 0.15 -1.69
N ALA A 32 8.83 -0.21 -1.94
CA ALA A 32 9.29 -1.57 -1.71
C ALA A 32 8.96 -1.96 -0.27
N GLU A 33 9.54 -1.23 0.67
CA GLU A 33 9.32 -1.49 2.08
C GLU A 33 7.83 -1.46 2.40
N PHE A 34 7.19 -0.36 2.01
CA PHE A 34 5.78 -0.19 2.24
C PHE A 34 5.02 -1.50 2.03
N LYS A 35 5.38 -2.17 0.94
CA LYS A 35 4.74 -3.44 0.60
C LYS A 35 5.03 -4.46 1.71
N CYS A 36 6.31 -4.55 2.07
CA CYS A 36 6.71 -5.47 3.11
C CYS A 36 5.76 -5.34 4.29
N LYS A 37 5.28 -4.12 4.48
CA LYS A 37 4.36 -3.84 5.57
C LYS A 37 2.99 -4.45 5.25
N LEU A 38 2.55 -4.21 4.03
CA LEU A 38 1.26 -4.73 3.58
C LEU A 38 1.27 -6.26 3.68
N GLU A 39 2.44 -6.82 3.43
CA GLU A 39 2.60 -8.27 3.49
C GLU A 39 1.94 -8.82 4.76
N LEU A 40 1.94 -7.99 5.80
CA LEU A 40 1.36 -8.38 7.07
C LEU A 40 -0.09 -7.90 7.13
N VAL A 41 -0.35 -6.82 6.40
CA VAL A 41 -1.69 -6.25 6.37
C VAL A 41 -2.61 -7.18 5.59
N VAL A 42 -2.11 -7.67 4.47
CA VAL A 42 -2.87 -8.58 3.63
C VAL A 42 -2.49 -10.02 3.95
N GLY A 43 -1.22 -10.19 4.31
CA GLY A 43 -0.71 -11.51 4.65
C GLY A 43 -0.12 -12.21 3.41
N SER A 44 -0.14 -11.48 2.31
CA SER A 44 0.39 -12.00 1.06
C SER A 44 1.77 -11.41 0.79
N PRO A 45 2.42 -11.93 -0.29
CA PRO A 45 3.75 -11.47 -0.66
C PRO A 45 3.68 -10.09 -1.33
N ALA A 46 4.62 -9.24 -0.96
CA ALA A 46 4.68 -7.89 -1.52
C ALA A 46 5.21 -7.96 -2.95
N SER A 47 5.88 -9.06 -3.25
CA SER A 47 6.43 -9.26 -4.58
C SER A 47 5.35 -9.75 -5.54
N CYS A 48 4.13 -9.79 -5.03
CA CYS A 48 3.00 -10.23 -5.83
C CYS A 48 1.92 -9.14 -5.78
N MET A 49 1.40 -8.93 -4.58
CA MET A 49 0.37 -7.92 -4.37
C MET A 49 0.72 -6.62 -5.09
N GLU A 50 -0.32 -5.92 -5.53
CA GLU A 50 -0.14 -4.66 -6.22
C GLU A 50 -0.62 -3.50 -5.36
N LEU A 51 -0.03 -2.34 -5.61
CA LEU A 51 -0.39 -1.14 -4.86
C LEU A 51 -1.14 -0.17 -5.78
N GLU A 52 -2.10 0.53 -5.20
CA GLU A 52 -2.89 1.49 -5.95
C GLU A 52 -3.15 2.74 -5.11
N LEU A 53 -3.03 3.88 -5.76
CA LEU A 53 -3.26 5.15 -5.08
C LEU A 53 -4.52 5.80 -5.64
N TYR A 54 -5.56 5.79 -4.83
CA TYR A 54 -6.83 6.38 -5.22
C TYR A 54 -7.03 7.75 -4.58
N GLY A 55 -7.73 8.62 -5.31
CA GLY A 55 -7.99 9.97 -4.82
C GLY A 55 -8.73 9.92 -3.48
N ALA A 56 -9.93 10.49 -3.50
CA ALA A 56 -10.75 10.53 -2.29
C ALA A 56 -11.90 9.54 -2.45
N ASP A 57 -12.83 9.89 -3.34
CA ASP A 57 -13.99 9.05 -3.58
C ASP A 57 -13.52 7.68 -4.10
N ASP A 58 -12.63 7.74 -5.08
CA ASP A 58 -12.09 6.53 -5.68
C ASP A 58 -11.52 6.85 -7.06
N LYS A 59 -10.75 7.93 -7.10
CA LYS A 59 -10.13 8.36 -8.35
C LYS A 59 -8.71 7.82 -8.42
N PHE A 60 -8.57 6.70 -9.11
CA PHE A 60 -7.26 6.06 -9.26
C PHE A 60 -6.28 7.01 -9.96
N TYR A 61 -5.11 7.14 -9.36
CA TYR A 61 -4.08 7.99 -9.91
C TYR A 61 -2.95 7.17 -10.54
N SER A 62 -2.08 6.65 -9.69
CA SER A 62 -0.96 5.84 -10.16
C SER A 62 -0.78 4.63 -9.23
N LYS A 63 0.07 3.72 -9.68
CA LYS A 63 0.34 2.51 -8.92
C LYS A 63 1.71 2.65 -8.24
N LEU A 64 1.73 2.33 -6.96
CA LEU A 64 2.96 2.42 -6.19
C LEU A 64 3.86 1.23 -6.54
N ASP A 65 4.56 1.37 -7.66
CA ASP A 65 5.46 0.32 -8.12
C ASP A 65 6.90 0.74 -7.86
N GLN A 66 7.24 1.93 -8.36
CA GLN A 66 8.58 2.46 -8.19
C GLN A 66 9.07 2.22 -6.76
N GLU A 67 10.11 1.40 -6.66
CA GLU A 67 10.68 1.08 -5.36
C GLU A 67 11.53 2.24 -4.85
N ASP A 68 12.28 2.83 -5.77
CA ASP A 68 13.14 3.96 -5.43
C ASP A 68 12.27 5.15 -5.04
N ALA A 69 10.99 5.04 -5.37
CA ALA A 69 10.05 6.11 -5.05
C ALA A 69 9.72 6.07 -3.55
N LEU A 70 9.55 7.26 -2.99
CA LEU A 70 9.24 7.37 -1.57
C LEU A 70 7.76 7.72 -1.41
N LEU A 71 7.11 6.99 -0.52
CA LEU A 71 5.70 7.21 -0.26
C LEU A 71 5.46 8.68 0.05
N GLY A 72 4.97 9.40 -0.95
CA GLY A 72 4.69 10.82 -0.80
C GLY A 72 4.78 11.54 -2.14
N SER A 73 5.92 11.37 -2.81
CA SER A 73 6.14 11.99 -4.11
C SER A 73 4.88 11.84 -4.97
N TYR A 74 4.14 10.78 -4.70
CA TYR A 74 2.92 10.51 -5.45
C TYR A 74 1.77 11.37 -4.96
N PRO A 75 0.66 11.37 -5.75
CA PRO A 75 -0.51 12.15 -5.40
C PRO A 75 -1.29 11.49 -4.26
N VAL A 76 -0.58 11.27 -3.16
CA VAL A 76 -1.19 10.64 -2.00
C VAL A 76 -1.42 11.70 -0.92
N ASP A 77 -2.18 11.32 0.10
CA ASP A 77 -2.48 12.22 1.19
C ASP A 77 -3.14 11.44 2.33
N ASP A 78 -2.97 11.96 3.54
CA ASP A 78 -3.54 11.33 4.71
C ASP A 78 -5.06 11.20 4.53
N GLY A 79 -5.47 10.00 4.13
CA GLY A 79 -6.89 9.74 3.92
C GLY A 79 -7.12 9.02 2.59
N CYS A 80 -6.04 8.90 1.83
CA CYS A 80 -6.12 8.23 0.53
C CYS A 80 -6.63 6.81 0.75
N ARG A 81 -6.44 5.98 -0.26
CA ARG A 81 -6.88 4.60 -0.19
C ARG A 81 -5.93 3.69 -0.98
N ILE A 82 -5.20 2.88 -0.23
CA ILE A 82 -4.25 1.96 -0.84
C ILE A 82 -4.91 0.60 -1.04
N HIS A 83 -5.34 0.35 -2.26
CA HIS A 83 -5.99 -0.91 -2.60
C HIS A 83 -4.92 -1.95 -2.97
N VAL A 84 -4.77 -2.92 -2.08
CA VAL A 84 -3.80 -3.99 -2.31
C VAL A 84 -4.46 -5.13 -3.07
N ILE A 85 -4.11 -5.25 -4.33
CA ILE A 85 -4.66 -6.29 -5.17
C ILE A 85 -3.94 -7.61 -4.88
N ASP A 86 -4.62 -8.47 -4.13
CA ASP A 86 -4.05 -9.76 -3.77
C ASP A 86 -3.64 -10.50 -5.04
N HIS A 87 -2.35 -10.43 -5.33
CA HIS A 87 -1.81 -11.08 -6.51
C HIS A 87 -1.34 -12.49 -6.14
N SER A 88 -1.78 -12.95 -5.00
CA SER A 88 -1.41 -14.27 -4.52
C SER A 88 -2.64 -15.19 -4.53
N GLY A 89 -3.76 -14.63 -4.10
CA GLY A 89 -4.99 -15.39 -4.06
C GLY A 89 -5.36 -15.94 -5.44
N SER A 90 -6.12 -15.15 -6.18
CA SER A 90 -6.54 -15.54 -7.51
C SER A 90 -5.96 -14.58 -8.55
N GLY A 91 -5.03 -15.09 -9.34
CA GLY A 91 -4.39 -14.30 -10.37
C GLY A 91 -3.52 -15.16 -11.27
N PRO A 92 -2.86 -14.49 -12.25
CA PRO A 92 -1.99 -15.18 -13.18
C PRO A 92 -0.66 -15.58 -12.51
N SER A 93 0.18 -16.24 -13.29
CA SER A 93 1.48 -16.67 -12.79
C SER A 93 2.58 -16.27 -13.77
N SER A 94 3.69 -15.81 -13.20
CA SER A 94 4.81 -15.39 -14.01
C SER A 94 6.12 -15.81 -13.34
N GLY A 95 6.67 -16.91 -13.83
CA GLY A 95 7.91 -17.43 -13.29
C GLY A 95 8.61 -18.34 -14.31
N GLY A 1 19.96 3.09 8.23
CA GLY A 1 19.25 4.34 8.30
C GLY A 1 17.97 4.20 9.13
N SER A 2 17.20 5.29 9.18
CA SER A 2 15.96 5.29 9.93
C SER A 2 15.05 6.41 9.42
N SER A 3 13.79 6.35 9.85
CA SER A 3 12.81 7.35 9.43
C SER A 3 12.26 8.07 10.66
N GLY A 4 12.33 9.39 10.62
CA GLY A 4 11.83 10.20 11.72
C GLY A 4 10.83 11.23 11.23
N SER A 5 9.61 10.77 11.00
CA SER A 5 8.54 11.63 10.54
C SER A 5 7.25 11.34 11.30
N SER A 6 6.32 12.28 11.21
CA SER A 6 5.05 12.13 11.89
C SER A 6 4.31 10.89 11.37
N GLY A 7 4.11 10.88 10.06
CA GLY A 7 3.44 9.75 9.43
C GLY A 7 2.18 10.23 8.68
N VAL A 8 1.71 9.35 7.80
CA VAL A 8 0.52 9.66 7.02
C VAL A 8 -0.48 8.52 7.13
N MET A 9 -1.71 8.87 7.45
CA MET A 9 -2.77 7.87 7.59
C MET A 9 -3.41 7.57 6.24
N VAL A 10 -3.27 6.32 5.83
CA VAL A 10 -3.83 5.88 4.56
C VAL A 10 -4.74 4.67 4.79
N PHE A 11 -5.74 4.55 3.93
CA PHE A 11 -6.68 3.45 4.03
C PHE A 11 -6.23 2.26 3.18
N ILE A 12 -5.70 1.25 3.86
CA ILE A 12 -5.22 0.06 3.18
C ILE A 12 -6.40 -0.90 2.97
N SER A 13 -6.47 -1.44 1.76
CA SER A 13 -7.53 -2.37 1.42
C SER A 13 -6.96 -3.57 0.68
N SER A 14 -7.85 -4.47 0.28
CA SER A 14 -7.44 -5.66 -0.43
C SER A 14 -8.67 -6.40 -0.96
N SER A 15 -8.43 -7.27 -1.93
CA SER A 15 -9.52 -8.04 -2.53
C SER A 15 -9.83 -9.26 -1.67
N LEU A 16 -8.90 -9.57 -0.78
CA LEU A 16 -9.07 -10.70 0.12
C LEU A 16 -10.19 -10.42 1.11
N ASN A 17 -9.96 -9.40 1.93
CA ASN A 17 -10.94 -9.00 2.93
C ASN A 17 -12.11 -8.29 2.24
N SER A 18 -11.76 -7.51 1.22
CA SER A 18 -12.75 -6.76 0.48
C SER A 18 -13.27 -5.60 1.32
N PHE A 19 -12.39 -5.07 2.15
CA PHE A 19 -12.75 -3.95 3.01
C PHE A 19 -11.58 -2.98 3.16
N ARG A 20 -11.88 -1.86 3.82
CA ARG A 20 -10.85 -0.83 4.03
C ARG A 20 -10.34 -0.90 5.47
N SER A 21 -9.02 -0.95 5.59
CA SER A 21 -8.40 -1.01 6.90
C SER A 21 -7.80 0.35 7.26
N GLU A 22 -7.36 0.46 8.51
CA GLU A 22 -6.77 1.70 8.99
C GLU A 22 -5.35 1.44 9.49
N LYS A 23 -4.38 1.76 8.63
CA LYS A 23 -2.99 1.58 8.97
C LYS A 23 -2.26 2.91 8.83
N ARG A 24 -0.99 2.90 9.23
CA ARG A 24 -0.17 4.10 9.15
C ARG A 24 1.23 3.76 8.64
N TYR A 25 1.81 4.70 7.90
CA TYR A 25 3.13 4.51 7.35
C TYR A 25 3.84 5.84 7.17
N SER A 26 5.16 5.80 7.28
CA SER A 26 5.97 7.00 7.12
C SER A 26 6.11 7.35 5.64
N ARG A 27 6.22 8.65 5.37
CA ARG A 27 6.36 9.12 4.00
C ARG A 27 7.76 8.82 3.47
N SER A 28 8.57 8.23 4.34
CA SER A 28 9.93 7.88 3.97
C SER A 28 10.03 6.37 3.71
N LEU A 29 8.90 5.70 3.88
CA LEU A 29 8.85 4.26 3.67
C LEU A 29 8.85 3.97 2.17
N THR A 30 9.93 3.37 1.70
CA THR A 30 10.06 3.03 0.31
C THR A 30 8.91 2.13 -0.14
N ILE A 31 8.33 2.46 -1.27
CA ILE A 31 7.22 1.69 -1.81
C ILE A 31 7.48 0.21 -1.57
N ALA A 32 8.73 -0.19 -1.81
CA ALA A 32 9.12 -1.58 -1.62
C ALA A 32 8.90 -1.98 -0.16
N GLU A 33 9.45 -1.16 0.74
CA GLU A 33 9.32 -1.41 2.15
C GLU A 33 7.85 -1.35 2.57
N PHE A 34 7.18 -0.30 2.13
CA PHE A 34 5.78 -0.11 2.45
C PHE A 34 5.00 -1.42 2.26
N LYS A 35 5.23 -2.05 1.13
CA LYS A 35 4.56 -3.31 0.82
C LYS A 35 4.90 -4.34 1.88
N CYS A 36 6.17 -4.38 2.25
CA CYS A 36 6.64 -5.31 3.25
C CYS A 36 5.69 -5.26 4.44
N LYS A 37 5.20 -4.06 4.71
CA LYS A 37 4.28 -3.86 5.82
C LYS A 37 2.91 -4.44 5.44
N LEU A 38 2.55 -4.25 4.19
CA LEU A 38 1.27 -4.74 3.69
C LEU A 38 1.29 -6.27 3.70
N GLU A 39 2.48 -6.82 3.55
CA GLU A 39 2.65 -8.26 3.54
C GLU A 39 1.93 -8.88 4.75
N LEU A 40 1.89 -8.12 5.83
CA LEU A 40 1.24 -8.59 7.05
C LEU A 40 -0.22 -8.12 7.05
N VAL A 41 -0.47 -7.07 6.30
CA VAL A 41 -1.82 -6.53 6.20
C VAL A 41 -2.70 -7.50 5.44
N VAL A 42 -2.15 -8.04 4.36
CA VAL A 42 -2.87 -8.98 3.53
C VAL A 42 -2.34 -10.39 3.78
N GLY A 43 -1.22 -10.45 4.48
CA GLY A 43 -0.59 -11.71 4.80
C GLY A 43 -0.02 -12.37 3.54
N SER A 44 0.06 -11.57 2.48
CA SER A 44 0.58 -12.05 1.22
C SER A 44 1.95 -11.42 0.95
N PRO A 45 2.61 -11.92 -0.13
CA PRO A 45 3.92 -11.41 -0.51
C PRO A 45 3.80 -10.03 -1.18
N ALA A 46 4.70 -9.15 -0.79
CA ALA A 46 4.71 -7.80 -1.33
C ALA A 46 5.32 -7.82 -2.74
N SER A 47 6.08 -8.89 -2.99
CA SER A 47 6.72 -9.05 -4.29
C SER A 47 5.72 -9.57 -5.31
N CYS A 48 4.48 -9.71 -4.86
CA CYS A 48 3.42 -10.19 -5.75
C CYS A 48 2.30 -9.14 -5.75
N MET A 49 1.69 -8.97 -4.59
CA MET A 49 0.60 -8.01 -4.46
C MET A 49 0.95 -6.68 -5.14
N GLU A 50 -0.08 -5.91 -5.43
CA GLU A 50 0.10 -4.63 -6.08
C GLU A 50 -0.45 -3.50 -5.19
N LEU A 51 -0.09 -2.28 -5.55
CA LEU A 51 -0.54 -1.11 -4.81
C LEU A 51 -1.36 -0.21 -5.72
N GLU A 52 -2.11 0.68 -5.11
CA GLU A 52 -2.94 1.62 -5.85
C GLU A 52 -3.21 2.87 -5.02
N LEU A 53 -3.08 4.02 -5.68
CA LEU A 53 -3.30 5.29 -5.01
C LEU A 53 -4.59 5.91 -5.54
N TYR A 54 -5.63 5.82 -4.73
CA TYR A 54 -6.92 6.37 -5.10
C TYR A 54 -7.16 7.73 -4.43
N GLY A 55 -7.79 8.62 -5.18
CA GLY A 55 -8.08 9.95 -4.68
C GLY A 55 -9.14 9.91 -3.58
N ALA A 56 -10.14 10.76 -3.73
CA ALA A 56 -11.22 10.83 -2.76
C ALA A 56 -12.34 9.86 -3.17
N ASP A 57 -13.03 10.23 -4.23
CA ASP A 57 -14.12 9.42 -4.74
C ASP A 57 -13.54 8.18 -5.44
N ASP A 58 -12.76 7.42 -4.69
CA ASP A 58 -12.13 6.23 -5.24
C ASP A 58 -11.70 6.49 -6.69
N LYS A 59 -10.85 7.49 -6.84
CA LYS A 59 -10.36 7.86 -8.15
C LYS A 59 -8.87 7.47 -8.26
N PHE A 60 -8.63 6.48 -9.12
CA PHE A 60 -7.26 6.01 -9.32
C PHE A 60 -6.37 7.12 -9.87
N TYR A 61 -5.19 7.24 -9.27
CA TYR A 61 -4.24 8.25 -9.69
C TYR A 61 -3.03 7.62 -10.38
N SER A 62 -2.26 6.89 -9.59
CA SER A 62 -1.07 6.23 -10.11
C SER A 62 -0.82 4.93 -9.34
N LYS A 63 0.10 4.14 -9.86
CA LYS A 63 0.44 2.87 -9.24
C LYS A 63 1.77 3.02 -8.49
N LEU A 64 1.75 2.57 -7.24
CA LEU A 64 2.94 2.64 -6.40
C LEU A 64 3.85 1.45 -6.72
N ASP A 65 4.42 1.49 -7.92
CA ASP A 65 5.31 0.42 -8.35
C ASP A 65 6.77 0.83 -8.07
N GLN A 66 7.06 2.08 -8.36
CA GLN A 66 8.40 2.61 -8.15
C GLN A 66 8.89 2.23 -6.75
N GLU A 67 9.86 1.32 -6.72
CA GLU A 67 10.43 0.87 -5.47
C GLU A 67 11.39 1.92 -4.91
N ASP A 68 12.04 2.63 -5.83
CA ASP A 68 12.98 3.66 -5.45
C ASP A 68 12.23 4.92 -5.03
N ALA A 69 10.90 4.82 -5.08
CA ALA A 69 10.05 5.94 -4.72
C ALA A 69 9.78 5.89 -3.21
N LEU A 70 9.12 6.93 -2.73
CA LEU A 70 8.80 7.03 -1.31
C LEU A 70 7.39 7.59 -1.16
N LEU A 71 6.72 7.14 -0.09
CA LEU A 71 5.37 7.59 0.18
C LEU A 71 5.37 9.11 0.37
N GLY A 72 4.64 9.79 -0.52
CA GLY A 72 4.56 11.24 -0.46
C GLY A 72 4.79 11.86 -1.84
N SER A 73 5.95 11.53 -2.41
CA SER A 73 6.29 12.04 -3.71
C SER A 73 5.10 11.93 -4.66
N TYR A 74 4.23 10.98 -4.36
CA TYR A 74 3.04 10.76 -5.18
C TYR A 74 1.90 11.66 -4.72
N PRO A 75 0.83 11.71 -5.56
CA PRO A 75 -0.33 12.51 -5.26
C PRO A 75 -1.19 11.87 -4.16
N VAL A 76 -0.54 11.60 -3.03
CA VAL A 76 -1.22 10.98 -1.91
C VAL A 76 -1.50 12.05 -0.85
N ASP A 77 -2.18 11.61 0.21
CA ASP A 77 -2.52 12.52 1.29
C ASP A 77 -3.20 11.72 2.41
N ASP A 78 -2.88 12.09 3.64
CA ASP A 78 -3.44 11.43 4.80
C ASP A 78 -4.97 11.36 4.65
N GLY A 79 -5.43 10.22 4.17
CA GLY A 79 -6.85 10.01 3.97
C GLY A 79 -7.11 9.24 2.67
N CYS A 80 -6.09 9.18 1.83
CA CYS A 80 -6.21 8.48 0.57
C CYS A 80 -6.59 7.03 0.84
N ARG A 81 -6.51 6.21 -0.20
CA ARG A 81 -6.85 4.81 -0.08
C ARG A 81 -5.83 3.96 -0.84
N ILE A 82 -5.23 3.02 -0.12
CA ILE A 82 -4.25 2.13 -0.72
C ILE A 82 -4.86 0.74 -0.90
N HIS A 83 -5.28 0.47 -2.13
CA HIS A 83 -5.88 -0.82 -2.45
C HIS A 83 -4.79 -1.80 -2.86
N VAL A 84 -4.76 -2.93 -2.15
CA VAL A 84 -3.77 -3.96 -2.43
C VAL A 84 -4.41 -5.04 -3.30
N ILE A 85 -3.76 -5.33 -4.42
CA ILE A 85 -4.25 -6.34 -5.34
C ILE A 85 -3.56 -7.67 -5.05
N ASP A 86 -4.29 -8.55 -4.38
CA ASP A 86 -3.75 -9.86 -4.03
C ASP A 86 -3.32 -10.58 -5.31
N HIS A 87 -2.01 -10.61 -5.53
CA HIS A 87 -1.46 -11.26 -6.70
C HIS A 87 -0.98 -12.66 -6.33
N SER A 88 -1.34 -13.08 -5.11
CA SER A 88 -0.95 -14.39 -4.62
C SER A 88 -2.15 -15.10 -4.02
N GLY A 89 -3.05 -15.55 -4.89
CA GLY A 89 -4.25 -16.25 -4.46
C GLY A 89 -3.97 -17.73 -4.28
N SER A 90 -3.66 -18.10 -3.04
CA SER A 90 -3.38 -19.49 -2.72
C SER A 90 -3.78 -19.79 -1.27
N GLY A 91 -4.44 -20.92 -1.09
CA GLY A 91 -4.87 -21.33 0.23
C GLY A 91 -3.68 -21.74 1.10
N PRO A 92 -3.99 -22.03 2.40
CA PRO A 92 -2.96 -22.43 3.34
C PRO A 92 -2.53 -23.87 3.08
N SER A 93 -1.65 -24.04 2.10
CA SER A 93 -1.14 -25.36 1.75
C SER A 93 0.37 -25.39 1.88
N SER A 94 0.83 -25.67 3.10
CA SER A 94 2.25 -25.74 3.37
C SER A 94 2.97 -26.47 2.22
N GLY A 95 4.11 -25.94 1.85
CA GLY A 95 4.90 -26.53 0.78
C GLY A 95 6.31 -26.90 1.27
N GLY A 1 9.32 5.85 23.55
CA GLY A 1 8.83 6.58 22.40
C GLY A 1 9.27 5.93 21.09
N SER A 2 9.63 6.77 20.14
CA SER A 2 10.08 6.30 18.84
C SER A 2 11.01 7.32 18.20
N SER A 3 10.49 8.53 18.04
CA SER A 3 11.26 9.60 17.43
C SER A 3 11.76 9.17 16.05
N GLY A 4 10.90 9.36 15.07
CA GLY A 4 11.24 8.99 13.70
C GLY A 4 10.84 10.10 12.72
N SER A 5 9.61 9.99 12.23
CA SER A 5 9.08 10.96 11.29
C SER A 5 7.56 10.84 11.20
N SER A 6 6.90 11.98 11.14
CA SER A 6 5.46 12.02 11.06
C SER A 6 4.97 11.04 9.98
N GLY A 7 3.96 10.27 10.34
CA GLY A 7 3.40 9.30 9.42
C GLY A 7 2.20 9.88 8.68
N VAL A 8 1.65 9.07 7.78
CA VAL A 8 0.50 9.49 6.99
C VAL A 8 -0.58 8.42 7.08
N MET A 9 -1.78 8.87 7.43
CA MET A 9 -2.91 7.97 7.56
C MET A 9 -3.48 7.60 6.17
N VAL A 10 -3.27 6.34 5.81
CA VAL A 10 -3.75 5.85 4.53
C VAL A 10 -4.68 4.65 4.76
N PHE A 11 -5.68 4.54 3.89
CA PHE A 11 -6.63 3.45 3.99
C PHE A 11 -6.20 2.26 3.15
N ILE A 12 -5.69 1.25 3.82
CA ILE A 12 -5.24 0.04 3.15
C ILE A 12 -6.43 -0.89 2.91
N SER A 13 -6.48 -1.42 1.70
CA SER A 13 -7.56 -2.33 1.33
C SER A 13 -7.00 -3.53 0.58
N SER A 14 -7.73 -4.63 0.66
CA SER A 14 -7.33 -5.86 0.00
C SER A 14 -8.55 -6.62 -0.49
N SER A 15 -8.40 -7.22 -1.67
CA SER A 15 -9.48 -7.99 -2.26
C SER A 15 -9.71 -9.28 -1.48
N LEU A 16 -8.79 -9.54 -0.56
CA LEU A 16 -8.88 -10.74 0.27
C LEU A 16 -9.91 -10.53 1.37
N ASN A 17 -9.81 -9.36 2.01
CA ASN A 17 -10.73 -9.03 3.09
C ASN A 17 -11.94 -8.29 2.51
N SER A 18 -11.70 -7.63 1.39
CA SER A 18 -12.75 -6.88 0.72
C SER A 18 -13.29 -5.80 1.64
N PHE A 19 -12.36 -5.02 2.18
CA PHE A 19 -12.73 -3.94 3.09
C PHE A 19 -11.57 -2.94 3.25
N ARG A 20 -11.91 -1.78 3.77
CA ARG A 20 -10.91 -0.74 3.99
C ARG A 20 -10.38 -0.79 5.42
N SER A 21 -9.07 -0.92 5.52
CA SER A 21 -8.43 -0.98 6.83
C SER A 21 -7.86 0.39 7.20
N GLU A 22 -7.47 0.50 8.46
CA GLU A 22 -6.91 1.75 8.96
C GLU A 22 -5.51 1.52 9.53
N LYS A 23 -4.52 1.84 8.71
CA LYS A 23 -3.14 1.68 9.12
C LYS A 23 -2.40 3.00 8.94
N ARG A 24 -1.14 3.00 9.36
CA ARG A 24 -0.32 4.19 9.26
C ARG A 24 1.10 3.82 8.81
N TYR A 25 1.71 4.73 8.06
CA TYR A 25 3.06 4.50 7.57
C TYR A 25 3.78 5.84 7.34
N SER A 26 5.10 5.77 7.41
CA SER A 26 5.92 6.96 7.22
C SER A 26 6.03 7.27 5.71
N ARG A 27 6.14 8.56 5.42
CA ARG A 27 6.24 9.00 4.04
C ARG A 27 7.64 8.70 3.50
N SER A 28 8.48 8.16 4.37
CA SER A 28 9.84 7.82 4.00
C SER A 28 9.95 6.31 3.73
N LEU A 29 8.83 5.63 3.90
CA LEU A 29 8.79 4.19 3.67
C LEU A 29 8.79 3.92 2.17
N THR A 30 9.90 3.33 1.71
CA THR A 30 10.04 3.01 0.31
C THR A 30 8.89 2.10 -0.16
N ILE A 31 8.32 2.45 -1.30
CA ILE A 31 7.23 1.68 -1.85
C ILE A 31 7.47 0.19 -1.59
N ALA A 32 8.71 -0.22 -1.81
CA ALA A 32 9.09 -1.61 -1.61
C ALA A 32 8.86 -1.97 -0.14
N GLU A 33 9.45 -1.18 0.74
CA GLU A 33 9.32 -1.41 2.17
C GLU A 33 7.85 -1.33 2.59
N PHE A 34 7.19 -0.29 2.10
CA PHE A 34 5.78 -0.08 2.41
C PHE A 34 4.98 -1.37 2.25
N LYS A 35 5.22 -2.04 1.13
CA LYS A 35 4.53 -3.27 0.85
C LYS A 35 4.90 -4.32 1.89
N CYS A 36 6.20 -4.40 2.17
CA CYS A 36 6.71 -5.34 3.14
C CYS A 36 5.79 -5.30 4.38
N LYS A 37 5.27 -4.11 4.64
CA LYS A 37 4.40 -3.91 5.78
C LYS A 37 3.02 -4.50 5.46
N LEU A 38 2.54 -4.21 4.26
CA LEU A 38 1.25 -4.71 3.82
C LEU A 38 1.27 -6.24 3.80
N GLU A 39 2.45 -6.77 3.51
CA GLU A 39 2.62 -8.21 3.46
C GLU A 39 1.94 -8.87 4.66
N LEU A 40 1.99 -8.17 5.78
CA LEU A 40 1.38 -8.67 7.00
C LEU A 40 -0.09 -8.29 7.03
N VAL A 41 -0.36 -7.06 6.62
CA VAL A 41 -1.72 -6.55 6.60
C VAL A 41 -2.62 -7.57 5.89
N VAL A 42 -2.10 -8.11 4.79
CA VAL A 42 -2.85 -9.08 4.02
C VAL A 42 -2.30 -10.49 4.32
N GLY A 43 -1.02 -10.53 4.63
CA GLY A 43 -0.37 -11.79 4.94
C GLY A 43 0.17 -12.45 3.66
N SER A 44 0.34 -11.63 2.64
CA SER A 44 0.85 -12.12 1.37
C SER A 44 2.16 -11.42 1.02
N PRO A 45 2.79 -11.90 -0.09
CA PRO A 45 4.05 -11.34 -0.54
C PRO A 45 3.82 -9.98 -1.21
N ALA A 46 4.73 -9.05 -0.92
CA ALA A 46 4.64 -7.71 -1.48
C ALA A 46 5.18 -7.74 -2.92
N SER A 47 5.97 -8.75 -3.20
CA SER A 47 6.55 -8.91 -4.52
C SER A 47 5.53 -9.53 -5.48
N CYS A 48 4.32 -9.71 -4.96
CA CYS A 48 3.25 -10.27 -5.75
C CYS A 48 2.09 -9.28 -5.80
N MET A 49 1.61 -8.93 -4.62
CA MET A 49 0.51 -7.99 -4.50
C MET A 49 0.86 -6.66 -5.16
N GLU A 50 -0.16 -6.00 -5.69
CA GLU A 50 0.02 -4.72 -6.35
C GLU A 50 -0.55 -3.59 -5.49
N LEU A 51 -0.05 -2.39 -5.74
CA LEU A 51 -0.51 -1.23 -5.00
C LEU A 51 -1.22 -0.26 -5.95
N GLU A 52 -1.97 0.65 -5.37
CA GLU A 52 -2.71 1.63 -6.14
C GLU A 52 -3.04 2.86 -5.29
N LEU A 53 -2.93 4.02 -5.91
CA LEU A 53 -3.22 5.26 -5.22
C LEU A 53 -4.57 5.81 -5.70
N TYR A 54 -5.40 6.19 -4.74
CA TYR A 54 -6.71 6.72 -5.05
C TYR A 54 -6.88 8.12 -4.47
N GLY A 55 -7.71 8.92 -5.14
CA GLY A 55 -7.97 10.28 -4.69
C GLY A 55 -8.87 10.29 -3.45
N ALA A 56 -9.96 11.03 -3.57
CA ALA A 56 -10.90 11.13 -2.47
C ALA A 56 -12.09 10.19 -2.73
N ASP A 57 -12.89 10.58 -3.72
CA ASP A 57 -14.06 9.79 -4.08
C ASP A 57 -13.61 8.52 -4.81
N ASP A 58 -12.78 7.75 -4.12
CA ASP A 58 -12.27 6.51 -4.70
C ASP A 58 -11.96 6.73 -6.18
N LYS A 59 -10.92 7.53 -6.41
CA LYS A 59 -10.51 7.82 -7.78
C LYS A 59 -9.05 7.38 -7.97
N PHE A 60 -8.89 6.33 -8.77
CA PHE A 60 -7.57 5.80 -9.05
C PHE A 60 -6.65 6.89 -9.61
N TYR A 61 -5.42 6.89 -9.11
CA TYR A 61 -4.43 7.87 -9.55
C TYR A 61 -3.28 7.18 -10.27
N SER A 62 -2.42 6.54 -9.49
CA SER A 62 -1.27 5.85 -10.04
C SER A 62 -1.04 4.55 -9.28
N LYS A 63 -0.15 3.72 -9.83
CA LYS A 63 0.17 2.45 -9.21
C LYS A 63 1.56 2.53 -8.57
N LEU A 64 1.59 2.20 -7.29
CA LEU A 64 2.84 2.24 -6.54
C LEU A 64 3.72 1.07 -6.97
N ASP A 65 4.10 1.09 -8.24
CA ASP A 65 4.94 0.03 -8.79
C ASP A 65 6.40 0.28 -8.39
N GLN A 66 6.81 1.53 -8.56
CA GLN A 66 8.17 1.92 -8.23
C GLN A 66 8.57 1.35 -6.86
N GLU A 67 9.83 0.99 -6.75
CA GLU A 67 10.34 0.45 -5.50
C GLU A 67 11.32 1.42 -4.85
N ASP A 68 12.00 2.18 -5.70
CA ASP A 68 12.97 3.15 -5.22
C ASP A 68 12.25 4.45 -4.85
N ALA A 69 10.93 4.42 -5.00
CA ALA A 69 10.12 5.57 -4.69
C ALA A 69 9.84 5.61 -3.18
N LEU A 70 9.14 6.66 -2.77
CA LEU A 70 8.81 6.82 -1.36
C LEU A 70 7.38 7.36 -1.25
N LEU A 71 6.76 7.02 -0.12
CA LEU A 71 5.40 7.46 0.13
C LEU A 71 5.37 8.98 0.29
N GLY A 72 4.75 9.63 -0.69
CA GLY A 72 4.65 11.09 -0.68
C GLY A 72 4.84 11.66 -2.08
N SER A 73 5.96 11.32 -2.68
CA SER A 73 6.27 11.80 -4.02
C SER A 73 5.03 11.67 -4.92
N TYR A 74 4.18 10.71 -4.57
CA TYR A 74 2.97 10.47 -5.33
C TYR A 74 1.83 11.38 -4.84
N PRO A 75 0.74 11.41 -5.65
CA PRO A 75 -0.41 12.22 -5.32
C PRO A 75 -1.23 11.57 -4.19
N VAL A 76 -0.55 11.34 -3.08
CA VAL A 76 -1.20 10.73 -1.93
C VAL A 76 -1.48 11.80 -0.88
N ASP A 77 -2.08 11.38 0.22
CA ASP A 77 -2.41 12.29 1.30
C ASP A 77 -2.99 11.49 2.47
N ASP A 78 -2.98 12.13 3.64
CA ASP A 78 -3.49 11.49 4.84
C ASP A 78 -5.01 11.34 4.72
N GLY A 79 -5.42 10.21 4.17
CA GLY A 79 -6.83 9.93 4.00
C GLY A 79 -7.08 9.16 2.69
N CYS A 80 -6.07 9.17 1.84
CA CYS A 80 -6.17 8.48 0.56
C CYS A 80 -6.48 7.01 0.83
N ARG A 81 -6.40 6.22 -0.24
CA ARG A 81 -6.68 4.79 -0.12
C ARG A 81 -5.64 4.00 -0.91
N ILE A 82 -5.20 2.90 -0.31
CA ILE A 82 -4.21 2.05 -0.96
C ILE A 82 -4.81 0.66 -1.17
N HIS A 83 -5.25 0.42 -2.41
CA HIS A 83 -5.85 -0.86 -2.75
C HIS A 83 -4.75 -1.87 -3.06
N VAL A 84 -4.88 -3.04 -2.46
CA VAL A 84 -3.91 -4.10 -2.67
C VAL A 84 -4.54 -5.22 -3.49
N ILE A 85 -3.94 -5.46 -4.64
CA ILE A 85 -4.44 -6.50 -5.53
C ILE A 85 -3.80 -7.84 -5.16
N ASP A 86 -4.58 -8.66 -4.47
CA ASP A 86 -4.10 -9.97 -4.05
C ASP A 86 -3.58 -10.74 -5.26
N HIS A 87 -2.26 -10.81 -5.36
CA HIS A 87 -1.63 -11.51 -6.46
C HIS A 87 -1.17 -12.88 -6.00
N SER A 88 -1.47 -13.19 -4.74
CA SER A 88 -1.10 -14.47 -4.17
C SER A 88 -2.34 -15.21 -3.67
N GLY A 89 -3.06 -15.80 -4.62
CA GLY A 89 -4.27 -16.53 -4.29
C GLY A 89 -4.08 -18.03 -4.54
N SER A 90 -3.67 -18.72 -3.49
CA SER A 90 -3.45 -20.16 -3.57
C SER A 90 -3.97 -20.84 -2.31
N GLY A 91 -4.29 -22.12 -2.47
CA GLY A 91 -4.80 -22.89 -1.35
C GLY A 91 -3.76 -23.91 -0.87
N PRO A 92 -3.74 -25.09 -1.55
CA PRO A 92 -2.80 -26.13 -1.20
C PRO A 92 -1.39 -25.80 -1.68
N SER A 93 -0.61 -25.24 -0.77
CA SER A 93 0.76 -24.86 -1.08
C SER A 93 1.69 -25.31 0.05
N SER A 94 2.88 -25.72 -0.36
CA SER A 94 3.88 -26.18 0.60
C SER A 94 3.27 -27.23 1.54
N GLY A 95 4.07 -27.65 2.50
CA GLY A 95 3.62 -28.66 3.45
C GLY A 95 4.79 -29.17 4.30
N GLY A 1 5.21 24.17 10.09
CA GLY A 1 5.72 23.18 11.01
C GLY A 1 6.82 22.32 10.35
N SER A 2 7.59 21.65 11.19
CA SER A 2 8.66 20.81 10.70
C SER A 2 8.25 19.34 10.81
N SER A 3 7.64 18.84 9.75
CA SER A 3 7.20 17.46 9.70
C SER A 3 8.39 16.54 9.43
N GLY A 4 8.36 15.39 10.08
CA GLY A 4 9.44 14.42 9.92
C GLY A 4 8.97 13.02 10.36
N SER A 5 9.16 12.76 11.64
CA SER A 5 8.78 11.47 12.20
C SER A 5 7.35 11.55 12.77
N SER A 6 6.39 11.32 11.89
CA SER A 6 4.99 11.36 12.29
C SER A 6 4.23 10.20 11.63
N GLY A 7 4.13 10.28 10.31
CA GLY A 7 3.42 9.26 9.54
C GLY A 7 2.22 9.85 8.82
N VAL A 8 1.66 9.05 7.92
CA VAL A 8 0.52 9.48 7.14
C VAL A 8 -0.56 8.39 7.19
N MET A 9 -1.74 8.79 7.65
CA MET A 9 -2.85 7.86 7.75
C MET A 9 -3.46 7.56 6.38
N VAL A 10 -3.22 6.34 5.92
CA VAL A 10 -3.73 5.91 4.64
C VAL A 10 -4.69 4.74 4.83
N PHE A 11 -5.69 4.69 3.96
CA PHE A 11 -6.69 3.62 4.02
C PHE A 11 -6.29 2.44 3.14
N ILE A 12 -5.80 1.40 3.78
CA ILE A 12 -5.38 0.21 3.06
C ILE A 12 -6.60 -0.69 2.82
N SER A 13 -6.52 -1.45 1.74
CA SER A 13 -7.60 -2.36 1.38
C SER A 13 -7.07 -3.51 0.53
N SER A 14 -7.89 -4.53 0.38
CA SER A 14 -7.52 -5.69 -0.41
C SER A 14 -8.77 -6.39 -0.93
N SER A 15 -8.59 -7.10 -2.04
CA SER A 15 -9.69 -7.82 -2.65
C SER A 15 -10.13 -8.97 -1.75
N LEU A 16 -9.19 -9.45 -0.94
CA LEU A 16 -9.47 -10.53 -0.02
C LEU A 16 -10.58 -10.11 0.94
N ASN A 17 -10.33 -9.03 1.64
CA ASN A 17 -11.29 -8.51 2.60
C ASN A 17 -12.10 -7.39 1.95
N SER A 18 -13.41 -7.61 1.90
CA SER A 18 -14.30 -6.63 1.31
C SER A 18 -14.55 -5.48 2.28
N PHE A 19 -13.46 -4.80 2.62
CA PHE A 19 -13.54 -3.68 3.55
C PHE A 19 -12.24 -2.87 3.52
N ARG A 20 -12.25 -1.79 4.29
CA ARG A 20 -11.09 -0.91 4.37
C ARG A 20 -10.49 -0.96 5.77
N SER A 21 -9.16 -0.89 5.83
CA SER A 21 -8.46 -0.93 7.09
C SER A 21 -7.83 0.44 7.39
N GLU A 22 -7.43 0.62 8.63
CA GLU A 22 -6.81 1.86 9.05
C GLU A 22 -5.42 1.60 9.63
N LYS A 23 -4.42 1.82 8.79
CA LYS A 23 -3.04 1.62 9.20
C LYS A 23 -2.25 2.92 9.03
N ARG A 24 -1.01 2.89 9.48
CA ARG A 24 -0.16 4.06 9.38
C ARG A 24 1.24 3.65 8.88
N TYR A 25 1.82 4.52 8.07
CA TYR A 25 3.15 4.27 7.53
C TYR A 25 3.90 5.58 7.28
N SER A 26 5.16 5.59 7.69
CA SER A 26 5.99 6.77 7.51
C SER A 26 6.24 7.01 6.02
N ARG A 27 6.07 8.27 5.62
CA ARG A 27 6.28 8.64 4.23
C ARG A 27 7.65 8.18 3.75
N SER A 28 8.52 7.91 4.71
CA SER A 28 9.87 7.45 4.40
C SER A 28 9.82 6.01 3.86
N LEU A 29 8.92 5.22 4.45
CA LEU A 29 8.77 3.84 4.04
C LEU A 29 8.80 3.75 2.51
N THR A 30 9.86 3.15 1.99
CA THR A 30 10.02 3.01 0.56
C THR A 30 8.94 2.09 0.00
N ILE A 31 8.40 2.50 -1.14
CA ILE A 31 7.35 1.73 -1.79
C ILE A 31 7.61 0.23 -1.56
N ALA A 32 8.87 -0.15 -1.71
CA ALA A 32 9.25 -1.53 -1.51
C ALA A 32 8.97 -1.95 -0.06
N GLU A 33 9.60 -1.22 0.86
CA GLU A 33 9.41 -1.50 2.27
C GLU A 33 7.93 -1.44 2.64
N PHE A 34 7.26 -0.43 2.12
CA PHE A 34 5.84 -0.25 2.38
C PHE A 34 5.08 -1.56 2.18
N LYS A 35 5.34 -2.19 1.05
CA LYS A 35 4.68 -3.45 0.72
C LYS A 35 5.03 -4.48 1.80
N CYS A 36 6.30 -4.57 2.12
CA CYS A 36 6.77 -5.51 3.13
C CYS A 36 5.83 -5.40 4.35
N LYS A 37 5.38 -4.18 4.60
CA LYS A 37 4.49 -3.93 5.72
C LYS A 37 3.10 -4.49 5.40
N LEU A 38 2.63 -4.16 4.20
CA LEU A 38 1.32 -4.62 3.76
C LEU A 38 1.30 -6.15 3.77
N GLU A 39 2.43 -6.73 3.40
CA GLU A 39 2.56 -8.18 3.36
C GLU A 39 1.83 -8.81 4.55
N LEU A 40 1.95 -8.15 5.69
CA LEU A 40 1.32 -8.63 6.91
C LEU A 40 -0.16 -8.21 6.91
N VAL A 41 -0.38 -6.98 6.49
CA VAL A 41 -1.74 -6.44 6.44
C VAL A 41 -2.64 -7.43 5.70
N VAL A 42 -2.23 -7.77 4.49
CA VAL A 42 -2.99 -8.71 3.68
C VAL A 42 -2.50 -10.13 3.96
N GLY A 43 -1.31 -10.22 4.51
CA GLY A 43 -0.72 -11.51 4.83
C GLY A 43 -0.19 -12.19 3.57
N SER A 44 -0.15 -11.43 2.50
CA SER A 44 0.32 -11.96 1.23
C SER A 44 1.71 -11.37 0.90
N PRO A 45 2.30 -11.89 -0.20
CA PRO A 45 3.62 -11.43 -0.62
C PRO A 45 3.52 -10.06 -1.28
N ALA A 46 4.53 -9.23 -1.00
CA ALA A 46 4.58 -7.90 -1.56
C ALA A 46 5.15 -7.96 -2.98
N SER A 47 5.77 -9.09 -3.28
CA SER A 47 6.37 -9.29 -4.59
C SER A 47 5.30 -9.73 -5.59
N CYS A 48 4.06 -9.77 -5.11
CA CYS A 48 2.95 -10.18 -5.95
C CYS A 48 1.90 -9.07 -5.93
N MET A 49 1.37 -8.81 -4.73
CA MET A 49 0.37 -7.78 -4.57
C MET A 49 0.82 -6.46 -5.21
N GLU A 50 -0.17 -5.68 -5.61
CA GLU A 50 0.10 -4.39 -6.25
C GLU A 50 -0.39 -3.26 -5.35
N LEU A 51 0.06 -2.05 -5.69
CA LEU A 51 -0.33 -0.87 -4.93
C LEU A 51 -1.09 0.09 -5.85
N GLU A 52 -2.06 0.77 -5.27
CA GLU A 52 -2.86 1.72 -6.02
C GLU A 52 -3.13 2.97 -5.19
N LEU A 53 -3.12 4.11 -5.86
CA LEU A 53 -3.36 5.38 -5.19
C LEU A 53 -4.67 5.98 -5.69
N TYR A 54 -5.70 5.85 -4.86
CA TYR A 54 -7.01 6.38 -5.21
C TYR A 54 -7.20 7.80 -4.66
N GLY A 55 -7.98 8.58 -5.38
CA GLY A 55 -8.26 9.95 -4.98
C GLY A 55 -9.32 10.00 -3.88
N ALA A 56 -10.24 10.94 -4.03
CA ALA A 56 -11.31 11.11 -3.07
C ALA A 56 -12.40 10.07 -3.34
N ASP A 57 -13.14 10.30 -4.41
CA ASP A 57 -14.22 9.40 -4.78
C ASP A 57 -13.61 8.12 -5.37
N ASP A 58 -12.77 7.48 -4.57
CA ASP A 58 -12.13 6.25 -5.01
C ASP A 58 -11.77 6.35 -6.49
N LYS A 59 -10.77 7.18 -6.76
CA LYS A 59 -10.31 7.38 -8.13
C LYS A 59 -8.82 7.05 -8.22
N PHE A 60 -8.54 5.89 -8.82
CA PHE A 60 -7.16 5.44 -8.97
C PHE A 60 -6.35 6.47 -9.78
N TYR A 61 -5.15 6.74 -9.30
CA TYR A 61 -4.28 7.68 -9.95
C TYR A 61 -3.08 6.97 -10.61
N SER A 62 -2.11 6.64 -9.78
CA SER A 62 -0.91 5.95 -10.26
C SER A 62 -0.64 4.72 -9.40
N LYS A 63 0.25 3.87 -9.91
CA LYS A 63 0.62 2.66 -9.20
C LYS A 63 1.92 2.90 -8.43
N LEU A 64 1.94 2.41 -7.19
CA LEU A 64 3.11 2.57 -6.34
C LEU A 64 4.05 1.38 -6.56
N ASP A 65 4.66 1.37 -7.74
CA ASP A 65 5.58 0.29 -8.08
C ASP A 65 7.01 0.74 -7.77
N GLN A 66 7.35 1.93 -8.26
CA GLN A 66 8.67 2.47 -8.05
C GLN A 66 9.14 2.20 -6.62
N GLU A 67 10.03 1.22 -6.50
CA GLU A 67 10.56 0.84 -5.20
C GLU A 67 11.54 1.91 -4.69
N ASP A 68 12.35 2.42 -5.61
CA ASP A 68 13.31 3.44 -5.27
C ASP A 68 12.59 4.70 -4.82
N ALA A 69 11.28 4.72 -5.08
CA ALA A 69 10.46 5.86 -4.70
C ALA A 69 10.07 5.74 -3.22
N LEU A 70 9.77 6.88 -2.64
CA LEU A 70 9.37 6.92 -1.24
C LEU A 70 7.90 7.33 -1.13
N LEU A 71 7.22 6.74 -0.17
CA LEU A 71 5.81 7.03 0.04
C LEU A 71 5.66 8.51 0.40
N GLY A 72 5.24 9.28 -0.59
CA GLY A 72 5.05 10.71 -0.39
C GLY A 72 5.23 11.48 -1.71
N SER A 73 6.32 11.16 -2.39
CA SER A 73 6.62 11.79 -3.66
C SER A 73 5.39 11.76 -4.57
N TYR A 74 4.56 10.75 -4.35
CA TYR A 74 3.35 10.59 -5.15
C TYR A 74 2.23 11.50 -4.64
N PRO A 75 1.18 11.63 -5.47
CA PRO A 75 0.04 12.47 -5.12
C PRO A 75 -0.83 11.79 -4.06
N VAL A 76 -0.19 11.44 -2.95
CA VAL A 76 -0.89 10.79 -1.86
C VAL A 76 -0.67 11.59 -0.57
N ASP A 77 -1.47 11.27 0.44
CA ASP A 77 -1.37 11.93 1.72
C ASP A 77 -2.31 11.26 2.72
N ASP A 78 -2.17 11.66 3.98
CA ASP A 78 -3.00 11.09 5.03
C ASP A 78 -4.46 11.39 4.73
N GLY A 79 -5.15 10.37 4.23
CA GLY A 79 -6.56 10.50 3.90
C GLY A 79 -6.89 9.73 2.63
N CYS A 80 -5.87 9.54 1.80
CA CYS A 80 -6.05 8.83 0.55
C CYS A 80 -6.34 7.36 0.87
N ARG A 81 -6.38 6.55 -0.18
CA ARG A 81 -6.66 5.14 -0.03
C ARG A 81 -5.67 4.31 -0.85
N ILE A 82 -5.29 3.16 -0.30
CA ILE A 82 -4.35 2.28 -0.97
C ILE A 82 -5.02 0.93 -1.20
N HIS A 83 -5.40 0.70 -2.45
CA HIS A 83 -6.06 -0.55 -2.81
C HIS A 83 -4.99 -1.59 -3.20
N VAL A 84 -4.81 -2.55 -2.32
CA VAL A 84 -3.83 -3.60 -2.56
C VAL A 84 -4.47 -4.71 -3.40
N ILE A 85 -3.90 -4.93 -4.57
CA ILE A 85 -4.41 -5.96 -5.48
C ILE A 85 -3.75 -7.30 -5.14
N ASP A 86 -4.51 -8.13 -4.46
CA ASP A 86 -4.01 -9.44 -4.07
C ASP A 86 -3.67 -10.25 -5.32
N HIS A 87 -2.38 -10.29 -5.62
CA HIS A 87 -1.91 -11.03 -6.79
C HIS A 87 -1.43 -12.42 -6.36
N SER A 88 -1.87 -12.82 -5.18
CA SER A 88 -1.50 -14.13 -4.66
C SER A 88 -2.76 -14.96 -4.42
N GLY A 89 -3.08 -15.78 -5.41
CA GLY A 89 -4.25 -16.64 -5.33
C GLY A 89 -3.93 -18.04 -5.86
N SER A 90 -4.00 -19.00 -4.95
CA SER A 90 -3.73 -20.39 -5.30
C SER A 90 -4.71 -20.85 -6.38
N GLY A 91 -4.20 -21.67 -7.29
CA GLY A 91 -5.01 -22.19 -8.38
C GLY A 91 -4.18 -22.38 -9.64
N PRO A 92 -4.83 -22.13 -10.81
CA PRO A 92 -4.16 -22.27 -12.09
C PRO A 92 -3.20 -21.11 -12.33
N SER A 93 -2.07 -21.44 -12.94
CA SER A 93 -1.05 -20.44 -13.24
C SER A 93 -0.44 -20.71 -14.62
N SER A 94 -0.69 -19.79 -15.53
CA SER A 94 -0.17 -19.90 -16.88
C SER A 94 -0.49 -18.64 -17.68
N GLY A 95 0.56 -17.92 -18.02
CA GLY A 95 0.40 -16.68 -18.79
C GLY A 95 1.12 -16.78 -20.13
N GLY A 1 15.75 -2.20 17.74
CA GLY A 1 15.13 -1.82 16.48
C GLY A 1 13.73 -1.24 16.72
N SER A 2 13.69 0.09 16.79
CA SER A 2 12.44 0.78 17.01
C SER A 2 12.61 2.27 16.71
N SER A 3 12.34 2.64 15.47
CA SER A 3 12.45 4.02 15.04
C SER A 3 11.31 4.38 14.09
N GLY A 4 11.04 5.67 14.01
CA GLY A 4 9.97 6.16 13.16
C GLY A 4 9.65 7.63 13.44
N SER A 5 9.79 8.44 12.40
CA SER A 5 9.52 9.86 12.52
C SER A 5 8.28 10.23 11.73
N SER A 6 7.26 10.68 12.46
CA SER A 6 6.01 11.07 11.85
C SER A 6 5.45 9.92 11.02
N GLY A 7 4.20 10.08 10.60
CA GLY A 7 3.53 9.05 9.82
C GLY A 7 2.34 9.63 9.06
N VAL A 8 1.81 8.84 8.15
CA VAL A 8 0.66 9.25 7.36
C VAL A 8 -0.38 8.13 7.33
N MET A 9 -1.58 8.46 7.78
CA MET A 9 -2.66 7.49 7.80
C MET A 9 -3.23 7.25 6.40
N VAL A 10 -3.05 6.04 5.92
CA VAL A 10 -3.55 5.68 4.60
C VAL A 10 -4.64 4.62 4.74
N PHE A 11 -5.57 4.64 3.80
CA PHE A 11 -6.67 3.69 3.81
C PHE A 11 -6.33 2.46 2.97
N ILE A 12 -6.01 1.37 3.65
CA ILE A 12 -5.68 0.13 2.98
C ILE A 12 -6.96 -0.62 2.63
N SER A 13 -6.90 -1.33 1.51
CA SER A 13 -8.04 -2.10 1.05
C SER A 13 -7.57 -3.23 0.13
N SER A 14 -8.02 -4.44 0.45
CA SER A 14 -7.66 -5.60 -0.34
C SER A 14 -8.92 -6.36 -0.76
N SER A 15 -8.84 -6.98 -1.93
CA SER A 15 -9.97 -7.75 -2.44
C SER A 15 -10.25 -8.94 -1.53
N LEU A 16 -9.22 -9.36 -0.80
CA LEU A 16 -9.35 -10.48 0.11
C LEU A 16 -10.33 -10.11 1.23
N ASN A 17 -10.09 -8.95 1.82
CA ASN A 17 -10.93 -8.47 2.90
C ASN A 17 -12.02 -7.57 2.33
N SER A 18 -13.25 -7.82 2.77
CA SER A 18 -14.38 -7.04 2.30
C SER A 18 -14.56 -5.79 3.18
N PHE A 19 -13.46 -5.06 3.33
CA PHE A 19 -13.48 -3.86 4.14
C PHE A 19 -12.18 -3.06 3.97
N ARG A 20 -12.14 -1.93 4.65
CA ARG A 20 -10.96 -1.07 4.58
C ARG A 20 -10.08 -1.27 5.82
N SER A 21 -8.79 -1.09 5.63
CA SER A 21 -7.84 -1.25 6.71
C SER A 21 -7.14 0.08 7.00
N GLU A 22 -7.19 0.48 8.27
CA GLU A 22 -6.57 1.72 8.69
C GLU A 22 -5.20 1.45 9.30
N LYS A 23 -4.17 1.62 8.48
CA LYS A 23 -2.81 1.41 8.94
C LYS A 23 -2.06 2.74 8.98
N ARG A 24 -0.79 2.66 9.37
CA ARG A 24 0.03 3.86 9.45
C ARG A 24 1.43 3.56 8.90
N TYR A 25 1.97 4.54 8.19
CA TYR A 25 3.30 4.40 7.62
C TYR A 25 3.97 5.77 7.44
N SER A 26 5.28 5.73 7.29
CA SER A 26 6.05 6.96 7.11
C SER A 26 6.20 7.27 5.63
N ARG A 27 6.26 8.56 5.33
CA ARG A 27 6.39 9.01 3.95
C ARG A 27 7.80 8.70 3.44
N SER A 28 8.64 8.21 4.34
CA SER A 28 10.00 7.87 3.99
C SER A 28 10.11 6.39 3.63
N LEU A 29 9.05 5.66 3.97
CA LEU A 29 9.01 4.23 3.69
C LEU A 29 9.02 4.01 2.17
N THR A 30 10.02 3.29 1.71
CA THR A 30 10.15 3.00 0.30
C THR A 30 9.02 2.09 -0.17
N ILE A 31 8.45 2.44 -1.31
CA ILE A 31 7.36 1.67 -1.88
C ILE A 31 7.60 0.18 -1.60
N ALA A 32 8.85 -0.22 -1.72
CA ALA A 32 9.22 -1.60 -1.48
C ALA A 32 8.91 -1.97 -0.02
N GLU A 33 9.49 -1.20 0.89
CA GLU A 33 9.27 -1.42 2.30
C GLU A 33 7.79 -1.33 2.65
N PHE A 34 7.17 -0.25 2.17
CA PHE A 34 5.76 -0.01 2.41
C PHE A 34 4.96 -1.31 2.26
N LYS A 35 5.18 -1.97 1.14
CA LYS A 35 4.49 -3.22 0.85
C LYS A 35 4.83 -4.25 1.93
N CYS A 36 6.12 -4.34 2.22
CA CYS A 36 6.59 -5.28 3.23
C CYS A 36 5.67 -5.19 4.43
N LYS A 37 5.16 -3.99 4.67
CA LYS A 37 4.26 -3.76 5.78
C LYS A 37 2.90 -4.38 5.48
N LEU A 38 2.42 -4.11 4.27
CA LEU A 38 1.15 -4.63 3.83
C LEU A 38 1.17 -6.17 3.89
N GLU A 39 2.35 -6.70 3.65
CA GLU A 39 2.53 -8.15 3.68
C GLU A 39 1.92 -8.74 4.94
N LEU A 40 1.89 -7.92 5.99
CA LEU A 40 1.34 -8.35 7.25
C LEU A 40 -0.14 -7.95 7.33
N VAL A 41 -0.47 -6.91 6.58
CA VAL A 41 -1.83 -6.41 6.55
C VAL A 41 -2.71 -7.38 5.75
N VAL A 42 -2.33 -7.59 4.50
CA VAL A 42 -3.06 -8.49 3.63
C VAL A 42 -2.64 -9.93 3.92
N GLY A 43 -1.38 -10.08 4.29
CA GLY A 43 -0.84 -11.39 4.61
C GLY A 43 -0.22 -12.04 3.36
N SER A 44 -0.25 -11.29 2.27
CA SER A 44 0.30 -11.77 1.02
C SER A 44 1.69 -11.16 0.78
N PRO A 45 2.37 -11.67 -0.28
CA PRO A 45 3.70 -11.18 -0.63
C PRO A 45 3.62 -9.81 -1.29
N ALA A 46 4.53 -8.94 -0.89
CA ALA A 46 4.58 -7.59 -1.43
C ALA A 46 5.12 -7.65 -2.86
N SER A 47 5.82 -8.73 -3.15
CA SER A 47 6.39 -8.93 -4.47
C SER A 47 5.33 -9.42 -5.45
N CYS A 48 4.10 -9.49 -4.95
CA CYS A 48 2.98 -9.94 -5.77
C CYS A 48 1.89 -8.87 -5.71
N MET A 49 1.38 -8.65 -4.51
CA MET A 49 0.33 -7.67 -4.31
C MET A 49 0.70 -6.33 -4.95
N GLU A 50 -0.30 -5.67 -5.51
CA GLU A 50 -0.09 -4.38 -6.14
C GLU A 50 -0.75 -3.26 -5.33
N LEU A 51 -0.21 -2.07 -5.49
CA LEU A 51 -0.72 -0.91 -4.78
C LEU A 51 -1.28 0.10 -5.79
N GLU A 52 -2.21 0.91 -5.30
CA GLU A 52 -2.84 1.92 -6.15
C GLU A 52 -3.18 3.16 -5.32
N LEU A 53 -3.08 4.31 -5.96
CA LEU A 53 -3.38 5.57 -5.32
C LEU A 53 -4.71 6.11 -5.83
N TYR A 54 -5.74 5.93 -5.01
CA TYR A 54 -7.07 6.39 -5.38
C TYR A 54 -7.39 7.74 -4.71
N GLY A 55 -8.22 8.51 -5.39
CA GLY A 55 -8.61 9.82 -4.89
C GLY A 55 -9.29 9.70 -3.52
N ALA A 56 -10.53 10.15 -3.48
CA ALA A 56 -11.30 10.09 -2.24
C ALA A 56 -12.36 8.99 -2.34
N ASP A 57 -13.34 9.23 -3.20
CA ASP A 57 -14.40 8.26 -3.40
C ASP A 57 -13.81 6.95 -3.92
N ASP A 58 -12.96 7.08 -4.93
CA ASP A 58 -12.32 5.93 -5.53
C ASP A 58 -11.89 6.26 -6.95
N LYS A 59 -10.87 7.12 -7.05
CA LYS A 59 -10.36 7.53 -8.33
C LYS A 59 -8.86 7.24 -8.40
N PHE A 60 -8.52 6.15 -9.06
CA PHE A 60 -7.13 5.76 -9.21
C PHE A 60 -6.31 6.87 -9.88
N TYR A 61 -5.09 7.03 -9.41
CA TYR A 61 -4.21 8.04 -9.96
C TYR A 61 -2.98 7.40 -10.62
N SER A 62 -2.00 7.08 -9.79
CA SER A 62 -0.78 6.46 -10.27
C SER A 62 -0.55 5.13 -9.55
N LYS A 63 0.33 4.33 -10.14
CA LYS A 63 0.65 3.03 -9.57
C LYS A 63 1.97 3.12 -8.81
N LEU A 64 1.98 2.54 -7.62
CA LEU A 64 3.17 2.55 -6.79
C LEU A 64 4.06 1.37 -7.17
N ASP A 65 4.31 1.25 -8.46
CA ASP A 65 5.14 0.17 -8.98
C ASP A 65 6.60 0.44 -8.58
N GLN A 66 7.01 1.69 -8.72
CA GLN A 66 8.36 2.08 -8.38
C GLN A 66 8.67 1.72 -6.93
N GLU A 67 9.67 0.85 -6.76
CA GLU A 67 10.08 0.42 -5.44
C GLU A 67 11.09 1.41 -4.85
N ASP A 68 11.94 1.92 -5.72
CA ASP A 68 12.97 2.86 -5.30
C ASP A 68 12.30 4.18 -4.90
N ALA A 69 11.01 4.26 -5.18
CA ALA A 69 10.24 5.45 -4.85
C ALA A 69 9.96 5.49 -3.35
N LEU A 70 9.38 6.59 -2.91
CA LEU A 70 9.06 6.76 -1.51
C LEU A 70 7.63 7.31 -1.38
N LEU A 71 7.01 7.00 -0.25
CA LEU A 71 5.66 7.47 0.01
C LEU A 71 5.67 8.98 0.20
N GLY A 72 5.26 9.68 -0.85
CA GLY A 72 5.22 11.13 -0.82
C GLY A 72 5.40 11.72 -2.22
N SER A 73 6.41 11.23 -2.92
CA SER A 73 6.69 11.69 -4.26
C SER A 73 5.44 11.57 -5.13
N TYR A 74 4.57 10.67 -4.72
CA TYR A 74 3.33 10.43 -5.46
C TYR A 74 2.21 11.35 -4.95
N PRO A 75 1.12 11.42 -5.76
CA PRO A 75 -0.02 12.25 -5.40
C PRO A 75 -0.84 11.61 -4.28
N VAL A 76 -0.15 11.29 -3.20
CA VAL A 76 -0.80 10.67 -2.06
C VAL A 76 -0.67 11.57 -0.83
N ASP A 77 -1.32 11.18 0.25
CA ASP A 77 -1.28 11.94 1.47
C ASP A 77 -2.14 11.25 2.53
N ASP A 78 -2.00 11.72 3.77
CA ASP A 78 -2.76 11.15 4.87
C ASP A 78 -4.26 11.34 4.59
N GLY A 79 -4.87 10.25 4.14
CA GLY A 79 -6.30 10.28 3.84
C GLY A 79 -6.59 9.55 2.53
N CYS A 80 -5.54 9.36 1.74
CA CYS A 80 -5.67 8.69 0.47
C CYS A 80 -6.06 7.24 0.72
N ARG A 81 -6.10 6.46 -0.34
CA ARG A 81 -6.45 5.05 -0.25
C ARG A 81 -5.47 4.19 -1.04
N ILE A 82 -5.04 3.11 -0.41
CA ILE A 82 -4.10 2.20 -1.04
C ILE A 82 -4.77 0.84 -1.23
N HIS A 83 -5.18 0.59 -2.47
CA HIS A 83 -5.83 -0.66 -2.81
C HIS A 83 -4.77 -1.74 -3.05
N VAL A 84 -4.74 -2.72 -2.15
CA VAL A 84 -3.79 -3.80 -2.25
C VAL A 84 -4.39 -4.91 -3.11
N ILE A 85 -4.06 -4.87 -4.40
CA ILE A 85 -4.55 -5.87 -5.33
C ILE A 85 -3.91 -7.23 -5.02
N ASP A 86 -4.70 -8.07 -4.37
CA ASP A 86 -4.22 -9.40 -4.00
C ASP A 86 -3.75 -10.13 -5.26
N HIS A 87 -2.43 -10.15 -5.44
CA HIS A 87 -1.85 -10.81 -6.59
C HIS A 87 -1.40 -12.22 -6.19
N SER A 88 -1.84 -12.64 -5.02
CA SER A 88 -1.49 -13.96 -4.52
C SER A 88 -2.62 -14.95 -4.83
N GLY A 89 -3.77 -14.67 -4.26
CA GLY A 89 -4.94 -15.54 -4.46
C GLY A 89 -5.20 -16.41 -3.24
N SER A 90 -5.30 -17.70 -3.47
CA SER A 90 -5.54 -18.65 -2.40
C SER A 90 -4.23 -19.03 -1.73
N GLY A 91 -3.34 -19.62 -2.51
CA GLY A 91 -2.05 -20.04 -2.00
C GLY A 91 -1.12 -20.45 -3.14
N PRO A 92 0.20 -20.50 -2.82
CA PRO A 92 1.20 -20.88 -3.80
C PRO A 92 1.18 -22.39 -4.05
N SER A 93 1.05 -22.75 -5.32
CA SER A 93 1.02 -24.15 -5.71
C SER A 93 2.42 -24.63 -6.07
N SER A 94 2.56 -25.94 -6.20
CA SER A 94 3.84 -26.53 -6.55
C SER A 94 4.79 -26.45 -5.36
N GLY A 95 5.13 -25.23 -4.99
CA GLY A 95 6.03 -25.00 -3.88
C GLY A 95 7.02 -23.87 -4.20
N GLY A 1 18.09 4.61 16.55
CA GLY A 1 18.49 5.15 15.25
C GLY A 1 18.23 6.65 15.18
N SER A 2 16.96 7.01 15.22
CA SER A 2 16.58 8.41 15.17
C SER A 2 15.16 8.59 15.72
N SER A 3 14.83 9.83 16.03
CA SER A 3 13.51 10.14 16.57
C SER A 3 12.76 11.06 15.60
N GLY A 4 11.47 11.21 15.86
CA GLY A 4 10.63 12.05 15.03
C GLY A 4 9.49 11.23 14.41
N SER A 5 8.46 11.01 15.20
CA SER A 5 7.31 10.25 14.74
C SER A 5 6.38 11.15 13.91
N SER A 6 6.07 10.67 12.71
CA SER A 6 5.21 11.41 11.81
C SER A 6 4.98 10.62 10.52
N GLY A 7 3.83 9.97 10.46
CA GLY A 7 3.49 9.17 9.29
C GLY A 7 2.36 9.82 8.50
N VAL A 8 1.57 8.98 7.84
CA VAL A 8 0.46 9.46 7.05
C VAL A 8 -0.69 8.45 7.14
N MET A 9 -1.86 8.96 7.50
CA MET A 9 -3.04 8.12 7.62
C MET A 9 -3.57 7.71 6.24
N VAL A 10 -3.25 6.49 5.86
CA VAL A 10 -3.68 5.97 4.57
C VAL A 10 -4.61 4.76 4.79
N PHE A 11 -5.61 4.66 3.93
CA PHE A 11 -6.57 3.57 4.02
C PHE A 11 -6.14 2.39 3.16
N ILE A 12 -5.64 1.36 3.82
CA ILE A 12 -5.19 0.17 3.12
C ILE A 12 -6.39 -0.75 2.87
N SER A 13 -6.33 -1.48 1.76
CA SER A 13 -7.40 -2.39 1.40
C SER A 13 -6.83 -3.52 0.52
N SER A 14 -7.65 -4.55 0.36
CA SER A 14 -7.26 -5.69 -0.46
C SER A 14 -8.49 -6.50 -0.85
N SER A 15 -8.34 -7.28 -1.91
CA SER A 15 -9.42 -8.10 -2.40
C SER A 15 -9.66 -9.28 -1.45
N LEU A 16 -8.66 -9.55 -0.62
CA LEU A 16 -8.73 -10.63 0.33
C LEU A 16 -9.72 -10.25 1.45
N ASN A 17 -9.46 -9.10 2.06
CA ASN A 17 -10.30 -8.62 3.12
C ASN A 17 -11.51 -7.88 2.53
N SER A 18 -11.28 -7.31 1.36
CA SER A 18 -12.34 -6.58 0.68
C SER A 18 -12.54 -5.21 1.34
N PHE A 19 -12.90 -5.26 2.62
CA PHE A 19 -13.13 -4.03 3.37
C PHE A 19 -11.85 -3.20 3.48
N ARG A 20 -12.01 -1.98 3.96
CA ARG A 20 -10.88 -1.08 4.10
C ARG A 20 -10.34 -1.13 5.54
N SER A 21 -9.04 -0.97 5.65
CA SER A 21 -8.40 -0.99 6.96
C SER A 21 -7.82 0.39 7.29
N GLU A 22 -7.43 0.55 8.55
CA GLU A 22 -6.88 1.80 9.00
C GLU A 22 -5.49 1.59 9.60
N LYS A 23 -4.48 1.88 8.79
CA LYS A 23 -3.10 1.73 9.22
C LYS A 23 -2.33 3.02 8.96
N ARG A 24 -1.10 3.04 9.44
CA ARG A 24 -0.26 4.21 9.27
C ARG A 24 1.14 3.80 8.80
N TYR A 25 1.79 4.72 8.09
CA TYR A 25 3.12 4.46 7.58
C TYR A 25 3.88 5.77 7.36
N SER A 26 5.20 5.68 7.47
CA SER A 26 6.05 6.85 7.29
C SER A 26 6.30 7.07 5.79
N ARG A 27 5.95 8.26 5.34
CA ARG A 27 6.13 8.63 3.95
C ARG A 27 7.51 8.17 3.46
N SER A 28 8.43 8.06 4.40
CA SER A 28 9.78 7.63 4.08
C SER A 28 9.77 6.20 3.55
N LEU A 29 8.95 5.38 4.20
CA LEU A 29 8.84 3.99 3.81
C LEU A 29 8.86 3.88 2.29
N THR A 30 9.84 3.13 1.79
CA THR A 30 9.98 2.95 0.35
C THR A 30 8.89 2.01 -0.18
N ILE A 31 8.36 2.37 -1.32
CA ILE A 31 7.31 1.57 -1.95
C ILE A 31 7.59 0.08 -1.68
N ALA A 32 8.85 -0.30 -1.85
CA ALA A 32 9.24 -1.68 -1.63
C ALA A 32 8.95 -2.06 -0.18
N GLU A 33 9.53 -1.28 0.73
CA GLU A 33 9.35 -1.54 2.15
C GLU A 33 7.86 -1.44 2.52
N PHE A 34 7.23 -0.38 2.05
CA PHE A 34 5.82 -0.16 2.32
C PHE A 34 5.03 -1.46 2.16
N LYS A 35 5.28 -2.13 1.04
CA LYS A 35 4.59 -3.38 0.75
C LYS A 35 4.95 -4.41 1.82
N CYS A 36 6.24 -4.52 2.09
CA CYS A 36 6.73 -5.45 3.09
C CYS A 36 5.77 -5.41 4.29
N LYS A 37 5.26 -4.22 4.55
CA LYS A 37 4.34 -4.03 5.67
C LYS A 37 2.98 -4.63 5.31
N LEU A 38 2.49 -4.24 4.14
CA LEU A 38 1.21 -4.72 3.66
C LEU A 38 1.19 -6.24 3.74
N GLU A 39 2.36 -6.83 3.54
CA GLU A 39 2.49 -8.28 3.59
C GLU A 39 1.81 -8.84 4.83
N LEU A 40 1.76 -8.01 5.86
CA LEU A 40 1.15 -8.40 7.11
C LEU A 40 -0.33 -7.99 7.11
N VAL A 41 -0.61 -6.94 6.34
CA VAL A 41 -1.97 -6.43 6.24
C VAL A 41 -2.83 -7.43 5.46
N VAL A 42 -2.27 -7.91 4.36
CA VAL A 42 -2.97 -8.86 3.52
C VAL A 42 -2.54 -10.28 3.92
N GLY A 43 -1.28 -10.40 4.32
CA GLY A 43 -0.74 -11.69 4.72
C GLY A 43 -0.11 -12.41 3.53
N SER A 44 0.25 -11.62 2.52
CA SER A 44 0.85 -12.17 1.32
C SER A 44 2.19 -11.48 1.04
N PRO A 45 2.94 -12.03 0.06
CA PRO A 45 4.23 -11.47 -0.31
C PRO A 45 4.05 -10.19 -1.12
N ALA A 46 4.90 -9.22 -0.80
CA ALA A 46 4.85 -7.93 -1.49
C ALA A 46 5.17 -8.13 -2.96
N SER A 47 5.80 -9.27 -3.25
CA SER A 47 6.17 -9.60 -4.62
C SER A 47 4.97 -10.18 -5.36
N CYS A 48 3.90 -10.38 -4.61
CA CYS A 48 2.68 -10.93 -5.19
C CYS A 48 1.52 -10.00 -4.84
N MET A 49 1.84 -8.72 -4.70
CA MET A 49 0.83 -7.74 -4.36
C MET A 49 1.17 -6.38 -5.00
N GLU A 50 0.14 -5.74 -5.52
CA GLU A 50 0.31 -4.44 -6.16
C GLU A 50 -0.25 -3.34 -5.26
N LEU A 51 -0.02 -2.10 -5.68
CA LEU A 51 -0.49 -0.95 -4.93
C LEU A 51 -1.34 -0.07 -5.84
N GLU A 52 -2.07 0.85 -5.21
CA GLU A 52 -2.94 1.75 -5.95
C GLU A 52 -3.23 3.00 -5.11
N LEU A 53 -3.18 4.15 -5.78
CA LEU A 53 -3.43 5.41 -5.12
C LEU A 53 -4.75 5.98 -5.62
N TYR A 54 -5.79 5.86 -4.79
CA TYR A 54 -7.11 6.36 -5.15
C TYR A 54 -7.37 7.70 -4.46
N GLY A 55 -7.95 8.61 -5.24
CA GLY A 55 -8.27 9.93 -4.73
C GLY A 55 -9.29 9.85 -3.59
N ALA A 56 -10.21 10.81 -3.59
CA ALA A 56 -11.23 10.85 -2.57
C ALA A 56 -12.35 9.86 -2.92
N ASP A 57 -13.13 10.22 -3.92
CA ASP A 57 -14.22 9.37 -4.36
C ASP A 57 -13.65 8.17 -5.14
N ASP A 58 -12.78 7.43 -4.48
CA ASP A 58 -12.16 6.27 -5.09
C ASP A 58 -11.82 6.59 -6.55
N LYS A 59 -10.76 7.36 -6.73
CA LYS A 59 -10.32 7.75 -8.05
C LYS A 59 -8.83 7.43 -8.21
N PHE A 60 -8.57 6.29 -8.84
CA PHE A 60 -7.20 5.85 -9.06
C PHE A 60 -6.36 6.98 -9.67
N TYR A 61 -5.14 7.10 -9.17
CA TYR A 61 -4.24 8.13 -9.66
C TYR A 61 -3.00 7.51 -10.31
N SER A 62 -2.15 6.94 -9.48
CA SER A 62 -0.93 6.31 -9.97
C SER A 62 -0.73 4.96 -9.27
N LYS A 63 0.28 4.23 -9.73
CA LYS A 63 0.59 2.94 -9.16
C LYS A 63 1.88 3.03 -8.34
N LEU A 64 1.79 2.56 -7.11
CA LEU A 64 2.93 2.59 -6.21
C LEU A 64 3.80 1.36 -6.47
N ASP A 65 4.42 1.34 -7.64
CA ASP A 65 5.28 0.23 -8.01
C ASP A 65 6.75 0.64 -7.82
N GLN A 66 7.07 1.84 -8.30
CA GLN A 66 8.43 2.35 -8.18
C GLN A 66 8.97 2.09 -6.78
N GLU A 67 9.92 1.16 -6.71
CA GLU A 67 10.53 0.80 -5.44
C GLU A 67 11.48 1.91 -4.98
N ASP A 68 12.14 2.51 -5.95
CA ASP A 68 13.09 3.58 -5.67
C ASP A 68 12.31 4.83 -5.25
N ALA A 69 11.00 4.79 -5.46
CA ALA A 69 10.14 5.90 -5.11
C ALA A 69 9.84 5.86 -3.60
N LEU A 70 9.62 7.03 -3.04
CA LEU A 70 9.31 7.14 -1.63
C LEU A 70 7.85 7.53 -1.45
N LEU A 71 7.18 6.81 -0.56
CA LEU A 71 5.77 7.08 -0.29
C LEU A 71 5.59 8.56 0.05
N GLY A 72 5.12 9.31 -0.93
CA GLY A 72 4.90 10.73 -0.74
C GLY A 72 5.00 11.49 -2.08
N SER A 73 6.09 11.24 -2.79
CA SER A 73 6.32 11.88 -4.07
C SER A 73 5.05 11.82 -4.91
N TYR A 74 4.26 10.78 -4.66
CA TYR A 74 3.01 10.59 -5.39
C TYR A 74 1.92 11.50 -4.83
N PRO A 75 0.81 11.63 -5.64
CA PRO A 75 -0.31 12.46 -5.23
C PRO A 75 -1.13 11.78 -4.15
N VAL A 76 -0.46 11.44 -3.06
CA VAL A 76 -1.12 10.78 -1.94
C VAL A 76 -0.94 11.63 -0.68
N ASP A 77 -1.76 11.34 0.31
CA ASP A 77 -1.71 12.07 1.57
C ASP A 77 -2.60 11.38 2.60
N ASP A 78 -2.47 11.80 3.84
CA ASP A 78 -3.26 11.24 4.92
C ASP A 78 -4.75 11.39 4.58
N GLY A 79 -5.35 10.26 4.20
CA GLY A 79 -6.75 10.25 3.85
C GLY A 79 -6.99 9.48 2.55
N CYS A 80 -5.93 9.34 1.78
CA CYS A 80 -6.00 8.62 0.51
C CYS A 80 -6.33 7.15 0.81
N ARG A 81 -6.26 6.35 -0.24
CA ARG A 81 -6.55 4.93 -0.10
C ARG A 81 -5.50 4.10 -0.84
N ILE A 82 -5.10 3.01 -0.21
CA ILE A 82 -4.11 2.13 -0.81
C ILE A 82 -4.72 0.73 -1.00
N HIS A 83 -5.14 0.47 -2.22
CA HIS A 83 -5.73 -0.81 -2.56
C HIS A 83 -4.64 -1.82 -2.91
N VAL A 84 -4.58 -2.89 -2.14
CA VAL A 84 -3.60 -3.93 -2.36
C VAL A 84 -4.21 -5.04 -3.22
N ILE A 85 -3.76 -5.10 -4.46
CA ILE A 85 -4.25 -6.10 -5.39
C ILE A 85 -3.55 -7.44 -5.11
N ASP A 86 -4.28 -8.32 -4.45
CA ASP A 86 -3.74 -9.62 -4.11
C ASP A 86 -3.25 -10.31 -5.38
N HIS A 87 -1.93 -10.32 -5.54
CA HIS A 87 -1.31 -10.94 -6.71
C HIS A 87 -0.76 -12.31 -6.33
N SER A 88 -1.40 -12.92 -5.34
CA SER A 88 -0.98 -14.23 -4.87
C SER A 88 -2.10 -15.24 -5.09
N GLY A 89 -2.32 -15.58 -6.35
CA GLY A 89 -3.35 -16.54 -6.70
C GLY A 89 -2.93 -17.97 -6.35
N SER A 90 -2.39 -18.66 -7.35
CA SER A 90 -1.94 -20.02 -7.15
C SER A 90 -0.96 -20.41 -8.25
N GLY A 91 0.19 -20.94 -7.83
CA GLY A 91 1.21 -21.36 -8.76
C GLY A 91 2.51 -21.72 -8.04
N PRO A 92 3.34 -22.55 -8.72
CA PRO A 92 4.60 -22.97 -8.15
C PRO A 92 5.63 -21.85 -8.20
N SER A 93 6.78 -22.10 -7.57
CA SER A 93 7.84 -21.12 -7.52
C SER A 93 9.17 -21.78 -7.90
N SER A 94 9.53 -22.80 -7.14
CA SER A 94 10.77 -23.52 -7.38
C SER A 94 11.96 -22.59 -7.18
N GLY A 95 13.10 -23.20 -6.84
CA GLY A 95 14.32 -22.44 -6.62
C GLY A 95 14.13 -21.43 -5.47
N GLY A 1 8.33 16.82 4.29
CA GLY A 1 9.49 16.86 5.15
C GLY A 1 9.22 16.19 6.49
N SER A 2 10.28 16.04 7.28
CA SER A 2 10.15 15.41 8.58
C SER A 2 11.46 15.59 9.37
N SER A 3 11.30 16.04 10.60
CA SER A 3 12.46 16.26 11.46
C SER A 3 12.75 15.00 12.29
N GLY A 4 11.76 14.62 13.10
CA GLY A 4 11.90 13.44 13.93
C GLY A 4 11.07 12.28 13.38
N SER A 5 9.76 12.48 13.38
CA SER A 5 8.84 11.47 12.88
C SER A 5 7.57 12.12 12.35
N SER A 6 7.08 11.59 11.24
CA SER A 6 5.88 12.11 10.62
C SER A 6 5.25 11.05 9.72
N GLY A 7 4.23 10.40 10.25
CA GLY A 7 3.54 9.37 9.50
C GLY A 7 2.30 9.92 8.81
N VAL A 8 1.77 9.15 7.87
CA VAL A 8 0.59 9.55 7.14
C VAL A 8 -0.44 8.43 7.18
N MET A 9 -1.66 8.78 7.58
CA MET A 9 -2.74 7.82 7.67
C MET A 9 -3.34 7.55 6.30
N VAL A 10 -3.28 6.28 5.89
CA VAL A 10 -3.82 5.88 4.61
C VAL A 10 -4.74 4.68 4.81
N PHE A 11 -5.74 4.59 3.94
CA PHE A 11 -6.70 3.50 4.00
C PHE A 11 -6.26 2.32 3.13
N ILE A 12 -5.75 1.29 3.80
CA ILE A 12 -5.29 0.11 3.10
C ILE A 12 -6.47 -0.82 2.83
N SER A 13 -6.52 -1.34 1.61
CA SER A 13 -7.60 -2.23 1.21
C SER A 13 -7.02 -3.49 0.58
N SER A 14 -7.89 -4.46 0.36
CA SER A 14 -7.48 -5.72 -0.25
C SER A 14 -8.71 -6.53 -0.66
N SER A 15 -8.69 -6.98 -1.90
CA SER A 15 -9.79 -7.75 -2.44
C SER A 15 -10.11 -8.92 -1.50
N LEU A 16 -9.11 -9.29 -0.72
CA LEU A 16 -9.27 -10.39 0.23
C LEU A 16 -10.26 -9.99 1.31
N ASN A 17 -9.93 -8.90 2.00
CA ASN A 17 -10.78 -8.40 3.07
C ASN A 17 -12.04 -7.76 2.45
N SER A 18 -13.10 -7.75 3.25
CA SER A 18 -14.36 -7.17 2.80
C SER A 18 -14.31 -5.65 2.90
N PHE A 19 -14.02 -5.18 4.11
CA PHE A 19 -13.94 -3.76 4.36
C PHE A 19 -12.49 -3.27 4.28
N ARG A 20 -12.32 -1.98 4.56
CA ARG A 20 -11.00 -1.37 4.53
C ARG A 20 -10.39 -1.36 5.93
N SER A 21 -9.09 -1.13 5.98
CA SER A 21 -8.37 -1.09 7.24
C SER A 21 -7.79 0.31 7.47
N GLU A 22 -7.38 0.56 8.70
CA GLU A 22 -6.80 1.84 9.06
C GLU A 22 -5.39 1.65 9.62
N LYS A 23 -4.41 1.87 8.77
CA LYS A 23 -3.02 1.73 9.16
C LYS A 23 -2.30 3.06 8.95
N ARG A 24 -1.04 3.09 9.38
CA ARG A 24 -0.23 4.29 9.24
C ARG A 24 1.18 3.93 8.81
N TYR A 25 1.76 4.80 7.98
CA TYR A 25 3.10 4.59 7.48
C TYR A 25 3.83 5.92 7.29
N SER A 26 5.16 5.83 7.29
CA SER A 26 5.98 7.02 7.11
C SER A 26 6.12 7.35 5.63
N ARG A 27 6.21 8.63 5.34
CA ARG A 27 6.35 9.09 3.97
C ARG A 27 7.75 8.77 3.44
N SER A 28 8.57 8.22 4.33
CA SER A 28 9.94 7.86 3.96
C SER A 28 10.01 6.36 3.66
N LEU A 29 8.92 5.67 3.97
CA LEU A 29 8.87 4.24 3.74
C LEU A 29 8.85 3.97 2.23
N THR A 30 9.95 3.40 1.76
CA THR A 30 10.07 3.10 0.34
C THR A 30 8.96 2.14 -0.10
N ILE A 31 8.35 2.49 -1.23
CA ILE A 31 7.27 1.67 -1.77
C ILE A 31 7.56 0.19 -1.50
N ALA A 32 8.80 -0.19 -1.78
CA ALA A 32 9.22 -1.57 -1.58
C ALA A 32 8.96 -1.97 -0.12
N GLU A 33 9.51 -1.16 0.78
CA GLU A 33 9.35 -1.42 2.21
C GLU A 33 7.86 -1.41 2.58
N PHE A 34 7.20 -0.33 2.21
CA PHE A 34 5.77 -0.19 2.49
C PHE A 34 5.04 -1.52 2.25
N LYS A 35 5.31 -2.11 1.10
CA LYS A 35 4.68 -3.36 0.74
C LYS A 35 5.00 -4.42 1.80
N CYS A 36 6.26 -4.39 2.25
CA CYS A 36 6.71 -5.33 3.27
C CYS A 36 5.75 -5.25 4.45
N LYS A 37 5.24 -4.05 4.69
CA LYS A 37 4.32 -3.83 5.80
C LYS A 37 2.95 -4.41 5.43
N LEU A 38 2.60 -4.24 4.16
CA LEU A 38 1.32 -4.74 3.67
C LEU A 38 1.35 -6.27 3.66
N GLU A 39 2.53 -6.81 3.42
CA GLU A 39 2.70 -8.25 3.38
C GLU A 39 1.92 -8.91 4.50
N LEU A 40 1.86 -8.22 5.63
CA LEU A 40 1.14 -8.72 6.80
C LEU A 40 -0.32 -8.27 6.72
N VAL A 41 -0.49 -7.00 6.39
CA VAL A 41 -1.83 -6.43 6.28
C VAL A 41 -2.72 -7.39 5.49
N VAL A 42 -2.13 -7.99 4.47
CA VAL A 42 -2.86 -8.93 3.63
C VAL A 42 -2.33 -10.34 3.86
N GLY A 43 -1.16 -10.40 4.48
CA GLY A 43 -0.53 -11.68 4.77
C GLY A 43 -0.04 -12.35 3.49
N SER A 44 0.14 -11.53 2.46
CA SER A 44 0.60 -12.02 1.18
C SER A 44 1.98 -11.43 0.85
N PRO A 45 2.57 -11.92 -0.26
CA PRO A 45 3.88 -11.44 -0.69
C PRO A 45 3.77 -10.06 -1.32
N ALA A 46 4.64 -9.17 -0.86
CA ALA A 46 4.66 -7.81 -1.37
C ALA A 46 5.31 -7.79 -2.75
N SER A 47 5.97 -8.89 -3.07
CA SER A 47 6.64 -9.01 -4.35
C SER A 47 5.65 -9.47 -5.42
N CYS A 48 4.39 -9.61 -5.00
CA CYS A 48 3.34 -10.03 -5.91
C CYS A 48 2.24 -8.98 -5.89
N MET A 49 1.64 -8.83 -4.71
CA MET A 49 0.56 -7.86 -4.55
C MET A 49 0.93 -6.51 -5.17
N GLU A 50 -0.08 -5.82 -5.64
CA GLU A 50 0.12 -4.51 -6.26
C GLU A 50 -0.43 -3.40 -5.37
N LEU A 51 0.01 -2.18 -5.64
CA LEU A 51 -0.44 -1.03 -4.87
C LEU A 51 -1.20 -0.07 -5.79
N GLU A 52 -2.19 0.59 -5.21
CA GLU A 52 -3.00 1.53 -5.96
C GLU A 52 -3.28 2.77 -5.12
N LEU A 53 -3.04 3.92 -5.72
CA LEU A 53 -3.26 5.20 -5.04
C LEU A 53 -4.52 5.86 -5.61
N TYR A 54 -5.60 5.75 -4.85
CA TYR A 54 -6.86 6.32 -5.26
C TYR A 54 -7.08 7.68 -4.60
N GLY A 55 -7.74 8.58 -5.33
CA GLY A 55 -8.02 9.91 -4.84
C GLY A 55 -9.07 9.86 -3.72
N ALA A 56 -10.05 10.75 -3.85
CA ALA A 56 -11.12 10.83 -2.86
C ALA A 56 -12.28 9.91 -3.30
N ASP A 57 -12.98 10.35 -4.34
CA ASP A 57 -14.10 9.59 -4.86
C ASP A 57 -13.57 8.36 -5.60
N ASP A 58 -12.82 7.55 -4.88
CA ASP A 58 -12.26 6.34 -5.46
C ASP A 58 -11.82 6.62 -6.90
N LYS A 59 -10.89 7.55 -7.02
CA LYS A 59 -10.38 7.93 -8.33
C LYS A 59 -8.90 7.56 -8.43
N PHE A 60 -8.62 6.55 -9.25
CA PHE A 60 -7.26 6.09 -9.44
C PHE A 60 -6.36 7.22 -9.95
N TYR A 61 -5.20 7.33 -9.32
CA TYR A 61 -4.24 8.37 -9.69
C TYR A 61 -2.99 7.76 -10.32
N SER A 62 -2.20 7.11 -9.48
CA SER A 62 -0.97 6.49 -9.94
C SER A 62 -0.78 5.15 -9.22
N LYS A 63 0.19 4.39 -9.71
CA LYS A 63 0.49 3.09 -9.13
C LYS A 63 1.78 3.19 -8.31
N LEU A 64 1.74 2.58 -7.13
CA LEU A 64 2.90 2.59 -6.25
C LEU A 64 3.76 1.36 -6.53
N ASP A 65 4.31 1.33 -7.74
CA ASP A 65 5.15 0.22 -8.14
C ASP A 65 6.62 0.60 -7.93
N GLN A 66 6.95 1.83 -8.33
CA GLN A 66 8.30 2.32 -8.18
C GLN A 66 8.83 2.01 -6.78
N GLU A 67 9.84 1.15 -6.73
CA GLU A 67 10.45 0.78 -5.47
C GLU A 67 11.37 1.88 -4.97
N ASP A 68 12.05 2.52 -5.93
CA ASP A 68 12.97 3.58 -5.60
C ASP A 68 12.18 4.82 -5.15
N ALA A 69 10.87 4.73 -5.33
CA ALA A 69 9.99 5.82 -4.95
C ALA A 69 9.75 5.79 -3.43
N LEU A 70 9.10 6.83 -2.95
CA LEU A 70 8.80 6.93 -1.52
C LEU A 70 7.40 7.52 -1.34
N LEU A 71 6.75 7.10 -0.26
CA LEU A 71 5.42 7.58 0.04
C LEU A 71 5.45 9.11 0.20
N GLY A 72 4.78 9.77 -0.73
CA GLY A 72 4.72 11.23 -0.71
C GLY A 72 4.92 11.81 -2.11
N SER A 73 6.05 11.44 -2.71
CA SER A 73 6.36 11.91 -4.04
C SER A 73 5.13 11.81 -4.95
N TYR A 74 4.25 10.89 -4.59
CA TYR A 74 3.04 10.69 -5.35
C TYR A 74 1.92 11.59 -4.86
N PRO A 75 0.81 11.65 -5.66
CA PRO A 75 -0.33 12.48 -5.30
C PRO A 75 -1.14 11.83 -4.18
N VAL A 76 -0.45 11.55 -3.09
CA VAL A 76 -1.10 10.93 -1.93
C VAL A 76 -1.33 11.99 -0.86
N ASP A 77 -1.98 11.57 0.21
CA ASP A 77 -2.28 12.46 1.32
C ASP A 77 -3.00 11.69 2.43
N ASP A 78 -2.70 12.06 3.66
CA ASP A 78 -3.31 11.42 4.80
C ASP A 78 -4.83 11.40 4.62
N GLY A 79 -5.33 10.28 4.14
CA GLY A 79 -6.75 10.12 3.92
C GLY A 79 -7.02 9.38 2.61
N CYS A 80 -5.99 9.27 1.79
CA CYS A 80 -6.09 8.59 0.52
C CYS A 80 -6.49 7.13 0.78
N ARG A 81 -6.42 6.33 -0.28
CA ARG A 81 -6.77 4.93 -0.17
C ARG A 81 -5.75 4.07 -0.92
N ILE A 82 -5.31 3.01 -0.25
CA ILE A 82 -4.33 2.11 -0.84
C ILE A 82 -4.98 0.75 -1.07
N HIS A 83 -5.33 0.49 -2.32
CA HIS A 83 -5.97 -0.76 -2.69
C HIS A 83 -4.89 -1.78 -3.07
N VAL A 84 -4.74 -2.79 -2.22
CA VAL A 84 -3.75 -3.84 -2.47
C VAL A 84 -4.38 -4.93 -3.32
N ILE A 85 -3.79 -5.16 -4.48
CA ILE A 85 -4.28 -6.18 -5.39
C ILE A 85 -3.56 -7.49 -5.11
N ASP A 86 -4.26 -8.39 -4.42
CA ASP A 86 -3.70 -9.68 -4.08
C ASP A 86 -3.31 -10.42 -5.37
N HIS A 87 -2.00 -10.48 -5.60
CA HIS A 87 -1.48 -11.16 -6.78
C HIS A 87 -1.02 -12.57 -6.42
N SER A 88 -1.32 -12.94 -5.18
CA SER A 88 -0.94 -14.26 -4.70
C SER A 88 -2.19 -15.10 -4.43
N GLY A 89 -2.78 -15.60 -5.53
CA GLY A 89 -3.97 -16.40 -5.44
C GLY A 89 -3.85 -17.66 -6.30
N SER A 90 -3.19 -18.67 -5.75
CA SER A 90 -3.00 -19.92 -6.45
C SER A 90 -2.21 -20.89 -5.59
N GLY A 91 -2.53 -22.17 -5.75
CA GLY A 91 -1.86 -23.21 -4.99
C GLY A 91 -0.34 -23.05 -5.05
N PRO A 92 0.35 -23.79 -4.14
CA PRO A 92 1.80 -23.73 -4.09
C PRO A 92 2.42 -24.50 -5.25
N SER A 93 3.44 -23.88 -5.84
CA SER A 93 4.12 -24.49 -6.98
C SER A 93 5.64 -24.33 -6.81
N SER A 94 6.38 -25.02 -7.67
CA SER A 94 7.82 -24.96 -7.63
C SER A 94 8.39 -25.00 -9.05
N GLY A 95 8.55 -26.22 -9.56
CA GLY A 95 9.08 -26.41 -10.90
C GLY A 95 10.08 -27.57 -10.94
N GLY A 1 14.96 20.21 15.65
CA GLY A 1 13.77 20.34 16.46
C GLY A 1 12.82 19.16 16.23
N SER A 2 12.31 19.07 15.02
CA SER A 2 11.40 18.00 14.66
C SER A 2 12.03 16.64 15.00
N SER A 3 11.20 15.76 15.55
CA SER A 3 11.67 14.43 15.93
C SER A 3 12.58 13.87 14.83
N GLY A 4 12.02 13.73 13.64
CA GLY A 4 12.76 13.21 12.51
C GLY A 4 11.85 13.02 11.29
N SER A 5 10.99 12.03 11.39
CA SER A 5 10.06 11.73 10.31
C SER A 5 8.62 11.80 10.81
N SER A 6 7.72 12.10 9.88
CA SER A 6 6.31 12.20 10.23
C SER A 6 5.55 10.96 9.73
N GLY A 7 4.29 10.89 10.11
CA GLY A 7 3.45 9.77 9.71
C GLY A 7 2.25 10.25 8.89
N VAL A 8 1.64 9.30 8.19
CA VAL A 8 0.49 9.60 7.36
C VAL A 8 -0.52 8.46 7.46
N MET A 9 -1.78 8.85 7.64
CA MET A 9 -2.84 7.87 7.75
C MET A 9 -3.46 7.57 6.38
N VAL A 10 -3.23 6.35 5.91
CA VAL A 10 -3.76 5.93 4.62
C VAL A 10 -4.70 4.74 4.82
N PHE A 11 -5.71 4.68 3.96
CA PHE A 11 -6.68 3.60 4.04
C PHE A 11 -6.27 2.43 3.14
N ILE A 12 -5.74 1.40 3.77
CA ILE A 12 -5.30 0.22 3.05
C ILE A 12 -6.50 -0.71 2.83
N SER A 13 -6.45 -1.44 1.72
CA SER A 13 -7.51 -2.36 1.38
C SER A 13 -6.95 -3.55 0.60
N SER A 14 -7.85 -4.42 0.17
CA SER A 14 -7.46 -5.60 -0.57
C SER A 14 -8.70 -6.34 -1.09
N SER A 15 -8.49 -7.16 -2.10
CA SER A 15 -9.58 -7.93 -2.69
C SER A 15 -9.89 -9.14 -1.81
N LEU A 16 -9.00 -9.39 -0.85
CA LEU A 16 -9.18 -10.51 0.05
C LEU A 16 -10.20 -10.13 1.14
N ASN A 17 -9.90 -9.04 1.83
CA ASN A 17 -10.78 -8.57 2.88
C ASN A 17 -11.90 -7.71 2.27
N SER A 18 -11.55 -7.05 1.18
CA SER A 18 -12.52 -6.21 0.49
C SER A 18 -12.65 -4.87 1.22
N PHE A 19 -13.08 -4.96 2.47
CA PHE A 19 -13.26 -3.77 3.29
C PHE A 19 -11.94 -3.02 3.45
N ARG A 20 -12.07 -1.73 3.74
CA ARG A 20 -10.90 -0.89 3.93
C ARG A 20 -10.40 -0.98 5.38
N SER A 21 -9.10 -0.83 5.52
CA SER A 21 -8.48 -0.90 6.84
C SER A 21 -7.87 0.45 7.20
N GLU A 22 -7.42 0.55 8.43
CA GLU A 22 -6.81 1.79 8.92
C GLU A 22 -5.40 1.51 9.43
N LYS A 23 -4.43 1.80 8.57
CA LYS A 23 -3.04 1.59 8.93
C LYS A 23 -2.28 2.92 8.79
N ARG A 24 -1.02 2.90 9.23
CA ARG A 24 -0.18 4.08 9.16
C ARG A 24 1.23 3.70 8.72
N TYR A 25 1.84 4.59 7.96
CA TYR A 25 3.19 4.37 7.47
C TYR A 25 3.91 5.68 7.20
N SER A 26 5.20 5.69 7.49
CA SER A 26 6.02 6.87 7.29
C SER A 26 6.13 7.19 5.79
N ARG A 27 6.20 8.47 5.50
CA ARG A 27 6.32 8.92 4.12
C ARG A 27 7.72 8.64 3.58
N SER A 28 8.56 8.12 4.46
CA SER A 28 9.93 7.81 4.09
C SER A 28 10.07 6.31 3.82
N LEU A 29 8.96 5.60 4.00
CA LEU A 29 8.94 4.17 3.77
C LEU A 29 8.95 3.89 2.27
N THR A 30 10.05 3.31 1.81
CA THR A 30 10.19 3.00 0.40
C THR A 30 9.05 2.09 -0.07
N ILE A 31 8.47 2.47 -1.20
CA ILE A 31 7.37 1.70 -1.75
C ILE A 31 7.61 0.22 -1.51
N ALA A 32 8.85 -0.20 -1.74
CA ALA A 32 9.23 -1.59 -1.55
C ALA A 32 8.99 -1.98 -0.09
N GLU A 33 9.58 -1.20 0.81
CA GLU A 33 9.44 -1.45 2.22
C GLU A 33 7.97 -1.38 2.64
N PHE A 34 7.30 -0.36 2.13
CA PHE A 34 5.89 -0.15 2.43
C PHE A 34 5.10 -1.44 2.24
N LYS A 35 5.34 -2.08 1.10
CA LYS A 35 4.66 -3.32 0.79
C LYS A 35 5.04 -4.39 1.81
N CYS A 36 6.33 -4.45 2.10
CA CYS A 36 6.83 -5.42 3.06
C CYS A 36 5.97 -5.34 4.32
N LYS A 37 5.41 -4.17 4.54
CA LYS A 37 4.55 -3.96 5.70
C LYS A 37 3.16 -4.52 5.41
N LEU A 38 2.63 -4.14 4.26
CA LEU A 38 1.31 -4.60 3.85
C LEU A 38 1.28 -6.13 3.84
N GLU A 39 2.46 -6.71 3.62
CA GLU A 39 2.58 -8.16 3.58
C GLU A 39 1.76 -8.79 4.71
N LEU A 40 1.69 -8.07 5.83
CA LEU A 40 0.95 -8.54 6.98
C LEU A 40 -0.49 -8.01 6.91
N VAL A 41 -0.61 -6.80 6.40
CA VAL A 41 -1.92 -6.17 6.27
C VAL A 41 -2.84 -7.08 5.44
N VAL A 42 -2.23 -7.71 4.45
CA VAL A 42 -2.98 -8.60 3.57
C VAL A 42 -2.52 -10.05 3.80
N GLY A 43 -1.40 -10.17 4.50
CA GLY A 43 -0.85 -11.48 4.80
C GLY A 43 -0.32 -12.15 3.53
N SER A 44 -0.14 -11.33 2.50
CA SER A 44 0.36 -11.84 1.23
C SER A 44 1.79 -11.33 0.99
N PRO A 45 2.49 -12.02 0.05
CA PRO A 45 3.85 -11.65 -0.28
C PRO A 45 3.89 -10.38 -1.13
N ALA A 46 4.74 -9.45 -0.72
CA ALA A 46 4.87 -8.20 -1.43
C ALA A 46 5.41 -8.46 -2.84
N SER A 47 5.89 -9.68 -3.02
CA SER A 47 6.43 -10.09 -4.31
C SER A 47 5.31 -10.59 -5.22
N CYS A 48 4.10 -10.55 -4.69
CA CYS A 48 2.93 -11.01 -5.43
C CYS A 48 1.75 -10.12 -5.06
N MET A 49 2.05 -8.84 -4.88
CA MET A 49 1.01 -7.88 -4.52
C MET A 49 1.31 -6.50 -5.11
N GLU A 50 0.28 -5.91 -5.69
CA GLU A 50 0.42 -4.59 -6.31
C GLU A 50 -0.26 -3.53 -5.43
N LEU A 51 0.20 -2.29 -5.60
CA LEU A 51 -0.35 -1.19 -4.84
C LEU A 51 -1.14 -0.28 -5.78
N GLU A 52 -2.11 0.42 -5.20
CA GLU A 52 -2.93 1.33 -5.97
C GLU A 52 -3.24 2.59 -5.16
N LEU A 53 -3.11 3.73 -5.83
CA LEU A 53 -3.37 5.00 -5.19
C LEU A 53 -4.70 5.57 -5.69
N TYR A 54 -5.49 6.09 -4.75
CA TYR A 54 -6.77 6.66 -5.09
C TYR A 54 -6.89 8.09 -4.57
N GLY A 55 -7.73 8.86 -5.25
CA GLY A 55 -7.94 10.25 -4.87
C GLY A 55 -8.77 10.36 -3.59
N ALA A 56 -9.91 11.00 -3.70
CA ALA A 56 -10.79 11.18 -2.57
C ALA A 56 -11.96 10.20 -2.67
N ASP A 57 -12.82 10.47 -3.65
CA ASP A 57 -13.98 9.63 -3.88
C ASP A 57 -13.53 8.32 -4.52
N ASP A 58 -12.66 7.62 -3.82
CA ASP A 58 -12.14 6.35 -4.29
C ASP A 58 -11.94 6.43 -5.81
N LYS A 59 -10.99 7.26 -6.20
CA LYS A 59 -10.68 7.43 -7.61
C LYS A 59 -9.21 7.07 -7.86
N PHE A 60 -9.01 5.98 -8.57
CA PHE A 60 -7.67 5.52 -8.89
C PHE A 60 -6.83 6.65 -9.50
N TYR A 61 -5.73 6.95 -8.83
CA TYR A 61 -4.84 8.00 -9.31
C TYR A 61 -3.65 7.41 -10.07
N SER A 62 -2.97 6.49 -9.42
CA SER A 62 -1.81 5.84 -10.01
C SER A 62 -1.45 4.58 -9.22
N LYS A 63 -0.41 3.91 -9.70
CA LYS A 63 0.05 2.70 -9.05
C LYS A 63 1.43 2.94 -8.43
N LEU A 64 1.59 2.45 -7.20
CA LEU A 64 2.85 2.62 -6.50
C LEU A 64 3.81 1.51 -6.90
N ASP A 65 3.93 1.32 -8.20
CA ASP A 65 4.81 0.29 -8.74
C ASP A 65 6.25 0.59 -8.31
N GLN A 66 6.69 1.79 -8.62
CA GLN A 66 8.03 2.21 -8.28
C GLN A 66 8.38 1.79 -6.85
N GLU A 67 9.40 0.95 -6.75
CA GLU A 67 9.84 0.46 -5.45
C GLU A 67 10.84 1.43 -4.83
N ASP A 68 11.67 2.02 -5.69
CA ASP A 68 12.67 2.96 -5.23
C ASP A 68 11.97 4.23 -4.74
N ALA A 69 10.73 4.40 -5.17
CA ALA A 69 9.95 5.57 -4.79
C ALA A 69 9.67 5.51 -3.29
N LEU A 70 9.12 6.60 -2.78
CA LEU A 70 8.79 6.69 -1.36
C LEU A 70 7.38 7.26 -1.20
N LEU A 71 6.79 6.96 -0.05
CA LEU A 71 5.44 7.44 0.23
C LEU A 71 5.48 8.95 0.47
N GLY A 72 5.08 9.69 -0.55
CA GLY A 72 5.06 11.14 -0.47
C GLY A 72 5.26 11.77 -1.84
N SER A 73 6.19 11.21 -2.59
CA SER A 73 6.50 11.70 -3.92
C SER A 73 5.28 11.51 -4.84
N TYR A 74 4.40 10.61 -4.43
CA TYR A 74 3.20 10.32 -5.20
C TYR A 74 2.04 11.22 -4.75
N PRO A 75 0.97 11.23 -5.59
CA PRO A 75 -0.21 12.03 -5.29
C PRO A 75 -1.03 11.40 -4.17
N VAL A 76 -0.36 11.15 -3.06
CA VAL A 76 -1.02 10.55 -1.91
C VAL A 76 -0.94 11.52 -0.72
N ASP A 77 -1.72 11.21 0.30
CA ASP A 77 -1.74 12.04 1.50
C ASP A 77 -2.56 11.33 2.58
N ASP A 78 -2.31 11.72 3.82
CA ASP A 78 -3.01 11.14 4.95
C ASP A 78 -4.52 11.34 4.76
N GLY A 79 -5.16 10.31 4.23
CA GLY A 79 -6.59 10.36 4.00
C GLY A 79 -6.97 9.64 2.69
N CYS A 80 -5.95 9.44 1.87
CA CYS A 80 -6.16 8.76 0.59
C CYS A 80 -6.49 7.30 0.88
N ARG A 81 -6.52 6.51 -0.19
CA ARG A 81 -6.82 5.09 -0.06
C ARG A 81 -5.80 4.26 -0.85
N ILE A 82 -5.48 3.10 -0.30
CA ILE A 82 -4.53 2.21 -0.94
C ILE A 82 -5.18 0.83 -1.14
N HIS A 83 -5.26 0.43 -2.39
CA HIS A 83 -5.85 -0.85 -2.73
C HIS A 83 -4.75 -1.84 -3.11
N VAL A 84 -4.65 -2.91 -2.32
CA VAL A 84 -3.65 -3.94 -2.57
C VAL A 84 -4.25 -5.03 -3.44
N ILE A 85 -3.57 -5.32 -4.55
CA ILE A 85 -4.02 -6.34 -5.47
C ILE A 85 -3.31 -7.66 -5.15
N ASP A 86 -4.03 -8.55 -4.49
CA ASP A 86 -3.48 -9.85 -4.12
C ASP A 86 -3.07 -10.59 -5.39
N HIS A 87 -1.78 -10.57 -5.68
CA HIS A 87 -1.25 -11.25 -6.85
C HIS A 87 -0.73 -12.63 -6.46
N SER A 88 -1.26 -13.14 -5.35
CA SER A 88 -0.84 -14.43 -4.86
C SER A 88 -1.99 -15.43 -4.99
N GLY A 89 -2.38 -15.69 -6.23
CA GLY A 89 -3.46 -16.61 -6.51
C GLY A 89 -2.94 -17.91 -7.12
N SER A 90 -3.24 -18.11 -8.39
CA SER A 90 -2.80 -19.30 -9.09
C SER A 90 -2.14 -18.91 -10.42
N GLY A 91 -0.92 -19.41 -10.59
CA GLY A 91 -0.16 -19.13 -11.80
C GLY A 91 1.03 -20.08 -11.94
N PRO A 92 1.38 -20.37 -13.22
CA PRO A 92 2.50 -21.26 -13.50
C PRO A 92 3.83 -20.57 -13.24
N SER A 93 4.82 -21.38 -12.86
CA SER A 93 6.15 -20.86 -12.58
C SER A 93 7.14 -21.37 -13.62
N SER A 94 7.97 -20.45 -14.12
CA SER A 94 8.96 -20.80 -15.11
C SER A 94 10.26 -21.22 -14.43
N GLY A 95 11.13 -21.84 -15.21
CA GLY A 95 12.41 -22.30 -14.70
C GLY A 95 13.41 -21.14 -14.58
N GLY A 1 8.48 23.88 7.48
CA GLY A 1 9.15 23.07 8.49
C GLY A 1 8.88 21.58 8.27
N SER A 2 9.45 20.78 9.15
CA SER A 2 9.28 19.34 9.07
C SER A 2 9.88 18.67 10.31
N SER A 3 9.02 18.35 11.25
CA SER A 3 9.45 17.71 12.48
C SER A 3 10.52 16.67 12.17
N GLY A 4 10.17 15.73 11.30
CA GLY A 4 11.10 14.68 10.92
C GLY A 4 10.38 13.34 10.80
N SER A 5 10.35 12.83 9.57
CA SER A 5 9.71 11.56 9.30
C SER A 5 8.34 11.51 10.00
N SER A 6 7.41 12.26 9.44
CA SER A 6 6.06 12.31 10.00
C SER A 6 5.24 11.13 9.48
N GLY A 7 4.13 10.88 10.16
CA GLY A 7 3.25 9.78 9.79
C GLY A 7 2.05 10.29 9.00
N VAL A 8 1.51 9.41 8.16
CA VAL A 8 0.37 9.75 7.34
C VAL A 8 -0.65 8.61 7.39
N MET A 9 -1.89 8.97 7.65
CA MET A 9 -2.96 7.99 7.72
C MET A 9 -3.50 7.66 6.33
N VAL A 10 -3.37 6.39 5.97
CA VAL A 10 -3.83 5.93 4.66
C VAL A 10 -4.77 4.74 4.86
N PHE A 11 -5.74 4.63 3.95
CA PHE A 11 -6.70 3.55 4.01
C PHE A 11 -6.24 2.36 3.17
N ILE A 12 -5.74 1.34 3.86
CA ILE A 12 -5.26 0.15 3.19
C ILE A 12 -6.44 -0.80 2.94
N SER A 13 -6.37 -1.50 1.82
CA SER A 13 -7.41 -2.43 1.44
C SER A 13 -6.79 -3.69 0.82
N SER A 14 -7.67 -4.59 0.40
CA SER A 14 -7.22 -5.84 -0.21
C SER A 14 -8.43 -6.62 -0.73
N SER A 15 -8.31 -7.08 -1.97
CA SER A 15 -9.38 -7.85 -2.58
C SER A 15 -9.70 -9.09 -1.74
N LEU A 16 -8.70 -9.50 -0.97
CA LEU A 16 -8.86 -10.67 -0.11
C LEU A 16 -9.99 -10.41 0.88
N ASN A 17 -9.91 -9.26 1.53
CA ASN A 17 -10.92 -8.88 2.51
C ASN A 17 -11.83 -7.81 1.91
N SER A 18 -13.12 -8.10 1.92
CA SER A 18 -14.11 -7.18 1.38
C SER A 18 -14.30 -6.00 2.35
N PHE A 19 -13.22 -5.26 2.55
CA PHE A 19 -13.26 -4.11 3.43
C PHE A 19 -11.90 -3.42 3.51
N ARG A 20 -11.92 -2.17 3.94
CA ARG A 20 -10.69 -1.40 4.06
C ARG A 20 -10.24 -1.33 5.52
N SER A 21 -8.95 -1.13 5.70
CA SER A 21 -8.38 -1.04 7.04
C SER A 21 -7.84 0.37 7.28
N GLU A 22 -7.49 0.62 8.54
CA GLU A 22 -6.96 1.92 8.93
C GLU A 22 -5.58 1.75 9.58
N LYS A 23 -4.55 1.97 8.78
CA LYS A 23 -3.19 1.86 9.26
C LYS A 23 -2.43 3.16 8.97
N ARG A 24 -1.18 3.18 9.38
CA ARG A 24 -0.34 4.34 9.17
C ARG A 24 1.07 3.91 8.74
N TYR A 25 1.67 4.74 7.90
CA TYR A 25 3.01 4.46 7.40
C TYR A 25 3.76 5.76 7.11
N SER A 26 5.05 5.74 7.41
CA SER A 26 5.89 6.91 7.19
C SER A 26 6.03 7.16 5.69
N ARG A 27 6.12 8.43 5.34
CA ARG A 27 6.26 8.83 3.95
C ARG A 27 7.67 8.51 3.45
N SER A 28 8.49 8.02 4.36
CA SER A 28 9.86 7.67 4.03
C SER A 28 9.97 6.18 3.75
N LEU A 29 8.83 5.49 3.84
CA LEU A 29 8.78 4.07 3.60
C LEU A 29 8.82 3.81 2.09
N THR A 30 9.92 3.21 1.65
CA THR A 30 10.09 2.90 0.24
C THR A 30 8.97 1.97 -0.24
N ILE A 31 8.43 2.32 -1.40
CA ILE A 31 7.35 1.53 -1.98
C ILE A 31 7.62 0.04 -1.73
N ALA A 32 8.89 -0.32 -1.82
CA ALA A 32 9.29 -1.70 -1.61
C ALA A 32 9.01 -2.09 -0.15
N GLU A 33 9.55 -1.28 0.76
CA GLU A 33 9.36 -1.53 2.18
C GLU A 33 7.88 -1.43 2.55
N PHE A 34 7.23 -0.41 2.00
CA PHE A 34 5.82 -0.20 2.27
C PHE A 34 5.03 -1.49 2.10
N LYS A 35 5.30 -2.17 1.00
CA LYS A 35 4.62 -3.43 0.72
C LYS A 35 4.98 -4.46 1.80
N CYS A 36 6.27 -4.59 2.04
CA CYS A 36 6.74 -5.53 3.04
C CYS A 36 5.86 -5.40 4.28
N LYS A 37 5.39 -4.18 4.51
CA LYS A 37 4.53 -3.91 5.66
C LYS A 37 3.14 -4.50 5.39
N LEU A 38 2.62 -4.22 4.21
CA LEU A 38 1.32 -4.71 3.82
C LEU A 38 1.33 -6.23 3.83
N GLU A 39 2.47 -6.79 3.45
CA GLU A 39 2.62 -8.23 3.40
C GLU A 39 1.91 -8.88 4.58
N LEU A 40 1.86 -8.15 5.68
CA LEU A 40 1.20 -8.64 6.88
C LEU A 40 -0.28 -8.24 6.86
N VAL A 41 -0.50 -6.97 6.55
CA VAL A 41 -1.86 -6.46 6.48
C VAL A 41 -2.73 -7.42 5.66
N VAL A 42 -2.09 -8.04 4.69
CA VAL A 42 -2.79 -8.98 3.83
C VAL A 42 -2.30 -10.40 4.13
N GLY A 43 -1.04 -10.49 4.50
CA GLY A 43 -0.44 -11.78 4.82
C GLY A 43 0.09 -12.46 3.56
N SER A 44 0.42 -11.63 2.57
CA SER A 44 0.94 -12.15 1.32
C SER A 44 2.27 -11.47 0.99
N PRO A 45 2.97 -12.04 -0.03
CA PRO A 45 4.25 -11.49 -0.46
C PRO A 45 4.07 -10.20 -1.25
N ALA A 46 4.94 -9.24 -0.97
CA ALA A 46 4.88 -7.96 -1.64
C ALA A 46 5.25 -8.15 -3.12
N SER A 47 5.73 -9.35 -3.42
CA SER A 47 6.13 -9.67 -4.79
C SER A 47 4.94 -10.27 -5.55
N CYS A 48 3.86 -10.49 -4.81
CA CYS A 48 2.66 -11.05 -5.40
C CYS A 48 1.47 -10.14 -5.05
N MET A 49 1.79 -8.87 -4.84
CA MET A 49 0.77 -7.90 -4.50
C MET A 49 1.11 -6.52 -5.06
N GLU A 50 0.08 -5.82 -5.51
CA GLU A 50 0.26 -4.49 -6.06
C GLU A 50 -0.40 -3.44 -5.16
N LEU A 51 0.00 -2.20 -5.38
CA LEU A 51 -0.55 -1.09 -4.60
C LEU A 51 -1.17 -0.07 -5.53
N GLU A 52 -2.31 0.45 -5.11
CA GLU A 52 -3.02 1.44 -5.90
C GLU A 52 -3.23 2.72 -5.09
N LEU A 53 -3.11 3.84 -5.79
CA LEU A 53 -3.29 5.14 -5.15
C LEU A 53 -4.55 5.82 -5.70
N TYR A 54 -5.57 5.87 -4.85
CA TYR A 54 -6.82 6.47 -5.24
C TYR A 54 -6.96 7.88 -4.65
N GLY A 55 -7.72 8.72 -5.34
CA GLY A 55 -7.94 10.08 -4.89
C GLY A 55 -8.93 10.12 -3.73
N ALA A 56 -9.89 11.02 -3.84
CA ALA A 56 -10.90 11.18 -2.80
C ALA A 56 -12.10 10.29 -3.13
N ASP A 57 -12.84 10.70 -4.16
CA ASP A 57 -14.01 9.95 -4.58
C ASP A 57 -13.57 8.69 -5.33
N ASP A 58 -12.78 7.88 -4.63
CA ASP A 58 -12.29 6.64 -5.20
C ASP A 58 -11.92 6.88 -6.67
N LYS A 59 -10.97 7.78 -6.88
CA LYS A 59 -10.52 8.10 -8.21
C LYS A 59 -9.05 7.72 -8.37
N PHE A 60 -8.81 6.70 -9.18
CA PHE A 60 -7.47 6.23 -9.42
C PHE A 60 -6.55 7.38 -9.87
N TYR A 61 -5.35 7.38 -9.33
CA TYR A 61 -4.38 8.42 -9.66
C TYR A 61 -3.17 7.81 -10.39
N SER A 62 -2.40 7.05 -9.65
CA SER A 62 -1.21 6.42 -10.20
C SER A 62 -0.99 5.05 -9.54
N LYS A 63 0.03 4.36 -10.04
CA LYS A 63 0.36 3.05 -9.51
C LYS A 63 1.74 3.10 -8.85
N LEU A 64 1.85 2.41 -7.73
CA LEU A 64 3.10 2.36 -6.99
C LEU A 64 3.96 1.21 -7.53
N ASP A 65 4.22 1.27 -8.83
CA ASP A 65 5.03 0.24 -9.47
C ASP A 65 6.48 0.37 -8.99
N GLN A 66 6.92 1.61 -8.88
CA GLN A 66 8.28 1.88 -8.43
C GLN A 66 8.47 1.43 -6.98
N GLU A 67 9.53 0.67 -6.77
CA GLU A 67 9.83 0.16 -5.43
C GLU A 67 10.78 1.12 -4.71
N ASP A 68 11.70 1.68 -5.48
CA ASP A 68 12.67 2.61 -4.92
C ASP A 68 11.95 3.89 -4.47
N ALA A 69 10.82 4.15 -5.11
CA ALA A 69 10.04 5.32 -4.80
C ALA A 69 9.74 5.35 -3.30
N LEU A 70 9.18 6.46 -2.85
CA LEU A 70 8.85 6.62 -1.44
C LEU A 70 7.43 7.20 -1.32
N LEU A 71 6.76 6.81 -0.24
CA LEU A 71 5.42 7.29 0.01
C LEU A 71 5.44 8.81 0.16
N GLY A 72 4.80 9.48 -0.78
CA GLY A 72 4.74 10.93 -0.77
C GLY A 72 4.95 11.51 -2.16
N SER A 73 6.09 11.14 -2.75
CA SER A 73 6.42 11.61 -4.08
C SER A 73 5.21 11.51 -5.00
N TYR A 74 4.32 10.59 -4.66
CA TYR A 74 3.11 10.38 -5.43
C TYR A 74 2.00 11.31 -4.98
N PRO A 75 0.91 11.36 -5.80
CA PRO A 75 -0.23 12.21 -5.49
C PRO A 75 -1.06 11.61 -4.37
N VAL A 76 -0.40 11.37 -3.24
CA VAL A 76 -1.06 10.79 -2.08
C VAL A 76 -1.25 11.88 -1.02
N ASP A 77 -1.90 11.50 0.07
CA ASP A 77 -2.15 12.42 1.16
C ASP A 77 -2.90 11.71 2.28
N ASP A 78 -2.78 12.25 3.47
CA ASP A 78 -3.44 11.68 4.63
C ASP A 78 -4.96 11.64 4.39
N GLY A 79 -5.43 10.48 3.96
CA GLY A 79 -6.84 10.30 3.69
C GLY A 79 -7.06 9.50 2.41
N CYS A 80 -5.98 9.36 1.65
CA CYS A 80 -6.04 8.62 0.40
C CYS A 80 -6.42 7.17 0.71
N ARG A 81 -6.36 6.34 -0.31
CA ARG A 81 -6.69 4.92 -0.16
C ARG A 81 -5.67 4.05 -0.90
N ILE A 82 -5.18 3.05 -0.20
CA ILE A 82 -4.21 2.14 -0.76
C ILE A 82 -4.83 0.75 -0.89
N HIS A 83 -5.27 0.44 -2.11
CA HIS A 83 -5.88 -0.85 -2.37
C HIS A 83 -4.81 -1.84 -2.83
N VAL A 84 -4.79 -3.00 -2.19
CA VAL A 84 -3.84 -4.04 -2.53
C VAL A 84 -4.48 -5.02 -3.50
N ILE A 85 -3.70 -5.41 -4.50
CA ILE A 85 -4.18 -6.35 -5.51
C ILE A 85 -3.52 -7.71 -5.27
N ASP A 86 -4.31 -8.62 -4.70
CA ASP A 86 -3.82 -9.95 -4.42
C ASP A 86 -3.29 -10.58 -5.71
N HIS A 87 -1.98 -10.57 -5.83
CA HIS A 87 -1.34 -11.14 -7.01
C HIS A 87 -0.74 -12.50 -6.67
N SER A 88 -1.37 -13.15 -5.70
CA SER A 88 -0.92 -14.47 -5.27
C SER A 88 -1.99 -15.51 -5.56
N GLY A 89 -2.02 -15.95 -6.82
CA GLY A 89 -2.98 -16.95 -7.25
C GLY A 89 -2.31 -18.08 -8.02
N SER A 90 -2.03 -17.80 -9.28
CA SER A 90 -1.37 -18.77 -10.14
C SER A 90 0.14 -18.56 -10.14
N GLY A 91 0.86 -19.67 -10.08
CA GLY A 91 2.32 -19.61 -10.06
C GLY A 91 2.86 -19.14 -11.41
N PRO A 92 3.80 -18.17 -11.34
CA PRO A 92 4.41 -17.62 -12.54
C PRO A 92 5.42 -18.60 -13.14
N SER A 93 5.77 -18.36 -14.39
CA SER A 93 6.72 -19.21 -15.08
C SER A 93 6.91 -18.71 -16.52
N SER A 94 7.92 -17.87 -16.69
CA SER A 94 8.23 -17.32 -18.00
C SER A 94 9.61 -16.66 -17.98
N GLY A 95 9.74 -15.66 -17.11
CA GLY A 95 10.99 -14.94 -16.99
C GLY A 95 12.18 -15.91 -16.96
N GLY A 1 5.12 14.69 24.82
CA GLY A 1 4.27 14.46 23.67
C GLY A 1 3.53 15.74 23.27
N SER A 2 2.31 15.85 23.75
CA SER A 2 1.49 17.01 23.46
C SER A 2 1.01 16.97 22.00
N SER A 3 1.97 16.95 21.11
CA SER A 3 1.67 16.90 19.69
C SER A 3 2.89 16.40 18.91
N GLY A 4 2.60 15.64 17.85
CA GLY A 4 3.66 15.08 17.02
C GLY A 4 3.07 14.34 15.82
N SER A 5 2.85 15.09 14.75
CA SER A 5 2.30 14.52 13.54
C SER A 5 3.38 14.44 12.46
N SER A 6 3.86 13.22 12.24
CA SER A 6 4.89 12.98 11.24
C SER A 6 4.38 12.01 10.18
N GLY A 7 3.93 10.85 10.65
CA GLY A 7 3.43 9.82 9.76
C GLY A 7 2.22 10.33 8.98
N VAL A 8 1.63 9.43 8.20
CA VAL A 8 0.47 9.77 7.40
C VAL A 8 -0.54 8.62 7.45
N MET A 9 -1.79 8.96 7.72
CA MET A 9 -2.84 7.97 7.80
C MET A 9 -3.42 7.68 6.41
N VAL A 10 -3.29 6.43 6.00
CA VAL A 10 -3.78 6.00 4.70
C VAL A 10 -4.72 4.81 4.89
N PHE A 11 -5.69 4.71 3.99
CA PHE A 11 -6.65 3.61 4.04
C PHE A 11 -6.19 2.44 3.18
N ILE A 12 -5.68 1.42 3.86
CA ILE A 12 -5.21 0.23 3.16
C ILE A 12 -6.38 -0.71 2.90
N SER A 13 -6.31 -1.39 1.77
CA SER A 13 -7.36 -2.32 1.38
C SER A 13 -6.77 -3.45 0.53
N SER A 14 -7.64 -4.35 0.11
CA SER A 14 -7.23 -5.48 -0.70
C SER A 14 -8.46 -6.23 -1.22
N SER A 15 -8.26 -6.91 -2.35
CA SER A 15 -9.34 -7.67 -2.96
C SER A 15 -9.64 -8.92 -2.13
N LEU A 16 -8.77 -9.17 -1.16
CA LEU A 16 -8.93 -10.33 -0.30
C LEU A 16 -9.94 -10.00 0.80
N ASN A 17 -9.65 -8.94 1.54
CA ASN A 17 -10.51 -8.50 2.62
C ASN A 17 -11.84 -8.01 2.03
N SER A 18 -12.74 -7.62 2.93
CA SER A 18 -14.03 -7.12 2.52
C SER A 18 -14.06 -5.59 2.59
N PHE A 19 -13.75 -5.08 3.77
CA PHE A 19 -13.73 -3.65 3.98
C PHE A 19 -12.29 -3.12 4.04
N ARG A 20 -12.18 -1.80 4.14
CA ARG A 20 -10.87 -1.16 4.21
C ARG A 20 -10.36 -1.18 5.65
N SER A 21 -9.05 -1.02 5.77
CA SER A 21 -8.42 -1.01 7.08
C SER A 21 -7.82 0.37 7.36
N GLU A 22 -7.39 0.55 8.60
CA GLU A 22 -6.81 1.81 9.02
C GLU A 22 -5.39 1.59 9.56
N LYS A 23 -4.42 1.84 8.69
CA LYS A 23 -3.02 1.67 9.07
C LYS A 23 -2.28 2.99 8.87
N ARG A 24 -1.01 3.00 9.27
CA ARG A 24 -0.19 4.18 9.13
C ARG A 24 1.22 3.80 8.66
N TYR A 25 1.81 4.68 7.88
CA TYR A 25 3.15 4.44 7.36
C TYR A 25 3.88 5.78 7.10
N SER A 26 5.19 5.74 7.27
CA SER A 26 6.00 6.92 7.06
C SER A 26 6.14 7.20 5.56
N ARG A 27 6.21 8.48 5.24
CA ARG A 27 6.34 8.88 3.85
C ARG A 27 7.76 8.59 3.34
N SER A 28 8.58 8.09 4.25
CA SER A 28 9.96 7.76 3.90
C SER A 28 10.08 6.26 3.64
N LEU A 29 8.95 5.57 3.73
CA LEU A 29 8.93 4.14 3.50
C LEU A 29 8.92 3.86 2.01
N THR A 30 9.96 3.18 1.56
CA THR A 30 10.08 2.84 0.15
C THR A 30 8.95 1.89 -0.27
N ILE A 31 8.34 2.21 -1.40
CA ILE A 31 7.25 1.40 -1.92
C ILE A 31 7.56 -0.08 -1.67
N ALA A 32 8.83 -0.42 -1.83
CA ALA A 32 9.26 -1.79 -1.62
C ALA A 32 9.03 -2.18 -0.15
N GLU A 33 9.58 -1.37 0.74
CA GLU A 33 9.44 -1.61 2.16
C GLU A 33 7.97 -1.59 2.56
N PHE A 34 7.30 -0.49 2.20
CA PHE A 34 5.90 -0.33 2.52
C PHE A 34 5.14 -1.66 2.37
N LYS A 35 5.26 -2.24 1.18
CA LYS A 35 4.61 -3.50 0.89
C LYS A 35 4.97 -4.52 1.97
N CYS A 36 6.26 -4.57 2.27
CA CYS A 36 6.75 -5.50 3.28
C CYS A 36 5.85 -5.40 4.50
N LYS A 37 5.37 -4.19 4.76
CA LYS A 37 4.50 -3.96 5.89
C LYS A 37 3.09 -4.45 5.56
N LEU A 38 2.69 -4.17 4.32
CA LEU A 38 1.37 -4.57 3.85
C LEU A 38 1.29 -6.10 3.82
N GLU A 39 2.45 -6.72 3.61
CA GLU A 39 2.53 -8.16 3.55
C GLU A 39 1.69 -8.78 4.67
N LEU A 40 1.71 -8.13 5.82
CA LEU A 40 0.96 -8.60 6.97
C LEU A 40 -0.50 -8.17 6.85
N VAL A 41 -0.68 -6.94 6.36
CA VAL A 41 -2.01 -6.40 6.18
C VAL A 41 -2.84 -7.35 5.31
N VAL A 42 -2.22 -7.82 4.24
CA VAL A 42 -2.88 -8.73 3.33
C VAL A 42 -2.39 -10.16 3.59
N GLY A 43 -1.38 -10.25 4.46
CA GLY A 43 -0.82 -11.54 4.80
C GLY A 43 -0.26 -12.25 3.56
N SER A 44 0.09 -11.44 2.57
CA SER A 44 0.64 -11.97 1.33
C SER A 44 2.02 -11.36 1.06
N PRO A 45 2.73 -11.96 0.07
CA PRO A 45 4.05 -11.48 -0.29
C PRO A 45 3.98 -10.18 -1.10
N ALA A 46 4.81 -9.23 -0.70
CA ALA A 46 4.84 -7.94 -1.38
C ALA A 46 5.30 -8.12 -2.82
N SER A 47 5.81 -9.32 -3.09
CA SER A 47 6.29 -9.64 -4.43
C SER A 47 5.16 -10.26 -5.24
N CYS A 48 3.98 -10.29 -4.65
CA CYS A 48 2.82 -10.84 -5.32
C CYS A 48 1.61 -9.95 -5.01
N MET A 49 1.89 -8.67 -4.83
CA MET A 49 0.85 -7.70 -4.54
C MET A 49 1.22 -6.32 -5.06
N GLU A 50 0.26 -5.68 -5.71
CA GLU A 50 0.47 -4.35 -6.26
C GLU A 50 -0.17 -3.30 -5.36
N LEU A 51 0.12 -2.04 -5.68
CA LEU A 51 -0.43 -0.94 -4.91
C LEU A 51 -1.19 0.00 -5.85
N GLU A 52 -1.97 0.87 -5.24
CA GLU A 52 -2.77 1.83 -6.01
C GLU A 52 -3.04 3.08 -5.17
N LEU A 53 -3.17 4.21 -5.87
CA LEU A 53 -3.43 5.47 -5.21
C LEU A 53 -4.79 6.00 -5.66
N TYR A 54 -5.78 5.82 -4.79
CA TYR A 54 -7.12 6.27 -5.08
C TYR A 54 -7.37 7.66 -4.49
N GLY A 55 -8.14 8.45 -5.24
CA GLY A 55 -8.46 9.79 -4.81
C GLY A 55 -9.50 9.78 -3.67
N ALA A 56 -10.51 10.63 -3.83
CA ALA A 56 -11.56 10.72 -2.83
C ALA A 56 -12.63 9.66 -3.12
N ASP A 57 -13.39 9.92 -4.18
CA ASP A 57 -14.45 9.00 -4.58
C ASP A 57 -13.83 7.78 -5.24
N ASP A 58 -12.96 7.11 -4.50
CA ASP A 58 -12.29 5.92 -5.01
C ASP A 58 -11.92 6.14 -6.48
N LYS A 59 -11.01 7.08 -6.69
CA LYS A 59 -10.57 7.39 -8.04
C LYS A 59 -9.06 7.14 -8.15
N PHE A 60 -8.73 6.01 -8.77
CA PHE A 60 -7.34 5.64 -8.94
C PHE A 60 -6.56 6.74 -9.65
N TYR A 61 -5.34 6.97 -9.18
CA TYR A 61 -4.49 7.99 -9.76
C TYR A 61 -3.22 7.37 -10.34
N SER A 62 -2.51 6.64 -9.49
CA SER A 62 -1.28 5.99 -9.91
C SER A 62 -1.10 4.67 -9.16
N LYS A 63 -0.03 3.97 -9.50
CA LYS A 63 0.27 2.70 -8.87
C LYS A 63 1.62 2.79 -8.15
N LEU A 64 1.60 2.39 -6.89
CA LEU A 64 2.81 2.42 -6.08
C LEU A 64 3.60 1.13 -6.31
N ASP A 65 4.24 1.06 -7.46
CA ASP A 65 5.02 -0.11 -7.82
C ASP A 65 6.52 0.24 -7.71
N GLN A 66 6.86 1.40 -8.22
CA GLN A 66 8.23 1.86 -8.20
C GLN A 66 8.79 1.79 -6.77
N GLU A 67 9.82 0.97 -6.61
CA GLU A 67 10.44 0.80 -5.31
C GLU A 67 11.32 2.01 -4.98
N ASP A 68 12.03 2.47 -6.01
CA ASP A 68 12.91 3.62 -5.85
C ASP A 68 12.10 4.82 -5.36
N ALA A 69 10.79 4.71 -5.52
CA ALA A 69 9.90 5.79 -5.11
C ALA A 69 9.66 5.68 -3.60
N LEU A 70 9.06 6.73 -3.06
CA LEU A 70 8.78 6.78 -1.64
C LEU A 70 7.39 7.39 -1.41
N LEU A 71 6.71 6.89 -0.40
CA LEU A 71 5.38 7.37 -0.07
C LEU A 71 5.43 8.89 0.13
N GLY A 72 4.69 9.60 -0.73
CA GLY A 72 4.65 11.05 -0.66
C GLY A 72 4.88 11.67 -2.04
N SER A 73 5.98 11.26 -2.66
CA SER A 73 6.34 11.77 -3.97
C SER A 73 5.12 11.70 -4.89
N TYR A 74 4.23 10.76 -4.59
CA TYR A 74 3.02 10.59 -5.38
C TYR A 74 1.91 11.53 -4.90
N PRO A 75 0.85 11.64 -5.76
CA PRO A 75 -0.27 12.50 -5.42
C PRO A 75 -1.16 11.85 -4.35
N VAL A 76 -0.53 11.51 -3.24
CA VAL A 76 -1.24 10.90 -2.14
C VAL A 76 -1.10 11.77 -0.89
N ASP A 77 -1.88 11.43 0.13
CA ASP A 77 -1.85 12.16 1.38
C ASP A 77 -2.61 11.38 2.46
N ASP A 78 -2.41 11.78 3.70
CA ASP A 78 -3.05 11.12 4.81
C ASP A 78 -4.57 11.25 4.67
N GLY A 79 -5.18 10.17 4.21
CA GLY A 79 -6.62 10.14 4.02
C GLY A 79 -6.99 9.38 2.75
N CYS A 80 -6.03 9.27 1.85
CA CYS A 80 -6.24 8.56 0.60
C CYS A 80 -6.45 7.08 0.92
N ARG A 81 -6.50 6.28 -0.14
CA ARG A 81 -6.71 4.85 0.01
C ARG A 81 -5.68 4.08 -0.82
N ILE A 82 -5.15 3.02 -0.23
CA ILE A 82 -4.17 2.19 -0.90
C ILE A 82 -4.78 0.82 -1.21
N HIS A 83 -5.21 0.67 -2.46
CA HIS A 83 -5.82 -0.58 -2.89
C HIS A 83 -4.72 -1.59 -3.26
N VAL A 84 -4.68 -2.68 -2.51
CA VAL A 84 -3.69 -3.71 -2.74
C VAL A 84 -4.27 -4.77 -3.68
N ILE A 85 -3.56 -5.02 -4.76
CA ILE A 85 -3.99 -6.00 -5.74
C ILE A 85 -3.31 -7.34 -5.45
N ASP A 86 -4.08 -8.24 -4.84
CA ASP A 86 -3.57 -9.56 -4.50
C ASP A 86 -3.12 -10.27 -5.78
N HIS A 87 -1.80 -10.36 -5.94
CA HIS A 87 -1.23 -11.01 -7.12
C HIS A 87 -0.69 -12.38 -6.72
N SER A 88 -1.33 -12.98 -5.72
CA SER A 88 -0.93 -14.29 -5.24
C SER A 88 -1.98 -15.33 -5.63
N GLY A 89 -1.88 -15.80 -6.86
CA GLY A 89 -2.81 -16.80 -7.36
C GLY A 89 -2.19 -17.60 -8.51
N SER A 90 -3.06 -18.16 -9.34
CA SER A 90 -2.62 -18.95 -10.47
C SER A 90 -1.68 -20.06 -10.00
N GLY A 91 -0.40 -19.75 -10.00
CA GLY A 91 0.61 -20.72 -9.58
C GLY A 91 1.99 -20.07 -9.52
N PRO A 92 2.60 -20.15 -8.30
CA PRO A 92 3.92 -19.57 -8.09
C PRO A 92 5.00 -20.46 -8.73
N SER A 93 5.35 -20.11 -9.96
CA SER A 93 6.37 -20.86 -10.68
C SER A 93 7.34 -19.89 -11.36
N SER A 94 8.61 -20.05 -11.02
CA SER A 94 9.65 -19.20 -11.60
C SER A 94 11.03 -19.70 -11.17
N GLY A 95 11.85 -20.00 -12.16
CA GLY A 95 13.20 -20.48 -11.90
C GLY A 95 14.14 -19.32 -11.59
N GLY A 1 13.38 2.12 7.39
CA GLY A 1 13.79 2.56 8.72
C GLY A 1 12.63 2.54 9.70
N SER A 2 12.96 2.49 10.98
CA SER A 2 11.96 2.45 12.02
C SER A 2 11.95 3.78 12.78
N SER A 3 10.74 4.25 13.07
CA SER A 3 10.59 5.51 13.79
C SER A 3 9.10 5.79 14.01
N GLY A 4 8.84 6.76 14.89
CA GLY A 4 7.48 7.14 15.21
C GLY A 4 7.38 8.63 15.52
N SER A 5 6.94 9.39 14.53
CA SER A 5 6.80 10.82 14.69
C SER A 5 6.24 11.44 13.41
N SER A 6 5.01 11.93 13.51
CA SER A 6 4.35 12.54 12.37
C SER A 6 4.35 11.58 11.18
N GLY A 7 3.20 10.96 10.96
CA GLY A 7 3.05 10.01 9.87
C GLY A 7 1.85 10.36 9.00
N VAL A 8 1.43 9.38 8.21
CA VAL A 8 0.29 9.58 7.33
C VAL A 8 -0.64 8.37 7.43
N MET A 9 -1.92 8.65 7.63
CA MET A 9 -2.91 7.61 7.74
C MET A 9 -3.57 7.31 6.39
N VAL A 10 -3.25 6.14 5.87
CA VAL A 10 -3.79 5.72 4.58
C VAL A 10 -4.71 4.51 4.79
N PHE A 11 -5.70 4.40 3.91
CA PHE A 11 -6.65 3.31 3.99
C PHE A 11 -6.19 2.13 3.12
N ILE A 12 -5.66 1.11 3.79
CA ILE A 12 -5.19 -0.07 3.10
C ILE A 12 -6.36 -1.02 2.86
N SER A 13 -6.36 -1.63 1.69
CA SER A 13 -7.40 -2.56 1.31
C SER A 13 -6.87 -3.62 0.36
N SER A 14 -7.64 -4.68 0.20
CA SER A 14 -7.25 -5.77 -0.69
C SER A 14 -8.49 -6.52 -1.18
N SER A 15 -8.36 -7.08 -2.37
CA SER A 15 -9.46 -7.82 -2.97
C SER A 15 -9.88 -8.97 -2.04
N LEU A 16 -8.93 -9.39 -1.22
CA LEU A 16 -9.19 -10.48 -0.28
C LEU A 16 -10.28 -10.06 0.69
N ASN A 17 -10.05 -8.94 1.36
CA ASN A 17 -11.00 -8.41 2.31
C ASN A 17 -11.82 -7.28 1.66
N SER A 18 -13.11 -7.53 1.55
CA SER A 18 -13.99 -6.54 0.95
C SER A 18 -14.24 -5.39 1.94
N PHE A 19 -13.21 -4.60 2.14
CA PHE A 19 -13.29 -3.47 3.04
C PHE A 19 -11.99 -2.67 3.05
N ARG A 20 -11.98 -1.63 3.88
CA ARG A 20 -10.80 -0.78 3.98
C ARG A 20 -10.32 -0.72 5.44
N SER A 21 -9.02 -0.85 5.60
CA SER A 21 -8.42 -0.81 6.93
C SER A 21 -7.81 0.58 7.19
N GLU A 22 -7.44 0.79 8.44
CA GLU A 22 -6.84 2.05 8.84
C GLU A 22 -5.48 1.82 9.46
N LYS A 23 -4.44 2.01 8.65
CA LYS A 23 -3.08 1.83 9.10
C LYS A 23 -2.31 3.13 8.93
N ARG A 24 -1.07 3.13 9.42
CA ARG A 24 -0.22 4.30 9.33
C ARG A 24 1.20 3.90 8.94
N TYR A 25 1.83 4.77 8.16
CA TYR A 25 3.19 4.51 7.71
C TYR A 25 3.92 5.82 7.39
N SER A 26 5.23 5.78 7.56
CA SER A 26 6.06 6.94 7.30
C SER A 26 6.13 7.21 5.80
N ARG A 27 6.17 8.49 5.45
CA ARG A 27 6.25 8.88 4.05
C ARG A 27 7.64 8.60 3.50
N SER A 28 8.52 8.16 4.38
CA SER A 28 9.88 7.85 3.99
C SER A 28 10.00 6.37 3.63
N LEU A 29 8.92 5.64 3.89
CA LEU A 29 8.89 4.22 3.60
C LEU A 29 8.86 4.01 2.08
N THR A 30 9.87 3.32 1.59
CA THR A 30 9.96 3.04 0.16
C THR A 30 8.89 2.04 -0.25
N ILE A 31 8.27 2.33 -1.39
CA ILE A 31 7.22 1.46 -1.91
C ILE A 31 7.58 0.01 -1.62
N ALA A 32 8.83 -0.34 -1.91
CA ALA A 32 9.31 -1.68 -1.69
C ALA A 32 9.06 -2.08 -0.23
N GLU A 33 9.57 -1.24 0.67
CA GLU A 33 9.40 -1.49 2.09
C GLU A 33 7.92 -1.48 2.47
N PHE A 34 7.25 -0.41 2.07
CA PHE A 34 5.83 -0.26 2.35
C PHE A 34 5.08 -1.57 2.12
N LYS A 35 5.30 -2.14 0.94
CA LYS A 35 4.66 -3.39 0.58
C LYS A 35 4.96 -4.44 1.65
N CYS A 36 6.16 -4.37 2.19
CA CYS A 36 6.58 -5.31 3.22
C CYS A 36 5.62 -5.16 4.40
N LYS A 37 5.18 -3.92 4.62
CA LYS A 37 4.27 -3.64 5.72
C LYS A 37 2.89 -4.22 5.38
N LEU A 38 2.57 -4.19 4.11
CA LEU A 38 1.28 -4.70 3.63
C LEU A 38 1.28 -6.22 3.76
N GLU A 39 2.46 -6.80 3.66
CA GLU A 39 2.60 -8.24 3.75
C GLU A 39 1.89 -8.76 4.99
N LEU A 40 1.81 -7.91 6.00
CA LEU A 40 1.16 -8.26 7.25
C LEU A 40 -0.31 -7.84 7.19
N VAL A 41 -0.56 -6.77 6.45
CA VAL A 41 -1.90 -6.25 6.31
C VAL A 41 -2.76 -7.27 5.55
N VAL A 42 -2.25 -7.70 4.41
CA VAL A 42 -2.95 -8.66 3.59
C VAL A 42 -2.49 -10.07 3.97
N GLY A 43 -1.36 -10.13 4.65
CA GLY A 43 -0.81 -11.41 5.08
C GLY A 43 -0.20 -12.16 3.91
N SER A 44 -0.21 -11.50 2.75
CA SER A 44 0.36 -12.10 1.55
C SER A 44 1.74 -11.51 1.26
N PRO A 45 2.43 -12.12 0.26
CA PRO A 45 3.76 -11.67 -0.11
C PRO A 45 3.70 -10.35 -0.90
N ALA A 46 4.62 -9.46 -0.56
CA ALA A 46 4.68 -8.17 -1.23
C ALA A 46 5.27 -8.35 -2.63
N SER A 47 5.62 -9.59 -2.94
CA SER A 47 6.20 -9.91 -4.24
C SER A 47 5.12 -10.50 -5.15
N CYS A 48 3.91 -10.52 -4.65
CA CYS A 48 2.78 -11.07 -5.41
C CYS A 48 1.56 -10.18 -5.14
N MET A 49 1.82 -8.94 -4.81
CA MET A 49 0.76 -7.99 -4.51
C MET A 49 1.10 -6.59 -5.04
N GLU A 50 0.18 -6.04 -5.81
CA GLU A 50 0.38 -4.71 -6.37
C GLU A 50 -0.28 -3.65 -5.47
N LEU A 51 0.18 -2.42 -5.64
CA LEU A 51 -0.35 -1.32 -4.87
C LEU A 51 -1.14 -0.38 -5.78
N GLU A 52 -1.91 0.50 -5.15
CA GLU A 52 -2.72 1.45 -5.90
C GLU A 52 -2.97 2.71 -5.06
N LEU A 53 -3.11 3.82 -5.77
CA LEU A 53 -3.35 5.09 -5.11
C LEU A 53 -4.65 5.71 -5.64
N TYR A 54 -5.53 6.05 -4.72
CA TYR A 54 -6.81 6.65 -5.09
C TYR A 54 -6.92 8.08 -4.54
N GLY A 55 -7.73 8.87 -5.22
CA GLY A 55 -7.94 10.25 -4.82
C GLY A 55 -8.57 10.33 -3.42
N ALA A 56 -9.61 11.13 -3.31
CA ALA A 56 -10.31 11.30 -2.05
C ALA A 56 -11.56 10.41 -2.04
N ASP A 57 -12.54 10.82 -2.83
CA ASP A 57 -13.79 10.08 -2.92
C ASP A 57 -13.48 8.60 -3.14
N ASP A 58 -12.71 8.34 -4.19
CA ASP A 58 -12.33 6.98 -4.52
C ASP A 58 -12.00 6.89 -6.01
N LYS A 59 -11.22 7.86 -6.47
CA LYS A 59 -10.83 7.91 -7.87
C LYS A 59 -9.36 7.52 -7.99
N PHE A 60 -9.14 6.39 -8.65
CA PHE A 60 -7.79 5.89 -8.85
C PHE A 60 -6.87 6.98 -9.41
N TYR A 61 -5.67 7.04 -8.88
CA TYR A 61 -4.70 8.04 -9.31
C TYR A 61 -3.50 7.37 -9.99
N SER A 62 -2.68 6.73 -9.16
CA SER A 62 -1.50 6.05 -9.66
C SER A 62 -1.26 4.77 -8.87
N LYS A 63 -0.29 3.99 -9.34
CA LYS A 63 0.04 2.73 -8.69
C LYS A 63 1.41 2.86 -8.02
N LEU A 64 1.49 2.36 -6.80
CA LEU A 64 2.73 2.41 -6.04
C LEU A 64 3.56 1.17 -6.35
N ASP A 65 4.13 1.15 -7.55
CA ASP A 65 4.95 0.03 -7.97
C ASP A 65 6.44 0.40 -7.85
N GLN A 66 6.73 1.63 -8.26
CA GLN A 66 8.10 2.13 -8.19
C GLN A 66 8.69 1.87 -6.81
N GLU A 67 9.65 0.94 -6.77
CA GLU A 67 10.30 0.60 -5.52
C GLU A 67 11.27 1.71 -5.11
N ASP A 68 11.75 2.44 -6.10
CA ASP A 68 12.68 3.52 -5.87
C ASP A 68 11.90 4.77 -5.46
N ALA A 69 10.59 4.64 -5.41
CA ALA A 69 9.72 5.73 -5.03
C ALA A 69 9.48 5.69 -3.52
N LEU A 70 9.06 6.83 -2.99
CA LEU A 70 8.79 6.94 -1.56
C LEU A 70 7.37 7.48 -1.37
N LEU A 71 6.75 7.03 -0.29
CA LEU A 71 5.39 7.46 0.03
C LEU A 71 5.38 8.98 0.22
N GLY A 72 4.70 9.65 -0.70
CA GLY A 72 4.60 11.10 -0.66
C GLY A 72 4.76 11.71 -2.05
N SER A 73 5.88 11.40 -2.67
CA SER A 73 6.15 11.91 -4.01
C SER A 73 4.91 11.78 -4.89
N TYR A 74 4.08 10.82 -4.54
CA TYR A 74 2.85 10.57 -5.28
C TYR A 74 1.71 11.45 -4.76
N PRO A 75 0.59 11.48 -5.54
CA PRO A 75 -0.57 12.27 -5.16
C PRO A 75 -1.34 11.60 -4.03
N VAL A 76 -0.63 11.32 -2.95
CA VAL A 76 -1.23 10.69 -1.79
C VAL A 76 -1.48 11.74 -0.71
N ASP A 77 -2.18 11.31 0.33
CA ASP A 77 -2.50 12.21 1.44
C ASP A 77 -3.26 11.43 2.52
N ASP A 78 -3.02 11.82 3.76
CA ASP A 78 -3.68 11.18 4.89
C ASP A 78 -5.18 11.09 4.62
N GLY A 79 -5.61 9.89 4.21
CA GLY A 79 -7.01 9.67 3.91
C GLY A 79 -7.18 8.95 2.57
N CYS A 80 -6.06 8.81 1.86
CA CYS A 80 -6.07 8.14 0.57
C CYS A 80 -6.61 6.72 0.77
N ARG A 81 -6.34 5.89 -0.22
CA ARG A 81 -6.78 4.50 -0.17
C ARG A 81 -5.85 3.62 -0.99
N ILE A 82 -5.14 2.74 -0.28
CA ILE A 82 -4.20 1.83 -0.93
C ILE A 82 -4.92 0.51 -1.21
N HIS A 83 -5.20 0.28 -2.49
CA HIS A 83 -5.86 -0.94 -2.91
C HIS A 83 -4.82 -1.99 -3.27
N VAL A 84 -4.63 -2.92 -2.35
CA VAL A 84 -3.67 -4.00 -2.56
C VAL A 84 -4.28 -5.04 -3.49
N ILE A 85 -3.60 -5.27 -4.61
CA ILE A 85 -4.06 -6.24 -5.58
C ILE A 85 -3.39 -7.59 -5.31
N ASP A 86 -4.16 -8.48 -4.70
CA ASP A 86 -3.65 -9.81 -4.37
C ASP A 86 -3.27 -10.52 -5.67
N HIS A 87 -1.96 -10.60 -5.91
CA HIS A 87 -1.45 -11.26 -7.10
C HIS A 87 -0.89 -12.63 -6.72
N SER A 88 -1.48 -13.20 -5.69
CA SER A 88 -1.04 -14.52 -5.21
C SER A 88 -2.22 -15.50 -5.26
N GLY A 89 -3.26 -15.15 -4.52
CA GLY A 89 -4.44 -16.00 -4.46
C GLY A 89 -4.84 -16.48 -5.86
N SER A 90 -5.44 -15.58 -6.62
CA SER A 90 -5.86 -15.89 -7.97
C SER A 90 -5.01 -15.15 -8.98
N GLY A 91 -4.11 -15.89 -9.61
CA GLY A 91 -3.22 -15.31 -10.61
C GLY A 91 -2.23 -16.35 -11.13
N PRO A 92 -1.28 -15.87 -11.98
CA PRO A 92 -0.27 -16.74 -12.56
C PRO A 92 0.79 -17.11 -11.52
N SER A 93 1.69 -17.99 -11.94
CA SER A 93 2.76 -18.43 -11.05
C SER A 93 4.11 -17.95 -11.59
N SER A 94 5.03 -17.73 -10.67
CA SER A 94 6.36 -17.27 -11.04
C SER A 94 7.35 -18.42 -10.98
N GLY A 95 8.45 -18.26 -11.72
CA GLY A 95 9.48 -19.28 -11.75
C GLY A 95 10.87 -18.67 -11.72
N GLY A 1 11.57 23.01 17.20
CA GLY A 1 12.19 22.27 16.12
C GLY A 1 11.13 21.71 15.16
N SER A 2 11.33 20.45 14.78
CA SER A 2 10.40 19.80 13.87
C SER A 2 9.61 18.74 14.62
N SER A 3 8.39 19.10 14.98
CA SER A 3 7.51 18.19 15.71
C SER A 3 6.05 18.49 15.36
N GLY A 4 5.56 17.83 14.33
CA GLY A 4 4.19 18.01 13.90
C GLY A 4 3.57 16.67 13.48
N SER A 5 3.06 16.66 12.26
CA SER A 5 2.44 15.46 11.73
C SER A 5 3.38 14.26 11.88
N SER A 6 2.87 13.22 12.53
CA SER A 6 3.65 12.02 12.74
C SER A 6 3.17 10.91 11.80
N GLY A 7 3.73 10.90 10.61
CA GLY A 7 3.37 9.91 9.61
C GLY A 7 2.15 10.35 8.80
N VAL A 8 1.54 9.39 8.13
CA VAL A 8 0.37 9.66 7.32
C VAL A 8 -0.61 8.50 7.42
N MET A 9 -1.88 8.83 7.60
CA MET A 9 -2.91 7.83 7.72
C MET A 9 -3.56 7.55 6.36
N VAL A 10 -3.43 6.31 5.91
CA VAL A 10 -3.99 5.91 4.63
C VAL A 10 -4.88 4.69 4.85
N PHE A 11 -5.87 4.56 3.97
CA PHE A 11 -6.80 3.44 4.05
C PHE A 11 -6.33 2.28 3.18
N ILE A 12 -5.77 1.28 3.84
CA ILE A 12 -5.28 0.11 3.14
C ILE A 12 -6.42 -0.87 2.91
N SER A 13 -6.53 -1.34 1.68
CA SER A 13 -7.57 -2.27 1.32
C SER A 13 -6.98 -3.48 0.58
N SER A 14 -7.84 -4.44 0.28
CA SER A 14 -7.41 -5.64 -0.42
C SER A 14 -8.62 -6.32 -1.07
N SER A 15 -8.36 -6.88 -2.26
CA SER A 15 -9.42 -7.55 -2.99
C SER A 15 -9.82 -8.84 -2.26
N LEU A 16 -8.95 -9.26 -1.36
CA LEU A 16 -9.20 -10.47 -0.58
C LEU A 16 -10.26 -10.17 0.48
N ASN A 17 -9.95 -9.22 1.33
CA ASN A 17 -10.86 -8.83 2.40
C ASN A 17 -11.84 -7.77 1.87
N SER A 18 -13.11 -8.11 1.92
CA SER A 18 -14.15 -7.21 1.46
C SER A 18 -14.34 -6.07 2.47
N PHE A 19 -13.30 -5.27 2.63
CA PHE A 19 -13.34 -4.16 3.55
C PHE A 19 -12.01 -3.41 3.57
N ARG A 20 -12.07 -2.17 4.05
CA ARG A 20 -10.87 -1.34 4.12
C ARG A 20 -10.36 -1.29 5.56
N SER A 21 -9.04 -1.15 5.69
CA SER A 21 -8.42 -1.09 6.99
C SER A 21 -7.84 0.31 7.23
N GLU A 22 -7.46 0.55 8.48
CA GLU A 22 -6.89 1.84 8.85
C GLU A 22 -5.50 1.65 9.45
N LYS A 23 -4.49 1.87 8.62
CA LYS A 23 -3.12 1.73 9.06
C LYS A 23 -2.36 3.04 8.79
N ARG A 24 -1.12 3.07 9.23
CA ARG A 24 -0.29 4.25 9.05
C ARG A 24 1.13 3.84 8.65
N TYR A 25 1.73 4.67 7.80
CA TYR A 25 3.08 4.41 7.33
C TYR A 25 3.84 5.71 7.09
N SER A 26 5.15 5.64 7.30
CA SER A 26 6.00 6.81 7.12
C SER A 26 6.11 7.14 5.63
N ARG A 27 6.18 8.44 5.35
CA ARG A 27 6.29 8.90 3.98
C ARG A 27 7.71 8.67 3.45
N SER A 28 8.55 8.11 4.31
CA SER A 28 9.92 7.84 3.95
C SER A 28 10.12 6.34 3.70
N LEU A 29 9.01 5.61 3.80
CA LEU A 29 9.03 4.18 3.59
C LEU A 29 9.09 3.89 2.09
N THR A 30 10.12 3.16 1.69
CA THR A 30 10.30 2.81 0.29
C THR A 30 9.15 1.91 -0.18
N ILE A 31 8.56 2.30 -1.29
CA ILE A 31 7.45 1.54 -1.86
C ILE A 31 7.70 0.05 -1.63
N ALA A 32 8.94 -0.35 -1.81
CA ALA A 32 9.32 -1.74 -1.62
C ALA A 32 9.06 -2.15 -0.17
N GLU A 33 9.66 -1.41 0.74
CA GLU A 33 9.50 -1.69 2.15
C GLU A 33 8.02 -1.62 2.54
N PHE A 34 7.36 -0.58 2.07
CA PHE A 34 5.95 -0.40 2.35
C PHE A 34 5.16 -1.68 2.10
N LYS A 35 5.37 -2.24 0.91
CA LYS A 35 4.69 -3.47 0.54
C LYS A 35 4.98 -4.55 1.58
N CYS A 36 6.20 -4.52 2.08
CA CYS A 36 6.62 -5.50 3.08
C CYS A 36 5.77 -5.28 4.34
N LYS A 37 5.36 -4.04 4.53
CA LYS A 37 4.55 -3.69 5.69
C LYS A 37 3.12 -4.16 5.46
N LEU A 38 2.72 -4.16 4.19
CA LEU A 38 1.38 -4.58 3.82
C LEU A 38 1.31 -6.11 3.87
N GLU A 39 2.47 -6.73 3.65
CA GLU A 39 2.55 -8.18 3.66
C GLU A 39 1.79 -8.76 4.87
N LEU A 40 1.87 -8.02 5.96
CA LEU A 40 1.21 -8.44 7.19
C LEU A 40 -0.22 -7.89 7.20
N VAL A 41 -0.39 -6.75 6.55
CA VAL A 41 -1.70 -6.12 6.48
C VAL A 41 -2.68 -7.06 5.78
N VAL A 42 -2.19 -7.70 4.73
CA VAL A 42 -3.01 -8.63 3.97
C VAL A 42 -2.55 -10.07 4.26
N GLY A 43 -1.34 -10.17 4.77
CA GLY A 43 -0.77 -11.46 5.10
C GLY A 43 -0.23 -12.16 3.85
N SER A 44 -0.30 -11.44 2.73
CA SER A 44 0.17 -11.98 1.47
C SER A 44 1.57 -11.42 1.17
N PRO A 45 2.23 -12.07 0.17
CA PRO A 45 3.57 -11.65 -0.22
C PRO A 45 3.52 -10.36 -1.05
N ALA A 46 4.40 -9.43 -0.69
CA ALA A 46 4.46 -8.17 -1.40
C ALA A 46 4.98 -8.40 -2.82
N SER A 47 5.66 -9.52 -2.99
CA SER A 47 6.22 -9.87 -4.28
C SER A 47 5.12 -10.42 -5.19
N CYS A 48 3.91 -10.45 -4.65
CA CYS A 48 2.77 -10.94 -5.40
C CYS A 48 1.57 -10.04 -5.09
N MET A 49 1.86 -8.79 -4.78
CA MET A 49 0.82 -7.83 -4.46
C MET A 49 1.20 -6.43 -4.95
N GLU A 50 0.28 -5.83 -5.68
CA GLU A 50 0.50 -4.50 -6.22
C GLU A 50 -0.12 -3.45 -5.29
N LEU A 51 0.15 -2.19 -5.61
CA LEU A 51 -0.38 -1.09 -4.82
C LEU A 51 -1.15 -0.13 -5.73
N GLU A 52 -2.12 0.56 -5.13
CA GLU A 52 -2.93 1.50 -5.88
C GLU A 52 -3.14 2.78 -5.06
N LEU A 53 -3.19 3.89 -5.77
CA LEU A 53 -3.39 5.19 -5.13
C LEU A 53 -4.67 5.82 -5.66
N TYR A 54 -5.65 5.92 -4.77
CA TYR A 54 -6.93 6.50 -5.13
C TYR A 54 -7.10 7.89 -4.52
N GLY A 55 -7.87 8.72 -5.20
CA GLY A 55 -8.12 10.08 -4.73
C GLY A 55 -8.85 10.07 -3.39
N ALA A 56 -9.89 10.90 -3.31
CA ALA A 56 -10.68 11.00 -2.10
C ALA A 56 -11.87 10.03 -2.20
N ASP A 57 -12.82 10.40 -3.06
CA ASP A 57 -14.00 9.58 -3.25
C ASP A 57 -13.58 8.16 -3.64
N ASP A 58 -12.72 8.09 -4.64
CA ASP A 58 -12.22 6.81 -5.11
C ASP A 58 -11.78 6.95 -6.58
N LYS A 59 -11.02 8.00 -6.84
CA LYS A 59 -10.53 8.26 -8.19
C LYS A 59 -9.09 7.75 -8.29
N PHE A 60 -8.92 6.75 -9.15
CA PHE A 60 -7.60 6.17 -9.36
C PHE A 60 -6.61 7.22 -9.88
N TYR A 61 -5.48 7.32 -9.20
CA TYR A 61 -4.45 8.26 -9.57
C TYR A 61 -3.26 7.56 -10.23
N SER A 62 -2.64 6.69 -9.46
CA SER A 62 -1.49 5.95 -9.95
C SER A 62 -1.24 4.72 -9.07
N LYS A 63 -0.32 3.87 -9.52
CA LYS A 63 0.01 2.66 -8.79
C LYS A 63 1.46 2.76 -8.30
N LEU A 64 1.63 2.53 -7.01
CA LEU A 64 2.96 2.58 -6.42
C LEU A 64 3.78 1.39 -6.92
N ASP A 65 4.07 1.41 -8.22
CA ASP A 65 4.84 0.35 -8.84
C ASP A 65 6.31 0.50 -8.42
N GLN A 66 6.84 1.69 -8.65
CA GLN A 66 8.22 1.97 -8.31
C GLN A 66 8.54 1.43 -6.90
N GLU A 67 9.72 0.83 -6.79
CA GLU A 67 10.15 0.27 -5.53
C GLU A 67 11.09 1.25 -4.82
N ASP A 68 11.94 1.89 -5.61
CA ASP A 68 12.89 2.85 -5.06
C ASP A 68 12.15 4.13 -4.67
N ALA A 69 10.90 4.21 -5.10
CA ALA A 69 10.07 5.37 -4.81
C ALA A 69 9.80 5.42 -3.30
N LEU A 70 9.26 6.55 -2.87
CA LEU A 70 8.95 6.75 -1.47
C LEU A 70 7.53 7.30 -1.34
N LEU A 71 6.90 6.96 -0.23
CA LEU A 71 5.54 7.41 0.03
C LEU A 71 5.54 8.92 0.24
N GLY A 72 5.14 9.64 -0.80
CA GLY A 72 5.09 11.09 -0.74
C GLY A 72 5.26 11.70 -2.14
N SER A 73 6.21 11.13 -2.87
CA SER A 73 6.48 11.61 -4.23
C SER A 73 5.23 11.48 -5.09
N TYR A 74 4.28 10.70 -4.60
CA TYR A 74 3.03 10.49 -5.31
C TYR A 74 1.92 11.37 -4.75
N PRO A 75 0.82 11.49 -5.54
CA PRO A 75 -0.31 12.29 -5.12
C PRO A 75 -1.12 11.59 -4.04
N VAL A 76 -0.43 11.28 -2.94
CA VAL A 76 -1.08 10.61 -1.82
C VAL A 76 -1.19 11.58 -0.65
N ASP A 77 -2.18 11.32 0.20
CA ASP A 77 -2.41 12.17 1.35
C ASP A 77 -3.01 11.32 2.48
N ASP A 78 -2.99 11.89 3.68
CA ASP A 78 -3.53 11.20 4.84
C ASP A 78 -5.05 11.08 4.70
N GLY A 79 -5.49 9.92 4.25
CA GLY A 79 -6.90 9.66 4.06
C GLY A 79 -7.16 8.95 2.73
N CYS A 80 -6.12 8.88 1.92
CA CYS A 80 -6.23 8.23 0.63
C CYS A 80 -6.69 6.79 0.84
N ARG A 81 -6.54 5.99 -0.19
CA ARG A 81 -6.95 4.59 -0.13
C ARG A 81 -5.97 3.72 -0.92
N ILE A 82 -5.21 2.92 -0.19
CA ILE A 82 -4.24 2.04 -0.81
C ILE A 82 -4.85 0.63 -0.95
N HIS A 83 -5.21 0.29 -2.17
CA HIS A 83 -5.80 -1.00 -2.45
C HIS A 83 -4.69 -1.98 -2.85
N VAL A 84 -4.67 -3.11 -2.15
CA VAL A 84 -3.68 -4.14 -2.42
C VAL A 84 -4.24 -5.12 -3.45
N ILE A 85 -3.54 -5.23 -4.56
CA ILE A 85 -3.96 -6.13 -5.63
C ILE A 85 -3.35 -7.51 -5.39
N ASP A 86 -4.17 -8.42 -4.89
CA ASP A 86 -3.72 -9.77 -4.62
C ASP A 86 -3.20 -10.40 -5.91
N HIS A 87 -1.88 -10.41 -6.04
CA HIS A 87 -1.25 -10.97 -7.22
C HIS A 87 -0.72 -12.37 -6.90
N SER A 88 -1.39 -13.02 -5.95
CA SER A 88 -0.99 -14.35 -5.54
C SER A 88 -2.18 -15.31 -5.69
N GLY A 89 -2.33 -15.83 -6.90
CA GLY A 89 -3.41 -16.76 -7.19
C GLY A 89 -3.01 -17.73 -8.30
N SER A 90 -2.07 -18.59 -7.98
CA SER A 90 -1.59 -19.58 -8.94
C SER A 90 -0.95 -18.88 -10.14
N GLY A 91 0.34 -19.11 -10.29
CA GLY A 91 1.08 -18.52 -11.39
C GLY A 91 2.43 -19.21 -11.60
N PRO A 92 3.50 -18.57 -11.08
CA PRO A 92 4.84 -19.12 -11.19
C PRO A 92 5.03 -20.30 -10.24
N SER A 93 6.21 -20.90 -10.33
CA SER A 93 6.53 -22.04 -9.49
C SER A 93 7.46 -21.60 -8.34
N SER A 94 8.60 -21.07 -8.73
CA SER A 94 9.58 -20.61 -7.75
C SER A 94 10.03 -21.77 -6.87
N GLY A 95 11.33 -22.00 -6.87
CA GLY A 95 11.91 -23.07 -6.08
C GLY A 95 13.16 -23.66 -6.76
N GLY A 1 12.03 -0.54 13.57
CA GLY A 1 12.48 0.65 14.26
C GLY A 1 13.60 1.34 13.48
N SER A 2 13.29 2.54 13.01
CA SER A 2 14.26 3.31 12.26
C SER A 2 14.01 4.81 12.47
N SER A 3 12.80 5.23 12.16
CA SER A 3 12.43 6.63 12.32
C SER A 3 10.91 6.77 12.31
N GLY A 4 10.42 7.60 13.23
CA GLY A 4 8.99 7.82 13.34
C GLY A 4 8.69 9.25 13.82
N SER A 5 8.39 10.11 12.85
CA SER A 5 8.10 11.50 13.16
C SER A 5 7.08 12.05 12.15
N SER A 6 5.84 12.13 12.60
CA SER A 6 4.76 12.64 11.75
C SER A 6 4.63 11.75 10.51
N GLY A 7 3.79 10.74 10.64
CA GLY A 7 3.56 9.81 9.53
C GLY A 7 2.39 10.29 8.66
N VAL A 8 1.73 9.33 8.04
CA VAL A 8 0.60 9.64 7.16
C VAL A 8 -0.44 8.52 7.28
N MET A 9 -1.69 8.93 7.30
CA MET A 9 -2.79 7.97 7.40
C MET A 9 -3.30 7.58 6.01
N VAL A 10 -3.26 6.28 5.74
CA VAL A 10 -3.72 5.76 4.47
C VAL A 10 -4.70 4.61 4.71
N PHE A 11 -5.71 4.54 3.86
CA PHE A 11 -6.71 3.50 3.96
C PHE A 11 -6.33 2.29 3.11
N ILE A 12 -5.87 1.25 3.78
CA ILE A 12 -5.48 0.03 3.10
C ILE A 12 -6.71 -0.84 2.87
N SER A 13 -6.79 -1.38 1.66
CA SER A 13 -7.92 -2.23 1.30
C SER A 13 -7.46 -3.32 0.32
N SER A 14 -8.04 -4.50 0.48
CA SER A 14 -7.71 -5.62 -0.39
C SER A 14 -8.98 -6.31 -0.87
N SER A 15 -8.84 -7.03 -1.97
CA SER A 15 -9.97 -7.74 -2.54
C SER A 15 -10.06 -9.15 -1.94
N LEU A 16 -9.41 -9.32 -0.80
CA LEU A 16 -9.40 -10.61 -0.12
C LEU A 16 -10.55 -10.63 0.89
N ASN A 17 -10.43 -9.79 1.90
CA ASN A 17 -11.44 -9.71 2.95
C ASN A 17 -12.32 -8.49 2.70
N SER A 18 -13.63 -8.72 2.81
CA SER A 18 -14.58 -7.65 2.60
C SER A 18 -14.54 -6.66 3.76
N PHE A 19 -13.48 -5.85 3.76
CA PHE A 19 -13.30 -4.85 4.80
C PHE A 19 -12.10 -3.96 4.50
N ARG A 20 -12.09 -2.80 5.14
CA ARG A 20 -11.01 -1.84 4.95
C ARG A 20 -10.01 -1.95 6.10
N SER A 21 -8.83 -1.38 5.86
CA SER A 21 -7.78 -1.41 6.87
C SER A 21 -7.28 0.01 7.14
N GLU A 22 -7.26 0.37 8.42
CA GLU A 22 -6.81 1.69 8.82
C GLU A 22 -5.49 1.60 9.56
N LYS A 23 -4.41 1.87 8.83
CA LYS A 23 -3.08 1.81 9.40
C LYS A 23 -2.36 3.14 9.13
N ARG A 24 -1.12 3.21 9.60
CA ARG A 24 -0.31 4.40 9.42
C ARG A 24 1.11 4.03 9.02
N TYR A 25 1.68 4.84 8.14
CA TYR A 25 3.04 4.61 7.68
C TYR A 25 3.82 5.91 7.58
N SER A 26 5.06 5.79 7.13
CA SER A 26 5.91 6.96 6.99
C SER A 26 6.06 7.33 5.51
N ARG A 27 6.16 8.62 5.26
CA ARG A 27 6.30 9.12 3.91
C ARG A 27 7.72 8.88 3.39
N SER A 28 8.55 8.36 4.28
CA SER A 28 9.93 8.07 3.93
C SER A 28 10.11 6.57 3.70
N LEU A 29 9.00 5.86 3.77
CA LEU A 29 9.02 4.41 3.57
C LEU A 29 9.05 4.11 2.07
N THR A 30 10.07 3.35 1.69
CA THR A 30 10.22 2.98 0.29
C THR A 30 9.07 2.08 -0.17
N ILE A 31 8.47 2.48 -1.28
CA ILE A 31 7.35 1.74 -1.83
C ILE A 31 7.57 0.24 -1.59
N ALA A 32 8.80 -0.19 -1.83
CA ALA A 32 9.15 -1.59 -1.63
C ALA A 32 8.86 -1.99 -0.18
N GLU A 33 9.48 -1.26 0.73
CA GLU A 33 9.29 -1.53 2.15
C GLU A 33 7.81 -1.46 2.52
N PHE A 34 7.20 -0.34 2.15
CA PHE A 34 5.79 -0.13 2.44
C PHE A 34 4.98 -1.41 2.19
N LYS A 35 5.26 -2.03 1.06
CA LYS A 35 4.57 -3.27 0.70
C LYS A 35 4.85 -4.34 1.75
N CYS A 36 6.12 -4.43 2.13
CA CYS A 36 6.53 -5.40 3.13
C CYS A 36 5.59 -5.28 4.33
N LYS A 37 5.20 -4.05 4.62
CA LYS A 37 4.31 -3.78 5.73
C LYS A 37 2.92 -4.33 5.40
N LEU A 38 2.53 -4.17 4.15
CA LEU A 38 1.24 -4.64 3.69
C LEU A 38 1.20 -6.16 3.74
N GLU A 39 2.34 -6.76 3.39
CA GLU A 39 2.45 -8.21 3.39
C GLU A 39 1.72 -8.80 4.60
N LEU A 40 1.77 -8.06 5.70
CA LEU A 40 1.12 -8.50 6.92
C LEU A 40 -0.33 -8.00 6.93
N VAL A 41 -0.50 -6.76 6.50
CA VAL A 41 -1.82 -6.16 6.46
C VAL A 41 -2.79 -7.11 5.74
N VAL A 42 -2.28 -7.72 4.67
CA VAL A 42 -3.09 -8.65 3.90
C VAL A 42 -2.66 -10.08 4.23
N GLY A 43 -1.37 -10.23 4.52
CA GLY A 43 -0.83 -11.53 4.85
C GLY A 43 -0.31 -12.25 3.59
N SER A 44 -0.16 -11.47 2.53
CA SER A 44 0.31 -12.01 1.27
C SER A 44 1.68 -11.42 0.94
N PRO A 45 2.28 -11.93 -0.18
CA PRO A 45 3.58 -11.46 -0.61
C PRO A 45 3.47 -10.08 -1.27
N ALA A 46 4.43 -9.23 -0.95
CA ALA A 46 4.45 -7.88 -1.50
C ALA A 46 5.01 -7.93 -2.92
N SER A 47 5.72 -9.01 -3.21
CA SER A 47 6.31 -9.18 -4.52
C SER A 47 5.27 -9.73 -5.51
N CYS A 48 4.04 -9.82 -5.01
CA CYS A 48 2.94 -10.32 -5.83
C CYS A 48 1.85 -9.25 -5.86
N MET A 49 1.36 -8.91 -4.67
CA MET A 49 0.31 -7.91 -4.55
C MET A 49 0.72 -6.60 -5.23
N GLU A 50 -0.28 -5.90 -5.73
CA GLU A 50 -0.05 -4.63 -6.41
C GLU A 50 -0.54 -3.47 -5.55
N LEU A 51 0.02 -2.30 -5.80
CA LEU A 51 -0.35 -1.11 -5.07
C LEU A 51 -1.18 -0.19 -5.97
N GLU A 52 -1.95 0.67 -5.33
CA GLU A 52 -2.80 1.61 -6.05
C GLU A 52 -3.05 2.87 -5.22
N LEU A 53 -2.99 4.00 -5.89
CA LEU A 53 -3.21 5.27 -5.22
C LEU A 53 -4.52 5.89 -5.72
N TYR A 54 -5.50 5.93 -4.83
CA TYR A 54 -6.79 6.50 -5.16
C TYR A 54 -6.98 7.87 -4.52
N GLY A 55 -7.65 8.74 -5.25
CA GLY A 55 -7.92 10.09 -4.76
C GLY A 55 -8.94 10.07 -3.63
N ALA A 56 -10.03 10.81 -3.84
CA ALA A 56 -11.09 10.89 -2.85
C ALA A 56 -12.23 9.96 -3.26
N ASP A 57 -12.91 10.35 -4.31
CA ASP A 57 -14.03 9.56 -4.82
C ASP A 57 -13.49 8.32 -5.52
N ASP A 58 -12.74 7.53 -4.77
CA ASP A 58 -12.15 6.31 -5.30
C ASP A 58 -11.71 6.55 -6.74
N LYS A 59 -10.87 7.57 -6.90
CA LYS A 59 -10.37 7.91 -8.22
C LYS A 59 -8.88 7.55 -8.31
N PHE A 60 -8.59 6.56 -9.15
CA PHE A 60 -7.23 6.09 -9.33
C PHE A 60 -6.33 7.23 -9.81
N TYR A 61 -5.15 7.31 -9.20
CA TYR A 61 -4.20 8.34 -9.57
C TYR A 61 -2.98 7.75 -10.27
N SER A 62 -2.17 7.03 -9.48
CA SER A 62 -0.98 6.40 -10.02
C SER A 62 -0.77 5.04 -9.35
N LYS A 63 0.26 4.35 -9.81
CA LYS A 63 0.59 3.05 -9.27
C LYS A 63 1.88 3.13 -8.45
N LEU A 64 1.82 2.61 -7.24
CA LEU A 64 2.97 2.62 -6.35
C LEU A 64 3.88 1.45 -6.70
N ASP A 65 4.38 1.47 -7.93
CA ASP A 65 5.27 0.42 -8.40
C ASP A 65 6.71 0.80 -8.09
N GLN A 66 7.07 2.02 -8.48
CA GLN A 66 8.41 2.51 -8.24
C GLN A 66 8.89 2.11 -6.85
N GLU A 67 9.82 1.17 -6.82
CA GLU A 67 10.36 0.69 -5.56
C GLU A 67 11.36 1.71 -5.00
N ASP A 68 11.97 2.47 -5.90
CA ASP A 68 12.93 3.48 -5.50
C ASP A 68 12.19 4.76 -5.12
N ALA A 69 10.87 4.66 -5.09
CA ALA A 69 10.03 5.80 -4.75
C ALA A 69 9.72 5.76 -3.26
N LEU A 70 9.20 6.87 -2.76
CA LEU A 70 8.85 6.97 -1.35
C LEU A 70 7.42 7.51 -1.23
N LEU A 71 6.77 7.13 -0.14
CA LEU A 71 5.41 7.55 0.11
C LEU A 71 5.38 9.07 0.30
N GLY A 72 4.80 9.75 -0.68
CA GLY A 72 4.71 11.20 -0.63
C GLY A 72 4.91 11.81 -2.01
N SER A 73 6.05 11.49 -2.60
CA SER A 73 6.38 12.00 -3.93
C SER A 73 5.16 11.87 -4.85
N TYR A 74 4.31 10.92 -4.52
CA TYR A 74 3.10 10.68 -5.31
C TYR A 74 1.96 11.59 -4.85
N PRO A 75 0.88 11.60 -5.67
CA PRO A 75 -0.28 12.42 -5.35
C PRO A 75 -1.10 11.79 -4.22
N VAL A 76 -0.42 11.55 -3.11
CA VAL A 76 -1.07 10.96 -1.94
C VAL A 76 -1.24 12.03 -0.86
N ASP A 77 -1.97 11.67 0.18
CA ASP A 77 -2.22 12.57 1.28
C ASP A 77 -2.98 11.84 2.38
N ASP A 78 -2.65 12.20 3.62
CA ASP A 78 -3.30 11.59 4.77
C ASP A 78 -4.80 11.45 4.50
N GLY A 79 -5.23 10.20 4.34
CA GLY A 79 -6.63 9.92 4.08
C GLY A 79 -6.79 9.19 2.74
N CYS A 80 -5.68 9.08 2.02
CA CYS A 80 -5.70 8.41 0.73
C CYS A 80 -6.27 7.00 0.91
N ARG A 81 -6.11 6.20 -0.12
CA ARG A 81 -6.61 4.83 -0.08
C ARG A 81 -5.72 3.92 -0.94
N ILE A 82 -5.00 3.03 -0.26
CA ILE A 82 -4.12 2.10 -0.95
C ILE A 82 -4.81 0.75 -1.08
N HIS A 83 -5.05 0.36 -2.32
CA HIS A 83 -5.70 -0.91 -2.60
C HIS A 83 -4.64 -1.98 -2.90
N VAL A 84 -4.77 -3.10 -2.22
CA VAL A 84 -3.84 -4.20 -2.40
C VAL A 84 -4.48 -5.26 -3.30
N ILE A 85 -3.93 -5.41 -4.49
CA ILE A 85 -4.44 -6.39 -5.44
C ILE A 85 -3.86 -7.77 -5.11
N ASP A 86 -4.69 -8.60 -4.50
CA ASP A 86 -4.28 -9.93 -4.12
C ASP A 86 -3.74 -10.65 -5.36
N HIS A 87 -2.44 -10.52 -5.57
CA HIS A 87 -1.80 -11.15 -6.71
C HIS A 87 -1.06 -12.41 -6.25
N SER A 88 -1.48 -12.91 -5.10
CA SER A 88 -0.87 -14.11 -4.54
C SER A 88 -1.53 -15.36 -5.13
N GLY A 89 -1.39 -15.50 -6.43
CA GLY A 89 -1.97 -16.65 -7.13
C GLY A 89 -1.03 -17.85 -7.06
N SER A 90 -1.09 -18.53 -5.93
CA SER A 90 -0.26 -19.71 -5.72
C SER A 90 1.22 -19.32 -5.75
N GLY A 91 1.88 -19.53 -4.61
CA GLY A 91 3.29 -19.21 -4.50
C GLY A 91 3.99 -20.15 -3.51
N PRO A 92 4.90 -21.01 -4.08
CA PRO A 92 5.64 -21.95 -3.26
C PRO A 92 6.74 -21.24 -2.46
N SER A 93 7.34 -22.00 -1.56
CA SER A 93 8.41 -21.47 -0.73
C SER A 93 9.31 -22.60 -0.23
N SER A 94 10.54 -22.23 0.08
CA SER A 94 11.50 -23.21 0.57
C SER A 94 12.17 -22.69 1.85
N GLY A 95 12.79 -23.62 2.56
CA GLY A 95 13.46 -23.28 3.81
C GLY A 95 14.24 -21.97 3.67
N GLY A 1 10.86 9.78 22.65
CA GLY A 1 9.62 9.42 21.98
C GLY A 1 8.62 8.82 22.97
N SER A 2 7.66 8.08 22.42
CA SER A 2 6.64 7.45 23.24
C SER A 2 5.87 6.42 22.42
N SER A 3 5.29 6.90 21.33
CA SER A 3 4.52 6.04 20.45
C SER A 3 5.33 5.70 19.20
N GLY A 4 5.68 6.75 18.47
CA GLY A 4 6.45 6.60 17.25
C GLY A 4 7.23 7.87 16.91
N SER A 5 6.73 8.58 15.91
CA SER A 5 7.36 9.82 15.49
C SER A 5 6.41 10.62 14.59
N SER A 6 6.15 10.07 13.41
CA SER A 6 5.26 10.71 12.47
C SER A 6 5.02 9.79 11.27
N GLY A 7 4.06 10.19 10.44
CA GLY A 7 3.72 9.40 9.27
C GLY A 7 2.48 9.97 8.57
N VAL A 8 1.79 9.11 7.84
CA VAL A 8 0.59 9.51 7.13
C VAL A 8 -0.44 8.38 7.21
N MET A 9 -1.64 8.75 7.61
CA MET A 9 -2.72 7.78 7.73
C MET A 9 -3.38 7.53 6.38
N VAL A 10 -3.23 6.30 5.90
CA VAL A 10 -3.80 5.91 4.62
C VAL A 10 -4.74 4.72 4.84
N PHE A 11 -5.72 4.62 3.94
CA PHE A 11 -6.68 3.54 4.02
C PHE A 11 -6.24 2.34 3.18
N ILE A 12 -5.73 1.33 3.86
CA ILE A 12 -5.27 0.13 3.19
C ILE A 12 -6.44 -0.81 2.96
N SER A 13 -6.55 -1.28 1.73
CA SER A 13 -7.63 -2.19 1.37
C SER A 13 -7.07 -3.40 0.60
N SER A 14 -7.95 -4.33 0.31
CA SER A 14 -7.56 -5.53 -0.42
C SER A 14 -8.80 -6.31 -0.84
N SER A 15 -8.68 -6.98 -1.97
CA SER A 15 -9.78 -7.77 -2.51
C SER A 15 -10.10 -8.93 -1.55
N LEU A 16 -9.11 -9.27 -0.74
CA LEU A 16 -9.27 -10.35 0.23
C LEU A 16 -10.30 -9.94 1.28
N ASN A 17 -10.08 -8.75 1.83
CA ASN A 17 -10.98 -8.23 2.86
C ASN A 17 -12.24 -7.70 2.19
N SER A 18 -13.25 -7.44 3.02
CA SER A 18 -14.51 -6.92 2.53
C SER A 18 -14.51 -5.40 2.56
N PHE A 19 -13.97 -4.86 3.66
CA PHE A 19 -13.91 -3.42 3.83
C PHE A 19 -12.45 -2.95 3.80
N ARG A 20 -12.27 -1.71 4.22
CA ARG A 20 -10.94 -1.11 4.25
C ARG A 20 -10.36 -1.16 5.66
N SER A 21 -9.05 -1.05 5.73
CA SER A 21 -8.35 -1.08 7.00
C SER A 21 -7.77 0.29 7.32
N GLU A 22 -7.32 0.45 8.56
CA GLU A 22 -6.74 1.69 9.00
C GLU A 22 -5.32 1.47 9.51
N LYS A 23 -4.35 1.74 8.64
CA LYS A 23 -2.96 1.57 9.00
C LYS A 23 -2.22 2.91 8.82
N ARG A 24 -0.97 2.91 9.24
CA ARG A 24 -0.15 4.11 9.13
C ARG A 24 1.26 3.75 8.66
N TYR A 25 1.86 4.67 7.91
CA TYR A 25 3.20 4.47 7.39
C TYR A 25 3.90 5.81 7.15
N SER A 26 5.20 5.82 7.44
CA SER A 26 5.99 7.01 7.26
C SER A 26 6.15 7.33 5.76
N ARG A 27 6.25 8.61 5.46
CA ARG A 27 6.40 9.05 4.09
C ARG A 27 7.82 8.74 3.59
N SER A 28 8.62 8.20 4.49
CA SER A 28 10.00 7.87 4.16
C SER A 28 10.11 6.36 3.88
N LEU A 29 9.00 5.67 4.09
CA LEU A 29 8.97 4.24 3.86
C LEU A 29 9.01 3.96 2.36
N THR A 30 10.11 3.35 1.93
CA THR A 30 10.29 3.03 0.53
C THR A 30 9.16 2.11 0.04
N ILE A 31 8.62 2.47 -1.12
CA ILE A 31 7.54 1.69 -1.72
C ILE A 31 7.77 0.21 -1.44
N ALA A 32 9.02 -0.21 -1.58
CA ALA A 32 9.38 -1.60 -1.35
C ALA A 32 9.05 -1.97 0.09
N GLU A 33 9.58 -1.18 1.01
CA GLU A 33 9.35 -1.41 2.42
C GLU A 33 7.87 -1.28 2.75
N PHE A 34 7.25 -0.26 2.18
CA PHE A 34 5.83 -0.01 2.39
C PHE A 34 5.02 -1.29 2.19
N LYS A 35 5.34 -2.00 1.11
CA LYS A 35 4.65 -3.23 0.79
C LYS A 35 4.95 -4.27 1.86
N CYS A 36 6.23 -4.38 2.19
CA CYS A 36 6.68 -5.33 3.19
C CYS A 36 5.72 -5.26 4.38
N LYS A 37 5.13 -4.09 4.56
CA LYS A 37 4.19 -3.88 5.65
C LYS A 37 2.83 -4.47 5.26
N LEU A 38 2.37 -4.09 4.08
CA LEU A 38 1.09 -4.57 3.59
C LEU A 38 1.09 -6.10 3.59
N GLU A 39 2.28 -6.66 3.47
CA GLU A 39 2.44 -8.11 3.45
C GLU A 39 1.58 -8.74 4.55
N LEU A 40 1.84 -8.30 5.78
CA LEU A 40 1.11 -8.82 6.93
C LEU A 40 -0.35 -8.38 6.82
N VAL A 41 -0.54 -7.15 6.39
CA VAL A 41 -1.88 -6.60 6.25
C VAL A 41 -2.75 -7.59 5.47
N VAL A 42 -2.35 -7.82 4.23
CA VAL A 42 -3.09 -8.73 3.37
C VAL A 42 -2.64 -10.17 3.67
N GLY A 43 -1.60 -10.27 4.47
CA GLY A 43 -1.06 -11.58 4.83
C GLY A 43 -0.48 -12.30 3.62
N SER A 44 -0.05 -11.50 2.65
CA SER A 44 0.52 -12.05 1.43
C SER A 44 1.90 -11.45 1.19
N PRO A 45 2.65 -12.07 0.24
CA PRO A 45 3.99 -11.61 -0.10
C PRO A 45 3.93 -10.34 -0.93
N ALA A 46 4.83 -9.42 -0.60
CA ALA A 46 4.90 -8.15 -1.32
C ALA A 46 5.23 -8.40 -2.78
N SER A 47 5.73 -9.60 -3.03
CA SER A 47 6.09 -9.98 -4.39
C SER A 47 4.87 -10.55 -5.13
N CYS A 48 3.74 -10.54 -4.42
CA CYS A 48 2.51 -11.05 -4.98
C CYS A 48 1.38 -10.09 -4.62
N MET A 49 1.71 -8.80 -4.64
CA MET A 49 0.74 -7.77 -4.30
C MET A 49 1.07 -6.45 -4.99
N GLU A 50 0.03 -5.81 -5.51
CA GLU A 50 0.22 -4.54 -6.19
C GLU A 50 -0.32 -3.39 -5.34
N LEU A 51 0.15 -2.19 -5.65
CA LEU A 51 -0.28 -1.01 -4.92
C LEU A 51 -1.08 -0.10 -5.86
N GLU A 52 -2.01 0.64 -5.26
CA GLU A 52 -2.85 1.54 -6.03
C GLU A 52 -3.13 2.81 -5.21
N LEU A 53 -3.10 3.94 -5.91
CA LEU A 53 -3.35 5.22 -5.28
C LEU A 53 -4.67 5.80 -5.79
N TYR A 54 -5.61 5.95 -4.88
CA TYR A 54 -6.91 6.48 -5.23
C TYR A 54 -7.08 7.91 -4.69
N GLY A 55 -7.93 8.66 -5.37
CA GLY A 55 -8.20 10.03 -4.98
C GLY A 55 -8.87 10.09 -3.60
N ALA A 56 -10.01 10.76 -3.57
CA ALA A 56 -10.76 10.90 -2.33
C ALA A 56 -11.94 9.92 -2.33
N ASP A 57 -12.91 10.22 -3.18
CA ASP A 57 -14.09 9.39 -3.30
C ASP A 57 -13.67 7.95 -3.58
N ASP A 58 -12.83 7.80 -4.60
CA ASP A 58 -12.34 6.49 -4.98
C ASP A 58 -11.94 6.51 -6.46
N LYS A 59 -11.21 7.55 -6.83
CA LYS A 59 -10.76 7.70 -8.20
C LYS A 59 -9.28 7.31 -8.28
N PHE A 60 -9.03 6.23 -9.00
CA PHE A 60 -7.67 5.73 -9.17
C PHE A 60 -6.79 6.78 -9.85
N TYR A 61 -5.58 6.93 -9.31
CA TYR A 61 -4.63 7.89 -9.84
C TYR A 61 -3.48 7.19 -10.56
N SER A 62 -2.65 6.54 -9.76
CA SER A 62 -1.50 5.83 -10.30
C SER A 62 -1.21 4.59 -9.45
N LYS A 63 -0.14 3.90 -9.81
CA LYS A 63 0.26 2.70 -9.10
C LYS A 63 1.64 2.92 -8.46
N LEU A 64 1.79 2.38 -7.27
CA LEU A 64 3.04 2.50 -6.54
C LEU A 64 3.95 1.32 -6.88
N ASP A 65 4.26 1.21 -8.17
CA ASP A 65 5.11 0.13 -8.64
C ASP A 65 6.55 0.40 -8.18
N GLN A 66 7.04 1.58 -8.55
CA GLN A 66 8.39 1.98 -8.19
C GLN A 66 8.69 1.58 -6.74
N GLU A 67 9.79 0.85 -6.57
CA GLU A 67 10.20 0.41 -5.25
C GLU A 67 11.19 1.39 -4.64
N ASP A 68 12.04 1.94 -5.51
CA ASP A 68 13.05 2.89 -5.07
C ASP A 68 12.36 4.20 -4.68
N ALA A 69 11.06 4.27 -4.96
CA ALA A 69 10.29 5.45 -4.65
C ALA A 69 10.00 5.48 -3.14
N LEU A 70 9.34 6.54 -2.71
CA LEU A 70 9.00 6.70 -1.31
C LEU A 70 7.58 7.25 -1.19
N LEU A 71 6.96 6.98 -0.05
CA LEU A 71 5.61 7.46 0.20
C LEU A 71 5.63 8.98 0.39
N GLY A 72 5.16 9.67 -0.65
CA GLY A 72 5.12 11.12 -0.61
C GLY A 72 5.32 11.72 -2.01
N SER A 73 6.33 11.17 -2.70
CA SER A 73 6.63 11.64 -4.04
C SER A 73 5.41 11.50 -4.94
N TYR A 74 4.52 10.61 -4.54
CA TYR A 74 3.29 10.37 -5.29
C TYR A 74 2.16 11.27 -4.81
N PRO A 75 1.08 11.34 -5.64
CA PRO A 75 -0.06 12.16 -5.31
C PRO A 75 -0.91 11.50 -4.21
N VAL A 76 -0.25 11.19 -3.11
CA VAL A 76 -0.93 10.57 -1.98
C VAL A 76 -0.84 11.48 -0.76
N ASP A 77 -1.61 11.13 0.25
CA ASP A 77 -1.63 11.90 1.48
C ASP A 77 -2.45 11.15 2.54
N ASP A 78 -2.31 11.60 3.78
CA ASP A 78 -3.02 10.99 4.88
C ASP A 78 -4.53 11.14 4.67
N GLY A 79 -5.13 10.05 4.23
CA GLY A 79 -6.56 10.04 3.97
C GLY A 79 -6.89 9.28 2.68
N CYS A 80 -5.90 9.25 1.79
CA CYS A 80 -6.07 8.57 0.52
C CYS A 80 -6.44 7.12 0.80
N ARG A 81 -6.43 6.32 -0.26
CA ARG A 81 -6.76 4.91 -0.15
C ARG A 81 -5.77 4.07 -0.96
N ILE A 82 -5.09 3.17 -0.26
CA ILE A 82 -4.11 2.30 -0.89
C ILE A 82 -4.68 0.88 -0.96
N HIS A 83 -5.08 0.49 -2.16
CA HIS A 83 -5.65 -0.83 -2.38
C HIS A 83 -4.51 -1.82 -2.66
N VAL A 84 -4.66 -3.02 -2.11
CA VAL A 84 -3.67 -4.06 -2.29
C VAL A 84 -4.26 -5.18 -3.12
N ILE A 85 -3.83 -5.25 -4.37
CA ILE A 85 -4.32 -6.28 -5.28
C ILE A 85 -3.60 -7.60 -4.98
N ASP A 86 -4.32 -8.48 -4.31
CA ASP A 86 -3.77 -9.78 -3.95
C ASP A 86 -3.25 -10.46 -5.21
N HIS A 87 -1.94 -10.34 -5.42
CA HIS A 87 -1.32 -10.95 -6.59
C HIS A 87 -0.78 -12.34 -6.22
N SER A 88 -1.35 -12.88 -5.16
CA SER A 88 -0.95 -14.20 -4.68
C SER A 88 -2.07 -15.21 -4.94
N GLY A 89 -2.88 -14.91 -5.94
CA GLY A 89 -3.98 -15.78 -6.29
C GLY A 89 -4.43 -15.55 -7.74
N SER A 90 -3.55 -15.91 -8.66
CA SER A 90 -3.84 -15.75 -10.08
C SER A 90 -2.79 -16.48 -10.91
N GLY A 91 -3.12 -17.72 -11.26
CA GLY A 91 -2.22 -18.54 -12.05
C GLY A 91 -1.08 -19.09 -11.20
N PRO A 92 -1.27 -20.35 -10.72
CA PRO A 92 -0.27 -21.00 -9.90
C PRO A 92 0.93 -21.47 -10.74
N SER A 93 2.08 -20.93 -10.39
CA SER A 93 3.31 -21.28 -11.10
C SER A 93 3.22 -20.77 -12.54
N SER A 94 4.41 -20.59 -13.14
CA SER A 94 4.48 -20.12 -14.51
C SER A 94 5.74 -20.68 -15.18
N GLY A 95 6.88 -20.37 -14.59
CA GLY A 95 8.14 -20.84 -15.12
C GLY A 95 8.39 -20.29 -16.53
N GLY A 1 17.24 5.10 13.22
CA GLY A 1 16.67 5.81 14.35
C GLY A 1 15.21 5.45 14.56
N SER A 2 14.56 6.23 15.40
CA SER A 2 13.14 6.01 15.69
C SER A 2 12.43 7.35 15.89
N SER A 3 11.18 7.40 15.45
CA SER A 3 10.39 8.60 15.57
C SER A 3 9.47 8.50 16.78
N GLY A 4 9.04 9.66 17.27
CA GLY A 4 8.16 9.71 18.43
C GLY A 4 6.74 9.28 18.03
N SER A 5 6.04 10.19 17.40
CA SER A 5 4.67 9.92 16.97
C SER A 5 4.30 10.82 15.79
N SER A 6 4.42 10.26 14.59
CA SER A 6 4.11 10.99 13.38
C SER A 6 4.16 10.06 12.18
N GLY A 7 3.50 10.47 11.11
CA GLY A 7 3.47 9.69 9.89
C GLY A 7 2.36 10.17 8.95
N VAL A 8 1.71 9.21 8.31
CA VAL A 8 0.63 9.51 7.38
C VAL A 8 -0.45 8.44 7.49
N MET A 9 -1.69 8.90 7.49
CA MET A 9 -2.82 7.98 7.58
C MET A 9 -3.34 7.60 6.18
N VAL A 10 -3.14 6.34 5.84
CA VAL A 10 -3.58 5.84 4.55
C VAL A 10 -4.54 4.66 4.76
N PHE A 11 -5.53 4.59 3.89
CA PHE A 11 -6.52 3.51 3.97
C PHE A 11 -6.10 2.33 3.10
N ILE A 12 -5.64 1.28 3.76
CA ILE A 12 -5.21 0.08 3.06
C ILE A 12 -6.43 -0.80 2.76
N SER A 13 -6.51 -1.27 1.52
CA SER A 13 -7.61 -2.11 1.11
C SER A 13 -7.08 -3.28 0.28
N SER A 14 -7.94 -4.28 0.10
CA SER A 14 -7.58 -5.44 -0.68
C SER A 14 -8.84 -6.24 -1.04
N SER A 15 -8.74 -6.98 -2.14
CA SER A 15 -9.86 -7.79 -2.60
C SER A 15 -10.05 -8.99 -1.68
N LEU A 16 -9.10 -9.16 -0.77
CA LEU A 16 -9.15 -10.26 0.18
C LEU A 16 -9.94 -9.83 1.42
N ASN A 17 -9.62 -8.64 1.90
CA ASN A 17 -10.28 -8.11 3.07
C ASN A 17 -11.57 -7.39 2.65
N SER A 18 -11.56 -6.91 1.41
CA SER A 18 -12.71 -6.21 0.87
C SER A 18 -12.86 -4.85 1.55
N PHE A 19 -13.18 -4.90 2.84
CA PHE A 19 -13.36 -3.68 3.62
C PHE A 19 -12.08 -2.83 3.59
N ARG A 20 -12.19 -1.65 4.17
CA ARG A 20 -11.07 -0.73 4.23
C ARG A 20 -10.29 -0.92 5.53
N SER A 21 -8.97 -0.79 5.43
CA SER A 21 -8.11 -0.95 6.58
C SER A 21 -7.56 0.42 7.01
N GLU A 22 -7.46 0.58 8.32
CA GLU A 22 -6.96 1.82 8.87
C GLU A 22 -5.62 1.59 9.58
N LYS A 23 -4.55 1.91 8.87
CA LYS A 23 -3.21 1.73 9.41
C LYS A 23 -2.44 3.05 9.27
N ARG A 24 -1.19 3.02 9.72
CA ARG A 24 -0.34 4.20 9.64
C ARG A 24 1.08 3.79 9.21
N TYR A 25 1.70 4.70 8.47
CA TYR A 25 3.05 4.45 7.99
C TYR A 25 3.84 5.76 7.85
N SER A 26 5.09 5.63 7.46
CA SER A 26 5.95 6.79 7.29
C SER A 26 6.08 7.14 5.81
N ARG A 27 6.22 8.42 5.53
CA ARG A 27 6.36 8.89 4.17
C ARG A 27 7.76 8.58 3.64
N SER A 28 8.57 7.98 4.51
CA SER A 28 9.93 7.63 4.14
C SER A 28 10.01 6.14 3.80
N LEU A 29 8.91 5.45 4.07
CA LEU A 29 8.84 4.02 3.80
C LEU A 29 8.91 3.79 2.29
N THR A 30 10.03 3.24 1.86
CA THR A 30 10.23 2.96 0.44
C THR A 30 9.10 2.06 -0.09
N ILE A 31 8.56 2.45 -1.23
CA ILE A 31 7.49 1.70 -1.85
C ILE A 31 7.74 0.19 -1.62
N ALA A 32 8.99 -0.20 -1.78
CA ALA A 32 9.36 -1.59 -1.58
C ALA A 32 9.06 -2.00 -0.14
N GLU A 33 9.62 -1.24 0.78
CA GLU A 33 9.43 -1.52 2.19
C GLU A 33 7.94 -1.45 2.55
N PHE A 34 7.29 -0.42 2.03
CA PHE A 34 5.87 -0.24 2.28
C PHE A 34 5.09 -1.54 2.05
N LYS A 35 5.40 -2.18 0.93
CA LYS A 35 4.74 -3.43 0.59
C LYS A 35 5.04 -4.47 1.66
N CYS A 36 6.32 -4.60 1.98
CA CYS A 36 6.76 -5.55 2.98
C CYS A 36 5.85 -5.42 4.21
N LYS A 37 5.35 -4.20 4.39
CA LYS A 37 4.46 -3.93 5.51
C LYS A 37 3.07 -4.47 5.20
N LEU A 38 2.57 -4.11 4.04
CA LEU A 38 1.25 -4.55 3.61
C LEU A 38 1.18 -6.09 3.70
N GLU A 39 2.34 -6.71 3.54
CA GLU A 39 2.43 -8.15 3.59
C GLU A 39 1.68 -8.68 4.82
N LEU A 40 1.68 -7.87 5.86
CA LEU A 40 1.00 -8.25 7.10
C LEU A 40 -0.43 -7.71 7.07
N VAL A 41 -0.62 -6.63 6.32
CA VAL A 41 -1.92 -6.01 6.20
C VAL A 41 -2.84 -6.92 5.38
N VAL A 42 -2.27 -7.48 4.32
CA VAL A 42 -3.03 -8.37 3.45
C VAL A 42 -2.64 -9.82 3.74
N GLY A 43 -1.60 -9.96 4.55
CA GLY A 43 -1.11 -11.28 4.92
C GLY A 43 -0.62 -12.05 3.69
N SER A 44 -0.31 -11.28 2.64
CA SER A 44 0.17 -11.88 1.41
C SER A 44 1.58 -11.38 1.10
N PRO A 45 2.22 -12.03 0.10
CA PRO A 45 3.57 -11.67 -0.30
C PRO A 45 3.56 -10.36 -1.11
N ALA A 46 4.52 -9.50 -0.79
CA ALA A 46 4.63 -8.22 -1.47
C ALA A 46 5.15 -8.47 -2.89
N SER A 47 5.50 -9.71 -3.16
CA SER A 47 6.01 -10.09 -4.47
C SER A 47 4.88 -10.63 -5.34
N CYS A 48 3.67 -10.56 -4.80
CA CYS A 48 2.50 -11.04 -5.52
C CYS A 48 1.32 -10.13 -5.17
N MET A 49 1.64 -8.86 -4.96
CA MET A 49 0.62 -7.88 -4.63
C MET A 49 0.99 -6.50 -5.17
N GLU A 50 0.03 -5.90 -5.87
CA GLU A 50 0.24 -4.58 -6.44
C GLU A 50 -0.32 -3.50 -5.52
N LEU A 51 0.18 -2.28 -5.71
CA LEU A 51 -0.26 -1.16 -4.90
C LEU A 51 -0.98 -0.15 -5.81
N GLU A 52 -2.04 0.43 -5.27
CA GLU A 52 -2.81 1.42 -6.00
C GLU A 52 -3.08 2.64 -5.13
N LEU A 53 -3.16 3.79 -5.79
CA LEU A 53 -3.42 5.04 -5.08
C LEU A 53 -4.73 5.65 -5.59
N TYR A 54 -5.74 5.59 -4.75
CA TYR A 54 -7.05 6.13 -5.10
C TYR A 54 -7.27 7.50 -4.45
N GLY A 55 -8.12 8.29 -5.08
CA GLY A 55 -8.43 9.62 -4.57
C GLY A 55 -9.01 9.53 -3.15
N ALA A 56 -10.22 10.04 -3.03
CA ALA A 56 -10.90 10.04 -1.73
C ALA A 56 -12.01 8.99 -1.75
N ASP A 57 -13.04 9.27 -2.52
CA ASP A 57 -14.17 8.36 -2.64
C ASP A 57 -13.70 7.04 -3.25
N ASP A 58 -12.94 7.17 -4.33
CA ASP A 58 -12.42 6.00 -5.03
C ASP A 58 -12.07 6.38 -6.46
N LYS A 59 -10.97 7.13 -6.58
CA LYS A 59 -10.51 7.56 -7.89
C LYS A 59 -9.04 7.18 -8.06
N PHE A 60 -8.83 6.03 -8.69
CA PHE A 60 -7.48 5.53 -8.92
C PHE A 60 -6.63 6.59 -9.63
N TYR A 61 -5.39 6.70 -9.18
CA TYR A 61 -4.46 7.66 -9.76
C TYR A 61 -3.31 6.94 -10.46
N SER A 62 -2.36 6.49 -9.65
CA SER A 62 -1.20 5.79 -10.18
C SER A 62 -0.90 4.55 -9.34
N LYS A 63 0.02 3.74 -9.84
CA LYS A 63 0.40 2.52 -9.13
C LYS A 63 1.81 2.70 -8.56
N LEU A 64 1.94 2.31 -7.30
CA LEU A 64 3.22 2.41 -6.61
C LEU A 64 4.13 1.27 -7.07
N ASP A 65 4.34 1.22 -8.37
CA ASP A 65 5.19 0.18 -8.95
C ASP A 65 6.63 0.40 -8.49
N GLN A 66 7.11 1.62 -8.70
CA GLN A 66 8.47 1.96 -8.31
C GLN A 66 8.71 1.59 -6.85
N GLU A 67 9.74 0.78 -6.64
CA GLU A 67 10.08 0.34 -5.29
C GLU A 67 11.06 1.32 -4.66
N ASP A 68 11.95 1.86 -5.50
CA ASP A 68 12.94 2.80 -5.03
C ASP A 68 12.25 4.09 -4.59
N ALA A 69 10.99 4.22 -5.01
CA ALA A 69 10.21 5.39 -4.67
C ALA A 69 9.88 5.38 -3.17
N LEU A 70 9.28 6.45 -2.71
CA LEU A 70 8.91 6.57 -1.31
C LEU A 70 7.50 7.14 -1.20
N LEU A 71 6.90 6.94 -0.04
CA LEU A 71 5.55 7.42 0.21
C LEU A 71 5.59 8.93 0.42
N GLY A 72 5.16 9.66 -0.59
CA GLY A 72 5.13 11.11 -0.52
C GLY A 72 5.37 11.73 -1.89
N SER A 73 6.35 11.18 -2.59
CA SER A 73 6.69 11.67 -3.91
C SER A 73 5.52 11.45 -4.87
N TYR A 74 4.60 10.60 -4.44
CA TYR A 74 3.43 10.29 -5.25
C TYR A 74 2.25 11.19 -4.86
N PRO A 75 1.19 11.15 -5.71
CA PRO A 75 0.00 11.94 -5.48
C PRO A 75 -0.84 11.35 -4.35
N VAL A 76 -0.20 11.15 -3.22
CA VAL A 76 -0.88 10.58 -2.05
C VAL A 76 -0.74 11.55 -0.88
N ASP A 77 -1.52 11.27 0.16
CA ASP A 77 -1.50 12.10 1.35
C ASP A 77 -2.39 11.47 2.43
N ASP A 78 -2.21 11.93 3.66
CA ASP A 78 -2.99 11.42 4.77
C ASP A 78 -4.48 11.50 4.42
N GLY A 79 -5.10 10.32 4.38
CA GLY A 79 -6.52 10.24 4.06
C GLY A 79 -6.74 9.46 2.76
N CYS A 80 -5.71 9.45 1.93
CA CYS A 80 -5.78 8.74 0.66
C CYS A 80 -6.14 7.29 0.94
N ARG A 81 -6.09 6.48 -0.11
CA ARG A 81 -6.41 5.07 0.01
C ARG A 81 -5.41 4.23 -0.78
N ILE A 82 -5.06 3.08 -0.22
CA ILE A 82 -4.13 2.18 -0.86
C ILE A 82 -4.80 0.83 -1.09
N HIS A 83 -5.20 0.61 -2.34
CA HIS A 83 -5.85 -0.64 -2.70
C HIS A 83 -4.80 -1.67 -3.13
N VAL A 84 -4.75 -2.77 -2.40
CA VAL A 84 -3.80 -3.83 -2.70
C VAL A 84 -4.47 -4.87 -3.59
N ILE A 85 -3.82 -5.15 -4.71
CA ILE A 85 -4.34 -6.13 -5.65
C ILE A 85 -3.67 -7.48 -5.41
N ASP A 86 -4.42 -8.37 -4.78
CA ASP A 86 -3.91 -9.70 -4.48
C ASP A 86 -3.48 -10.37 -5.78
N HIS A 87 -2.16 -10.46 -5.95
CA HIS A 87 -1.59 -11.09 -7.13
C HIS A 87 -1.07 -12.48 -6.78
N SER A 88 -1.63 -13.04 -5.72
CA SER A 88 -1.22 -14.36 -5.27
C SER A 88 -2.38 -15.35 -5.46
N GLY A 89 -3.51 -15.01 -4.85
CA GLY A 89 -4.69 -15.85 -4.94
C GLY A 89 -5.19 -15.95 -6.39
N SER A 90 -5.01 -17.14 -6.95
CA SER A 90 -5.45 -17.37 -8.32
C SER A 90 -4.38 -16.87 -9.29
N GLY A 91 -3.59 -17.79 -9.80
CA GLY A 91 -2.53 -17.45 -10.73
C GLY A 91 -1.38 -18.46 -10.65
N PRO A 92 -1.18 -19.22 -11.75
CA PRO A 92 -0.13 -20.21 -11.82
C PRO A 92 1.24 -19.53 -12.00
N SER A 93 2.11 -19.75 -11.02
CA SER A 93 3.44 -19.18 -11.07
C SER A 93 4.27 -19.70 -9.90
N SER A 94 5.53 -20.02 -10.21
CA SER A 94 6.43 -20.54 -9.20
C SER A 94 7.70 -19.68 -9.15
N GLY A 95 8.37 -19.61 -10.30
CA GLY A 95 9.59 -18.83 -10.40
C GLY A 95 9.29 -17.33 -10.45
N GLY A 1 9.00 10.76 11.24
CA GLY A 1 9.57 11.89 11.94
C GLY A 1 9.90 11.54 13.39
N SER A 2 9.59 12.47 14.27
CA SER A 2 9.85 12.28 15.70
C SER A 2 8.94 13.18 16.52
N SER A 3 7.93 12.57 17.12
CA SER A 3 6.99 13.31 17.94
C SER A 3 6.55 14.58 17.23
N GLY A 4 5.64 14.41 16.29
CA GLY A 4 5.13 15.54 15.52
C GLY A 4 4.58 15.08 14.17
N SER A 5 5.49 14.81 13.25
CA SER A 5 5.10 14.36 11.92
C SER A 5 4.48 12.96 12.00
N SER A 6 5.11 12.11 12.80
CA SER A 6 4.63 10.76 12.97
C SER A 6 4.66 10.02 11.63
N GLY A 7 3.62 10.23 10.84
CA GLY A 7 3.52 9.60 9.54
C GLY A 7 2.30 10.10 8.77
N VAL A 8 1.67 9.18 8.07
CA VAL A 8 0.48 9.51 7.29
C VAL A 8 -0.53 8.38 7.39
N MET A 9 -1.77 8.76 7.68
CA MET A 9 -2.84 7.79 7.81
C MET A 9 -3.52 7.54 6.46
N VAL A 10 -3.34 6.34 5.95
CA VAL A 10 -3.93 5.96 4.68
C VAL A 10 -4.86 4.76 4.88
N PHE A 11 -5.85 4.66 4.00
CA PHE A 11 -6.80 3.57 4.07
C PHE A 11 -6.35 2.38 3.22
N ILE A 12 -5.84 1.36 3.90
CA ILE A 12 -5.37 0.17 3.23
C ILE A 12 -6.54 -0.79 3.00
N SER A 13 -6.55 -1.39 1.83
CA SER A 13 -7.61 -2.33 1.47
C SER A 13 -7.03 -3.52 0.72
N SER A 14 -7.90 -4.46 0.39
CA SER A 14 -7.49 -5.65 -0.33
C SER A 14 -8.71 -6.35 -0.92
N SER A 15 -8.55 -6.79 -2.17
CA SER A 15 -9.64 -7.48 -2.86
C SER A 15 -9.98 -8.78 -2.13
N LEU A 16 -8.99 -9.29 -1.40
CA LEU A 16 -9.17 -10.52 -0.65
C LEU A 16 -10.27 -10.32 0.40
N ASN A 17 -10.11 -9.24 1.16
CA ASN A 17 -11.08 -8.92 2.21
C ASN A 17 -12.05 -7.87 1.69
N SER A 18 -13.34 -8.18 1.83
CA SER A 18 -14.37 -7.26 1.38
C SER A 18 -14.53 -6.12 2.39
N PHE A 19 -13.44 -5.38 2.57
CA PHE A 19 -13.46 -4.27 3.50
C PHE A 19 -12.09 -3.58 3.56
N ARG A 20 -12.09 -2.35 4.05
CA ARG A 20 -10.86 -1.58 4.15
C ARG A 20 -10.41 -1.52 5.61
N SER A 21 -9.14 -1.14 5.79
CA SER A 21 -8.58 -1.03 7.12
C SER A 21 -7.93 0.34 7.30
N GLU A 22 -7.50 0.61 8.53
CA GLU A 22 -6.86 1.87 8.84
C GLU A 22 -5.46 1.63 9.41
N LYS A 23 -4.48 1.75 8.53
CA LYS A 23 -3.09 1.55 8.93
C LYS A 23 -2.33 2.87 8.82
N ARG A 24 -1.07 2.82 9.21
CA ARG A 24 -0.22 4.01 9.16
C ARG A 24 1.17 3.64 8.66
N TYR A 25 1.78 4.58 7.94
CA TYR A 25 3.11 4.36 7.40
C TYR A 25 3.84 5.70 7.19
N SER A 26 5.14 5.65 7.35
CA SER A 26 5.97 6.84 7.18
C SER A 26 6.08 7.19 5.70
N ARG A 27 6.16 8.49 5.44
CA ARG A 27 6.28 8.97 4.07
C ARG A 27 7.69 8.72 3.54
N SER A 28 8.52 8.16 4.40
CA SER A 28 9.89 7.87 4.03
C SER A 28 10.06 6.37 3.75
N LEU A 29 8.96 5.66 3.90
CA LEU A 29 8.96 4.22 3.68
C LEU A 29 9.01 3.96 2.17
N THR A 30 10.06 3.25 1.76
CA THR A 30 10.23 2.91 0.36
C THR A 30 9.10 2.00 -0.12
N ILE A 31 8.53 2.38 -1.25
CA ILE A 31 7.43 1.62 -1.83
C ILE A 31 7.70 0.13 -1.62
N ALA A 32 8.95 -0.25 -1.84
CA ALA A 32 9.35 -1.64 -1.67
C ALA A 32 9.07 -2.08 -0.23
N GLU A 33 9.59 -1.31 0.70
CA GLU A 33 9.41 -1.62 2.11
C GLU A 33 7.92 -1.58 2.47
N PHE A 34 7.30 -0.45 2.16
CA PHE A 34 5.88 -0.28 2.44
C PHE A 34 5.12 -1.59 2.21
N LYS A 35 5.21 -2.09 0.99
CA LYS A 35 4.53 -3.32 0.63
C LYS A 35 4.85 -4.40 1.67
N CYS A 36 6.13 -4.46 2.02
CA CYS A 36 6.58 -5.44 3.01
C CYS A 36 5.74 -5.28 4.27
N LYS A 37 5.43 -4.02 4.58
CA LYS A 37 4.62 -3.73 5.76
C LYS A 37 3.18 -4.19 5.52
N LEU A 38 2.78 -4.13 4.26
CA LEU A 38 1.43 -4.55 3.89
C LEU A 38 1.34 -6.07 3.92
N GLU A 39 2.49 -6.70 3.67
CA GLU A 39 2.56 -8.16 3.65
C GLU A 39 1.89 -8.73 4.91
N LEU A 40 1.90 -7.93 5.96
CA LEU A 40 1.31 -8.33 7.22
C LEU A 40 -0.15 -7.85 7.28
N VAL A 41 -0.40 -6.77 6.54
CA VAL A 41 -1.75 -6.20 6.50
C VAL A 41 -2.66 -7.12 5.69
N VAL A 42 -2.17 -7.51 4.53
CA VAL A 42 -2.93 -8.38 3.65
C VAL A 42 -2.56 -9.84 3.93
N GLY A 43 -1.30 -10.04 4.31
CA GLY A 43 -0.82 -11.37 4.61
C GLY A 43 -0.16 -12.00 3.38
N SER A 44 -0.28 -11.31 2.26
CA SER A 44 0.29 -11.79 1.03
C SER A 44 1.67 -11.17 0.80
N PRO A 45 2.45 -11.80 -0.12
CA PRO A 45 3.78 -11.31 -0.43
C PRO A 45 3.72 -10.06 -1.29
N ALA A 46 4.56 -9.09 -0.94
CA ALA A 46 4.61 -7.84 -1.68
C ALA A 46 5.12 -8.11 -3.09
N SER A 47 5.63 -9.31 -3.29
CA SER A 47 6.16 -9.70 -4.59
C SER A 47 5.04 -10.28 -5.46
N CYS A 48 3.86 -10.38 -4.86
CA CYS A 48 2.71 -10.90 -5.56
C CYS A 48 1.49 -10.03 -5.22
N MET A 49 1.78 -8.77 -4.94
CA MET A 49 0.73 -7.82 -4.60
C MET A 49 1.05 -6.43 -5.14
N GLU A 50 0.07 -5.84 -5.80
CA GLU A 50 0.24 -4.51 -6.36
C GLU A 50 -0.40 -3.46 -5.44
N LEU A 51 -0.09 -2.20 -5.72
CA LEU A 51 -0.62 -1.11 -4.94
C LEU A 51 -1.36 -0.13 -5.86
N GLU A 52 -2.28 0.61 -5.27
CA GLU A 52 -3.06 1.58 -6.03
C GLU A 52 -3.25 2.86 -5.20
N LEU A 53 -3.18 3.99 -5.89
CA LEU A 53 -3.34 5.28 -5.24
C LEU A 53 -4.63 5.92 -5.74
N TYR A 54 -5.61 5.97 -4.85
CA TYR A 54 -6.90 6.56 -5.18
C TYR A 54 -7.05 7.94 -4.55
N GLY A 55 -7.69 8.84 -5.29
CA GLY A 55 -7.90 10.19 -4.82
C GLY A 55 -8.87 10.21 -3.63
N ALA A 56 -9.94 10.99 -3.80
CA ALA A 56 -10.94 11.11 -2.76
C ALA A 56 -12.13 10.22 -3.10
N ASP A 57 -12.87 10.64 -4.12
CA ASP A 57 -14.03 9.88 -4.56
C ASP A 57 -13.58 8.64 -5.32
N ASP A 58 -12.80 7.82 -4.64
CA ASP A 58 -12.29 6.60 -5.23
C ASP A 58 -11.89 6.87 -6.68
N LYS A 59 -10.88 7.71 -6.84
CA LYS A 59 -10.39 8.05 -8.16
C LYS A 59 -8.95 7.59 -8.31
N PHE A 60 -8.77 6.57 -9.13
CA PHE A 60 -7.43 6.03 -9.36
C PHE A 60 -6.51 7.08 -9.95
N TYR A 61 -5.30 7.16 -9.40
CA TYR A 61 -4.32 8.11 -9.86
C TYR A 61 -3.12 7.40 -10.48
N SER A 62 -2.40 6.67 -9.65
CA SER A 62 -1.23 5.94 -10.10
C SER A 62 -0.99 4.73 -9.20
N LYS A 63 -0.08 3.87 -9.65
CA LYS A 63 0.25 2.67 -8.90
C LYS A 63 1.61 2.86 -8.23
N LEU A 64 1.72 2.33 -7.02
CA LEU A 64 2.96 2.42 -6.27
C LEU A 64 3.89 1.27 -6.66
N ASP A 65 4.45 1.39 -7.86
CA ASP A 65 5.35 0.37 -8.37
C ASP A 65 6.79 0.77 -8.05
N GLN A 66 7.13 1.99 -8.43
CA GLN A 66 8.46 2.51 -8.19
C GLN A 66 8.96 2.10 -6.80
N GLU A 67 9.85 1.14 -6.78
CA GLU A 67 10.40 0.64 -5.54
C GLU A 67 11.43 1.64 -4.98
N ASP A 68 11.96 2.46 -5.88
CA ASP A 68 12.94 3.45 -5.50
C ASP A 68 12.23 4.76 -5.12
N ALA A 69 10.91 4.67 -5.07
CA ALA A 69 10.10 5.83 -4.73
C ALA A 69 9.79 5.80 -3.23
N LEU A 70 9.34 6.94 -2.73
CA LEU A 70 9.00 7.06 -1.31
C LEU A 70 7.58 7.57 -1.18
N LEU A 71 6.91 7.14 -0.11
CA LEU A 71 5.55 7.55 0.14
C LEU A 71 5.51 9.06 0.40
N GLY A 72 5.12 9.80 -0.64
CA GLY A 72 5.04 11.25 -0.53
C GLY A 72 5.23 11.90 -1.91
N SER A 73 6.23 11.41 -2.63
CA SER A 73 6.52 11.93 -3.95
C SER A 73 5.29 11.79 -4.85
N TYR A 74 4.42 10.86 -4.48
CA TYR A 74 3.21 10.62 -5.24
C TYR A 74 2.06 11.49 -4.74
N PRO A 75 0.98 11.54 -5.57
CA PRO A 75 -0.18 12.33 -5.22
C PRO A 75 -1.01 11.64 -4.13
N VAL A 76 -0.34 11.35 -3.03
CA VAL A 76 -1.00 10.69 -1.91
C VAL A 76 -1.00 11.63 -0.70
N ASP A 77 -1.79 11.26 0.30
CA ASP A 77 -1.89 12.05 1.51
C ASP A 77 -2.67 11.28 2.56
N ASP A 78 -2.49 11.68 3.81
CA ASP A 78 -3.18 11.03 4.92
C ASP A 78 -4.68 11.08 4.68
N GLY A 79 -5.22 9.95 4.24
CA GLY A 79 -6.65 9.86 3.98
C GLY A 79 -6.91 9.15 2.66
N CYS A 80 -5.84 9.00 1.88
CA CYS A 80 -5.94 8.33 0.59
C CYS A 80 -6.47 6.92 0.81
N ARG A 81 -6.32 6.10 -0.22
CA ARG A 81 -6.78 4.71 -0.14
C ARG A 81 -5.86 3.81 -0.96
N ILE A 82 -5.12 2.97 -0.25
CA ILE A 82 -4.20 2.05 -0.89
C ILE A 82 -4.88 0.68 -1.05
N HIS A 83 -5.13 0.31 -2.29
CA HIS A 83 -5.76 -0.96 -2.60
C HIS A 83 -4.70 -1.99 -2.97
N VAL A 84 -4.71 -3.10 -2.25
CA VAL A 84 -3.76 -4.16 -2.50
C VAL A 84 -4.36 -5.17 -3.48
N ILE A 85 -3.73 -5.26 -4.63
CA ILE A 85 -4.20 -6.19 -5.66
C ILE A 85 -3.53 -7.55 -5.47
N ASP A 86 -4.29 -8.47 -4.91
CA ASP A 86 -3.79 -9.81 -4.67
C ASP A 86 -3.27 -10.41 -5.98
N HIS A 87 -1.95 -10.39 -6.12
CA HIS A 87 -1.31 -10.93 -7.31
C HIS A 87 -0.77 -12.32 -7.03
N SER A 88 -1.38 -12.97 -6.04
CA SER A 88 -0.97 -14.32 -5.67
C SER A 88 -2.07 -15.32 -6.03
N GLY A 89 -2.33 -15.42 -7.32
CA GLY A 89 -3.35 -16.33 -7.80
C GLY A 89 -2.96 -17.78 -7.54
N SER A 90 -2.83 -18.54 -8.62
CA SER A 90 -2.46 -19.94 -8.52
C SER A 90 -0.95 -20.10 -8.78
N GLY A 91 -0.49 -21.35 -8.66
CA GLY A 91 0.90 -21.65 -8.89
C GLY A 91 1.39 -22.72 -7.92
N PRO A 92 2.60 -23.27 -8.22
CA PRO A 92 3.18 -24.31 -7.39
C PRO A 92 3.75 -23.72 -6.10
N SER A 93 4.62 -22.73 -6.27
CA SER A 93 5.25 -22.07 -5.13
C SER A 93 5.79 -23.11 -4.16
N SER A 94 7.08 -23.38 -4.30
CA SER A 94 7.74 -24.36 -3.45
C SER A 94 9.24 -24.42 -3.76
N GLY A 95 9.53 -24.74 -5.01
CA GLY A 95 10.91 -24.83 -5.46
C GLY A 95 11.32 -23.57 -6.22
#